data_5ML3
# 
_entry.id   5ML3 
# 
_audit_conform.dict_name       mmcif_pdbx.dic 
_audit_conform.dict_version    5.383 
_audit_conform.dict_location   http://mmcif.pdb.org/dictionaries/ascii/mmcif_pdbx.dic 
# 
loop_
_database_2.database_id 
_database_2.database_code 
_database_2.pdbx_database_accession 
_database_2.pdbx_DOI 
PDB   5ML3         pdb_00005ml3 10.2210/pdb5ml3/pdb 
WWPDB D_1200002634 ?            ?                   
# 
loop_
_pdbx_audit_revision_history.ordinal 
_pdbx_audit_revision_history.data_content_type 
_pdbx_audit_revision_history.major_revision 
_pdbx_audit_revision_history.minor_revision 
_pdbx_audit_revision_history.revision_date 
1 'Structure model' 1 0 2017-02-01 
2 'Structure model' 1 1 2017-02-22 
3 'Structure model' 1 2 2024-01-17 
# 
_pdbx_audit_revision_details.ordinal             1 
_pdbx_audit_revision_details.revision_ordinal    1 
_pdbx_audit_revision_details.data_content_type   'Structure model' 
_pdbx_audit_revision_details.provider            repository 
_pdbx_audit_revision_details.type                'Initial release' 
_pdbx_audit_revision_details.description         ? 
_pdbx_audit_revision_details.details             ? 
# 
loop_
_pdbx_audit_revision_group.ordinal 
_pdbx_audit_revision_group.revision_ordinal 
_pdbx_audit_revision_group.data_content_type 
_pdbx_audit_revision_group.group 
1 2 'Structure model' 'Database references'        
2 3 'Structure model' 'Author supporting evidence' 
3 3 'Structure model' 'Data collection'            
4 3 'Structure model' 'Database references'        
5 3 'Structure model' 'Refinement description'     
# 
loop_
_pdbx_audit_revision_category.ordinal 
_pdbx_audit_revision_category.revision_ordinal 
_pdbx_audit_revision_category.data_content_type 
_pdbx_audit_revision_category.category 
1 3 'Structure model' chem_comp_atom                
2 3 'Structure model' chem_comp_bond                
3 3 'Structure model' database_2                    
4 3 'Structure model' pdbx_audit_support            
5 3 'Structure model' pdbx_initial_refinement_model 
# 
loop_
_pdbx_audit_revision_item.ordinal 
_pdbx_audit_revision_item.revision_ordinal 
_pdbx_audit_revision_item.data_content_type 
_pdbx_audit_revision_item.item 
1 3 'Structure model' '_database_2.pdbx_DOI'                     
2 3 'Structure model' '_database_2.pdbx_database_accession'      
3 3 'Structure model' '_pdbx_audit_support.funding_organization' 
# 
_pdbx_database_status.status_code                     REL 
_pdbx_database_status.status_code_sf                  REL 
_pdbx_database_status.status_code_mr                  ? 
_pdbx_database_status.entry_id                        5ML3 
_pdbx_database_status.recvd_initial_deposition_date   2016-12-06 
_pdbx_database_status.SG_entry                        N 
_pdbx_database_status.deposit_site                    PDBE 
_pdbx_database_status.process_site                    PDBE 
_pdbx_database_status.status_code_cs                  ? 
_pdbx_database_status.methods_development_category    ? 
_pdbx_database_status.pdb_format_compatible           Y 
_pdbx_database_status.status_code_nmr_data            ? 
# 
loop_
_audit_author.name 
_audit_author.pdbx_ordinal 
_audit_author.identifier_ORCID 
'Fansa, E.K.'      1 ? 
'Martin-Gago, P.'  2 ? 
'Waldmann, H.'     3 ? 
'Wittinghofer, A.' 4 ? 
# 
_citation.abstract                  ? 
_citation.abstract_id_CAS           ? 
_citation.book_id_ISBN              ? 
_citation.book_publisher            ? 
_citation.book_publisher_city       ? 
_citation.book_title                ? 
_citation.coordinate_linkage        ? 
_citation.country                   GE 
_citation.database_id_Medline       ? 
_citation.details                   ? 
_citation.id                        primary 
_citation.journal_abbrev            'Angew. Chem. Int. Ed. Engl.' 
_citation.journal_id_ASTM           ACIEAY 
_citation.journal_id_CSD            0179 
_citation.journal_id_ISSN           1521-3773 
_citation.journal_full              ? 
_citation.journal_issue             ? 
_citation.journal_volume            56 
_citation.language                  ? 
_citation.page_first                2423 
_citation.page_last                 2428 
_citation.title                     
;A PDE6 delta-KRas Inhibitor Chemotype with up to Seven H-Bonds and Picomolar Affinity that Prevents Efficient Inhibitor Release by Arl2.
;
_citation.year                      2017 
_citation.database_id_CSD           ? 
_citation.pdbx_database_id_DOI      10.1002/anie.201610957 
_citation.pdbx_database_id_PubMed   28106325 
_citation.unpublished_flag          ? 
# 
loop_
_citation_author.citation_id 
_citation_author.name 
_citation_author.ordinal 
_citation_author.identifier_ORCID 
primary 'Martin-Gago, P.'        1  ? 
primary 'Fansa, E.K.'            2  ? 
primary 'Klein, C.H.'            3  ? 
primary 'Murarka, S.'            4  ? 
primary 'Janning, P.'            5  ? 
primary 'Schurmann, M.'          6  ? 
primary 'Metz, M.'               7  ? 
primary 'Ismail, S.'             8  ? 
primary 'Schultz-Fademrecht, C.' 9  ? 
primary 'Baumann, M.'            10 ? 
primary 'Bastiaens, P.I.'        11 ? 
primary 'Wittinghofer, A.'       12 ? 
primary 'Waldmann, H.'           13 ? 
# 
loop_
_entity.id 
_entity.type 
_entity.src_method 
_entity.pdbx_description 
_entity.formula_weight 
_entity.pdbx_number_of_molecules 
_entity.pdbx_ec 
_entity.pdbx_mutation 
_entity.pdbx_fragment 
_entity.details 
1 polymer     man 
;Retinal rod rhodopsin-sensitive cGMP 3',5'-cyclic phosphodiesterase subunit delta
;
17309.793 1   ? ? ? ? 
2 non-polymer syn 
;~{N}1-[(4-chlorophenyl)methyl]-~{N}1-cyclopentyl-~{N}4-[[2-(methylamino)pyrimidin-4-yl]methyl]-~{N}4-(piperidin-4-ylmethyl)benzene-1,4-disulfonamide
;
647.251   1   ? ? ? ? 
3 water       nat water 18.015    180 ? ? ? ? 
# 
_entity_name_com.entity_id   1 
_entity_name_com.name        'GMP-PDE delta,Protein p17' 
# 
_entity_poly.entity_id                      1 
_entity_poly.type                           'polypeptide(L)' 
_entity_poly.nstd_linkage                   no 
_entity_poly.nstd_monomer                   no 
_entity_poly.pdbx_seq_one_letter_code       
;SAKDERAREILRGFKLNWMNLRDAETGKILWQGTEDLSVPGVEHEARVPKKILKCKAVSRELNFSSTEQMEKFRLEQKVY
FKGQCLEEWFFEFGFVIPNSTNTWQSLIEAAPESQMMPASVLTGNVIIETKFFDDDLLVSTSRVRLFYV
;
_entity_poly.pdbx_seq_one_letter_code_can   
;SAKDERAREILRGFKLNWMNLRDAETGKILWQGTEDLSVPGVEHEARVPKKILKCKAVSRELNFSSTEQMEKFRLEQKVY
FKGQCLEEWFFEFGFVIPNSTNTWQSLIEAAPESQMMPASVLTGNVIIETKFFDDDLLVSTSRVRLFYV
;
_entity_poly.pdbx_strand_id                 B 
_entity_poly.pdbx_target_identifier         ? 
# 
loop_
_pdbx_entity_nonpoly.entity_id 
_pdbx_entity_nonpoly.name 
_pdbx_entity_nonpoly.comp_id 
2 
;~{N}1-[(4-chlorophenyl)methyl]-~{N}1-cyclopentyl-~{N}4-[[2-(methylamino)pyrimidin-4-yl]methyl]-~{N}4-(piperidin-4-ylmethyl)benzene-1,4-disulfonamide
;
DL3 
3 water HOH 
# 
loop_
_entity_poly_seq.entity_id 
_entity_poly_seq.num 
_entity_poly_seq.mon_id 
_entity_poly_seq.hetero 
1 1   SER n 
1 2   ALA n 
1 3   LYS n 
1 4   ASP n 
1 5   GLU n 
1 6   ARG n 
1 7   ALA n 
1 8   ARG n 
1 9   GLU n 
1 10  ILE n 
1 11  LEU n 
1 12  ARG n 
1 13  GLY n 
1 14  PHE n 
1 15  LYS n 
1 16  LEU n 
1 17  ASN n 
1 18  TRP n 
1 19  MET n 
1 20  ASN n 
1 21  LEU n 
1 22  ARG n 
1 23  ASP n 
1 24  ALA n 
1 25  GLU n 
1 26  THR n 
1 27  GLY n 
1 28  LYS n 
1 29  ILE n 
1 30  LEU n 
1 31  TRP n 
1 32  GLN n 
1 33  GLY n 
1 34  THR n 
1 35  GLU n 
1 36  ASP n 
1 37  LEU n 
1 38  SER n 
1 39  VAL n 
1 40  PRO n 
1 41  GLY n 
1 42  VAL n 
1 43  GLU n 
1 44  HIS n 
1 45  GLU n 
1 46  ALA n 
1 47  ARG n 
1 48  VAL n 
1 49  PRO n 
1 50  LYS n 
1 51  LYS n 
1 52  ILE n 
1 53  LEU n 
1 54  LYS n 
1 55  CYS n 
1 56  LYS n 
1 57  ALA n 
1 58  VAL n 
1 59  SER n 
1 60  ARG n 
1 61  GLU n 
1 62  LEU n 
1 63  ASN n 
1 64  PHE n 
1 65  SER n 
1 66  SER n 
1 67  THR n 
1 68  GLU n 
1 69  GLN n 
1 70  MET n 
1 71  GLU n 
1 72  LYS n 
1 73  PHE n 
1 74  ARG n 
1 75  LEU n 
1 76  GLU n 
1 77  GLN n 
1 78  LYS n 
1 79  VAL n 
1 80  TYR n 
1 81  PHE n 
1 82  LYS n 
1 83  GLY n 
1 84  GLN n 
1 85  CYS n 
1 86  LEU n 
1 87  GLU n 
1 88  GLU n 
1 89  TRP n 
1 90  PHE n 
1 91  PHE n 
1 92  GLU n 
1 93  PHE n 
1 94  GLY n 
1 95  PHE n 
1 96  VAL n 
1 97  ILE n 
1 98  PRO n 
1 99  ASN n 
1 100 SER n 
1 101 THR n 
1 102 ASN n 
1 103 THR n 
1 104 TRP n 
1 105 GLN n 
1 106 SER n 
1 107 LEU n 
1 108 ILE n 
1 109 GLU n 
1 110 ALA n 
1 111 ALA n 
1 112 PRO n 
1 113 GLU n 
1 114 SER n 
1 115 GLN n 
1 116 MET n 
1 117 MET n 
1 118 PRO n 
1 119 ALA n 
1 120 SER n 
1 121 VAL n 
1 122 LEU n 
1 123 THR n 
1 124 GLY n 
1 125 ASN n 
1 126 VAL n 
1 127 ILE n 
1 128 ILE n 
1 129 GLU n 
1 130 THR n 
1 131 LYS n 
1 132 PHE n 
1 133 PHE n 
1 134 ASP n 
1 135 ASP n 
1 136 ASP n 
1 137 LEU n 
1 138 LEU n 
1 139 VAL n 
1 140 SER n 
1 141 THR n 
1 142 SER n 
1 143 ARG n 
1 144 VAL n 
1 145 ARG n 
1 146 LEU n 
1 147 PHE n 
1 148 TYR n 
1 149 VAL n 
# 
_entity_src_gen.entity_id                          1 
_entity_src_gen.pdbx_src_id                        1 
_entity_src_gen.pdbx_alt_source_flag               sample 
_entity_src_gen.pdbx_seq_type                      'Biological sequence' 
_entity_src_gen.pdbx_beg_seq_num                   1 
_entity_src_gen.pdbx_end_seq_num                   149 
_entity_src_gen.gene_src_common_name               Human 
_entity_src_gen.gene_src_genus                     ? 
_entity_src_gen.pdbx_gene_src_gene                 'PDE6D, PDED' 
_entity_src_gen.gene_src_species                   ? 
_entity_src_gen.gene_src_strain                    ? 
_entity_src_gen.gene_src_tissue                    ? 
_entity_src_gen.gene_src_tissue_fraction           ? 
_entity_src_gen.gene_src_details                   ? 
_entity_src_gen.pdbx_gene_src_fragment             ? 
_entity_src_gen.pdbx_gene_src_scientific_name      'Homo sapiens' 
_entity_src_gen.pdbx_gene_src_ncbi_taxonomy_id     9606 
_entity_src_gen.pdbx_gene_src_variant              ? 
_entity_src_gen.pdbx_gene_src_cell_line            ? 
_entity_src_gen.pdbx_gene_src_atcc                 ? 
_entity_src_gen.pdbx_gene_src_organ                ? 
_entity_src_gen.pdbx_gene_src_organelle            ? 
_entity_src_gen.pdbx_gene_src_cell                 ? 
_entity_src_gen.pdbx_gene_src_cellular_location    ? 
_entity_src_gen.host_org_common_name               ? 
_entity_src_gen.pdbx_host_org_scientific_name      'Escherichia coli' 
_entity_src_gen.pdbx_host_org_ncbi_taxonomy_id     562 
_entity_src_gen.host_org_genus                     ? 
_entity_src_gen.pdbx_host_org_gene                 ? 
_entity_src_gen.pdbx_host_org_organ                ? 
_entity_src_gen.host_org_species                   ? 
_entity_src_gen.pdbx_host_org_tissue               ? 
_entity_src_gen.pdbx_host_org_tissue_fraction      ? 
_entity_src_gen.pdbx_host_org_strain               ? 
_entity_src_gen.pdbx_host_org_variant              ? 
_entity_src_gen.pdbx_host_org_cell_line            ? 
_entity_src_gen.pdbx_host_org_atcc                 ? 
_entity_src_gen.pdbx_host_org_culture_collection   ? 
_entity_src_gen.pdbx_host_org_cell                 ? 
_entity_src_gen.pdbx_host_org_organelle            ? 
_entity_src_gen.pdbx_host_org_cellular_location    ? 
_entity_src_gen.pdbx_host_org_vector_type          ? 
_entity_src_gen.pdbx_host_org_vector               ? 
_entity_src_gen.host_org_details                   ? 
_entity_src_gen.expression_system_id               ? 
_entity_src_gen.plasmid_name                       ? 
_entity_src_gen.plasmid_details                    ? 
_entity_src_gen.pdbx_description                   ? 
# 
loop_
_chem_comp.id 
_chem_comp.type 
_chem_comp.mon_nstd_flag 
_chem_comp.name 
_chem_comp.pdbx_synonyms 
_chem_comp.formula 
_chem_comp.formula_weight 
ALA 'L-peptide linking' y ALANINE ? 'C3 H7 N O2'          89.093  
ARG 'L-peptide linking' y ARGININE ? 'C6 H15 N4 O2 1'      175.209 
ASN 'L-peptide linking' y ASPARAGINE ? 'C4 H8 N2 O3'         132.118 
ASP 'L-peptide linking' y 'ASPARTIC ACID' ? 'C4 H7 N O4'          133.103 
CYS 'L-peptide linking' y CYSTEINE ? 'C3 H7 N O2 S'        121.158 
DL3 non-polymer         . 
;~{N}1-[(4-chlorophenyl)methyl]-~{N}1-cyclopentyl-~{N}4-[[2-(methylamino)pyrimidin-4-yl]methyl]-~{N}4-(piperidin-4-ylmethyl)benzene-1,4-disulfonamide
;
? 'C30 H39 Cl N6 O4 S2' 647.251 
GLN 'L-peptide linking' y GLUTAMINE ? 'C5 H10 N2 O3'        146.144 
GLU 'L-peptide linking' y 'GLUTAMIC ACID' ? 'C5 H9 N O4'          147.129 
GLY 'peptide linking'   y GLYCINE ? 'C2 H5 N O2'          75.067  
HIS 'L-peptide linking' y HISTIDINE ? 'C6 H10 N3 O2 1'      156.162 
HOH non-polymer         . WATER ? 'H2 O'                18.015  
ILE 'L-peptide linking' y ISOLEUCINE ? 'C6 H13 N O2'         131.173 
LEU 'L-peptide linking' y LEUCINE ? 'C6 H13 N O2'         131.173 
LYS 'L-peptide linking' y LYSINE ? 'C6 H15 N2 O2 1'      147.195 
MET 'L-peptide linking' y METHIONINE ? 'C5 H11 N O2 S'       149.211 
PHE 'L-peptide linking' y PHENYLALANINE ? 'C9 H11 N O2'         165.189 
PRO 'L-peptide linking' y PROLINE ? 'C5 H9 N O2'          115.130 
SER 'L-peptide linking' y SERINE ? 'C3 H7 N O3'          105.093 
THR 'L-peptide linking' y THREONINE ? 'C4 H9 N O3'          119.119 
TRP 'L-peptide linking' y TRYPTOPHAN ? 'C11 H12 N2 O2'       204.225 
TYR 'L-peptide linking' y TYROSINE ? 'C9 H11 N O3'         181.189 
VAL 'L-peptide linking' y VALINE ? 'C5 H11 N O2'         117.146 
# 
loop_
_pdbx_poly_seq_scheme.asym_id 
_pdbx_poly_seq_scheme.entity_id 
_pdbx_poly_seq_scheme.seq_id 
_pdbx_poly_seq_scheme.mon_id 
_pdbx_poly_seq_scheme.ndb_seq_num 
_pdbx_poly_seq_scheme.pdb_seq_num 
_pdbx_poly_seq_scheme.auth_seq_num 
_pdbx_poly_seq_scheme.pdb_mon_id 
_pdbx_poly_seq_scheme.auth_mon_id 
_pdbx_poly_seq_scheme.pdb_strand_id 
_pdbx_poly_seq_scheme.pdb_ins_code 
_pdbx_poly_seq_scheme.hetero 
A 1 1   SER 1   2   2   SER SER B . n 
A 1 2   ALA 2   3   3   ALA ALA B . n 
A 1 3   LYS 3   4   4   LYS LYS B . n 
A 1 4   ASP 4   5   5   ASP ASP B . n 
A 1 5   GLU 5   6   6   GLU GLU B . n 
A 1 6   ARG 6   7   7   ARG ARG B . n 
A 1 7   ALA 7   8   8   ALA ALA B . n 
A 1 8   ARG 8   9   9   ARG ARG B . n 
A 1 9   GLU 9   10  10  GLU GLU B . n 
A 1 10  ILE 10  11  11  ILE ILE B . n 
A 1 11  LEU 11  12  12  LEU LEU B . n 
A 1 12  ARG 12  13  13  ARG ARG B . n 
A 1 13  GLY 13  14  14  GLY GLY B . n 
A 1 14  PHE 14  15  15  PHE PHE B . n 
A 1 15  LYS 15  16  16  LYS LYS B . n 
A 1 16  LEU 16  17  17  LEU LEU B . n 
A 1 17  ASN 17  18  18  ASN ASN B . n 
A 1 18  TRP 18  19  19  TRP TRP B . n 
A 1 19  MET 19  20  20  MET MET B . n 
A 1 20  ASN 20  21  21  ASN ASN B . n 
A 1 21  LEU 21  22  22  LEU LEU B . n 
A 1 22  ARG 22  23  23  ARG ARG B . n 
A 1 23  ASP 23  24  24  ASP ASP B . n 
A 1 24  ALA 24  25  25  ALA ALA B . n 
A 1 25  GLU 25  26  26  GLU ALA B . n 
A 1 26  THR 26  27  27  THR THR B . n 
A 1 27  GLY 27  28  28  GLY GLY B . n 
A 1 28  LYS 28  29  29  LYS LYS B . n 
A 1 29  ILE 29  30  30  ILE ILE B . n 
A 1 30  LEU 30  31  31  LEU LEU B . n 
A 1 31  TRP 31  32  32  TRP TRP B . n 
A 1 32  GLN 32  33  33  GLN GLN B . n 
A 1 33  GLY 33  34  34  GLY GLY B . n 
A 1 34  THR 34  35  35  THR THR B . n 
A 1 35  GLU 35  36  36  GLU GLU B . n 
A 1 36  ASP 36  37  37  ASP ASP B . n 
A 1 37  LEU 37  38  38  LEU LEU B . n 
A 1 38  SER 38  39  39  SER SER B . n 
A 1 39  VAL 39  40  40  VAL VAL B . n 
A 1 40  PRO 40  41  41  PRO PRO B . n 
A 1 41  GLY 41  42  42  GLY GLY B . n 
A 1 42  VAL 42  43  43  VAL VAL B . n 
A 1 43  GLU 43  44  44  GLU GLU B . n 
A 1 44  HIS 44  45  45  HIS HIS B . n 
A 1 45  GLU 45  46  46  GLU GLU B . n 
A 1 46  ALA 46  47  47  ALA ALA B . n 
A 1 47  ARG 47  48  48  ARG ARG B . n 
A 1 48  VAL 48  49  49  VAL VAL B . n 
A 1 49  PRO 49  50  50  PRO PRO B . n 
A 1 50  LYS 50  51  51  LYS LYS B . n 
A 1 51  LYS 51  52  52  LYS LYS B . n 
A 1 52  ILE 52  53  53  ILE ILE B . n 
A 1 53  LEU 53  54  54  LEU LEU B . n 
A 1 54  LYS 54  55  55  LYS LYS B . n 
A 1 55  CYS 55  56  56  CYS CYS B . n 
A 1 56  LYS 56  57  57  LYS LYS B . n 
A 1 57  ALA 57  58  58  ALA ALA B . n 
A 1 58  VAL 58  59  59  VAL VAL B . n 
A 1 59  SER 59  60  60  SER SER B . n 
A 1 60  ARG 60  61  61  ARG ARG B . n 
A 1 61  GLU 61  62  62  GLU GLU B . n 
A 1 62  LEU 62  63  63  LEU LEU B . n 
A 1 63  ASN 63  64  64  ASN ASN B . n 
A 1 64  PHE 64  65  65  PHE PHE B . n 
A 1 65  SER 65  66  66  SER SER B . n 
A 1 66  SER 66  67  67  SER SER B . n 
A 1 67  THR 67  68  68  THR THR B . n 
A 1 68  GLU 68  69  69  GLU GLU B . n 
A 1 69  GLN 69  70  70  GLN GLN B . n 
A 1 70  MET 70  71  71  MET MET B . n 
A 1 71  GLU 71  72  72  GLU GLU B . n 
A 1 72  LYS 72  73  73  LYS LYS B . n 
A 1 73  PHE 73  74  74  PHE PHE B . n 
A 1 74  ARG 74  75  75  ARG ARG B . n 
A 1 75  LEU 75  76  76  LEU LEU B . n 
A 1 76  GLU 76  77  77  GLU GLU B . n 
A 1 77  GLN 77  78  78  GLN GLN B . n 
A 1 78  LYS 78  79  79  LYS LYS B . n 
A 1 79  VAL 79  80  80  VAL VAL B . n 
A 1 80  TYR 80  81  81  TYR TYR B . n 
A 1 81  PHE 81  82  82  PHE PHE B . n 
A 1 82  LYS 82  83  83  LYS LYS B . n 
A 1 83  GLY 83  84  84  GLY GLY B . n 
A 1 84  GLN 84  85  85  GLN GLN B . n 
A 1 85  CYS 85  86  86  CYS CYS B . n 
A 1 86  LEU 86  87  87  LEU LEU B . n 
A 1 87  GLU 87  88  88  GLU GLU B . n 
A 1 88  GLU 88  89  89  GLU GLU B . n 
A 1 89  TRP 89  90  90  TRP TRP B . n 
A 1 90  PHE 90  91  91  PHE PHE B . n 
A 1 91  PHE 91  92  92  PHE PHE B . n 
A 1 92  GLU 92  93  93  GLU GLU B . n 
A 1 93  PHE 93  94  94  PHE PHE B . n 
A 1 94  GLY 94  95  95  GLY GLY B . n 
A 1 95  PHE 95  96  96  PHE PHE B . n 
A 1 96  VAL 96  97  97  VAL VAL B . n 
A 1 97  ILE 97  98  98  ILE ILE B . n 
A 1 98  PRO 98  99  99  PRO PRO B . n 
A 1 99  ASN 99  100 100 ASN ASN B . n 
A 1 100 SER 100 101 101 SER SER B . n 
A 1 101 THR 101 102 102 THR THR B . n 
A 1 102 ASN 102 103 103 ASN ASN B . n 
A 1 103 THR 103 104 104 THR THR B . n 
A 1 104 TRP 104 105 105 TRP TRP B . n 
A 1 105 GLN 105 106 106 GLN GLN B . n 
A 1 106 SER 106 107 107 SER SER B . n 
A 1 107 LEU 107 108 108 LEU LEU B . n 
A 1 108 ILE 108 109 109 ILE ILE B . n 
A 1 109 GLU 109 110 110 GLU GLU B . n 
A 1 110 ALA 110 111 111 ALA ALA B . n 
A 1 111 ALA 111 112 112 ALA ALA B . n 
A 1 112 PRO 112 113 113 PRO PRO B . n 
A 1 113 GLU 113 114 114 GLU GLU B . n 
A 1 114 SER 114 115 115 SER SER B . n 
A 1 115 GLN 115 116 116 GLN GLN B . n 
A 1 116 MET 116 117 117 MET MET B . n 
A 1 117 MET 117 118 118 MET MET B . n 
A 1 118 PRO 118 119 119 PRO PRO B . n 
A 1 119 ALA 119 120 120 ALA ALA B . n 
A 1 120 SER 120 121 121 SER SER B . n 
A 1 121 VAL 121 122 122 VAL VAL B . n 
A 1 122 LEU 122 123 123 LEU LEU B . n 
A 1 123 THR 123 124 124 THR THR B . n 
A 1 124 GLY 124 125 125 GLY GLY B . n 
A 1 125 ASN 125 126 126 ASN ASN B . n 
A 1 126 VAL 126 127 127 VAL VAL B . n 
A 1 127 ILE 127 128 128 ILE ILE B . n 
A 1 128 ILE 128 129 129 ILE ILE B . n 
A 1 129 GLU 129 130 130 GLU GLU B . n 
A 1 130 THR 130 131 131 THR THR B . n 
A 1 131 LYS 131 132 132 LYS LYS B . n 
A 1 132 PHE 132 133 133 PHE PHE B . n 
A 1 133 PHE 133 134 134 PHE PHE B . n 
A 1 134 ASP 134 135 135 ASP ASP B . n 
A 1 135 ASP 135 136 136 ASP ASP B . n 
A 1 136 ASP 136 137 137 ASP ASP B . n 
A 1 137 LEU 137 138 138 LEU LEU B . n 
A 1 138 LEU 138 139 139 LEU LEU B . n 
A 1 139 VAL 139 140 140 VAL VAL B . n 
A 1 140 SER 140 141 141 SER SER B . n 
A 1 141 THR 141 142 142 THR THR B . n 
A 1 142 SER 142 143 143 SER SER B . n 
A 1 143 ARG 143 144 144 ARG ARG B . n 
A 1 144 VAL 144 145 145 VAL VAL B . n 
A 1 145 ARG 145 146 146 ARG ARG B . n 
A 1 146 LEU 146 147 147 LEU LEU B . n 
A 1 147 PHE 147 148 148 PHE PHE B . n 
A 1 148 TYR 148 149 149 TYR TYR B . n 
A 1 149 VAL 149 150 150 VAL VAL B . n 
# 
loop_
_pdbx_nonpoly_scheme.asym_id 
_pdbx_nonpoly_scheme.entity_id 
_pdbx_nonpoly_scheme.mon_id 
_pdbx_nonpoly_scheme.ndb_seq_num 
_pdbx_nonpoly_scheme.pdb_seq_num 
_pdbx_nonpoly_scheme.auth_seq_num 
_pdbx_nonpoly_scheme.pdb_mon_id 
_pdbx_nonpoly_scheme.auth_mon_id 
_pdbx_nonpoly_scheme.pdb_strand_id 
_pdbx_nonpoly_scheme.pdb_ins_code 
B 2 DL3 1   201 1   DL3 DRG B . 
C 3 HOH 1   301 178 HOH HOH B . 
C 3 HOH 2   302 53  HOH HOH B . 
C 3 HOH 3   303 56  HOH HOH B . 
C 3 HOH 4   304 97  HOH HOH B . 
C 3 HOH 5   305 71  HOH HOH B . 
C 3 HOH 6   306 179 HOH HOH B . 
C 3 HOH 7   307 127 HOH HOH B . 
C 3 HOH 8   308 7   HOH HOH B . 
C 3 HOH 9   309 148 HOH HOH B . 
C 3 HOH 10  310 152 HOH HOH B . 
C 3 HOH 11  311 112 HOH HOH B . 
C 3 HOH 12  312 205 HOH HOH B . 
C 3 HOH 13  313 186 HOH HOH B . 
C 3 HOH 14  314 3   HOH HOH B . 
C 3 HOH 15  315 23  HOH HOH B . 
C 3 HOH 16  316 55  HOH HOH B . 
C 3 HOH 17  317 183 HOH HOH B . 
C 3 HOH 18  318 116 HOH HOH B . 
C 3 HOH 19  319 48  HOH HOH B . 
C 3 HOH 20  320 120 HOH HOH B . 
C 3 HOH 21  321 164 HOH HOH B . 
C 3 HOH 22  322 51  HOH HOH B . 
C 3 HOH 23  323 26  HOH HOH B . 
C 3 HOH 24  324 102 HOH HOH B . 
C 3 HOH 25  325 59  HOH HOH B . 
C 3 HOH 26  326 10  HOH HOH B . 
C 3 HOH 27  327 44  HOH HOH B . 
C 3 HOH 28  328 16  HOH HOH B . 
C 3 HOH 29  329 46  HOH HOH B . 
C 3 HOH 30  330 190 HOH HOH B . 
C 3 HOH 31  331 91  HOH HOH B . 
C 3 HOH 32  332 49  HOH HOH B . 
C 3 HOH 33  333 90  HOH HOH B . 
C 3 HOH 34  334 68  HOH HOH B . 
C 3 HOH 35  335 98  HOH HOH B . 
C 3 HOH 36  336 153 HOH HOH B . 
C 3 HOH 37  337 158 HOH HOH B . 
C 3 HOH 38  338 82  HOH HOH B . 
C 3 HOH 39  339 195 HOH HOH B . 
C 3 HOH 40  340 162 HOH HOH B . 
C 3 HOH 41  341 151 HOH HOH B . 
C 3 HOH 42  342 95  HOH HOH B . 
C 3 HOH 43  343 54  HOH HOH B . 
C 3 HOH 44  344 63  HOH HOH B . 
C 3 HOH 45  345 38  HOH HOH B . 
C 3 HOH 46  346 24  HOH HOH B . 
C 3 HOH 47  347 145 HOH HOH B . 
C 3 HOH 48  348 88  HOH HOH B . 
C 3 HOH 49  349 14  HOH HOH B . 
C 3 HOH 50  350 5   HOH HOH B . 
C 3 HOH 51  351 36  HOH HOH B . 
C 3 HOH 52  352 108 HOH HOH B . 
C 3 HOH 53  353 103 HOH HOH B . 
C 3 HOH 54  354 61  HOH HOH B . 
C 3 HOH 55  355 12  HOH HOH B . 
C 3 HOH 56  356 94  HOH HOH B . 
C 3 HOH 57  357 57  HOH HOH B . 
C 3 HOH 58  358 64  HOH HOH B . 
C 3 HOH 59  359 81  HOH HOH B . 
C 3 HOH 60  360 172 HOH HOH B . 
C 3 HOH 61  361 60  HOH HOH B . 
C 3 HOH 62  362 133 HOH HOH B . 
C 3 HOH 63  363 197 HOH HOH B . 
C 3 HOH 64  364 198 HOH HOH B . 
C 3 HOH 65  365 22  HOH HOH B . 
C 3 HOH 66  366 117 HOH HOH B . 
C 3 HOH 67  367 170 HOH HOH B . 
C 3 HOH 68  368 66  HOH HOH B . 
C 3 HOH 69  369 87  HOH HOH B . 
C 3 HOH 70  370 92  HOH HOH B . 
C 3 HOH 71  371 2   HOH HOH B . 
C 3 HOH 72  372 33  HOH HOH B . 
C 3 HOH 73  373 118 HOH HOH B . 
C 3 HOH 74  374 70  HOH HOH B . 
C 3 HOH 75  375 30  HOH HOH B . 
C 3 HOH 76  376 21  HOH HOH B . 
C 3 HOH 77  377 37  HOH HOH B . 
C 3 HOH 78  378 113 HOH HOH B . 
C 3 HOH 79  379 176 HOH HOH B . 
C 3 HOH 80  380 200 HOH HOH B . 
C 3 HOH 81  381 19  HOH HOH B . 
C 3 HOH 82  382 35  HOH HOH B . 
C 3 HOH 83  383 20  HOH HOH B . 
C 3 HOH 84  384 9   HOH HOH B . 
C 3 HOH 85  385 34  HOH HOH B . 
C 3 HOH 86  386 58  HOH HOH B . 
C 3 HOH 87  387 74  HOH HOH B . 
C 3 HOH 88  388 41  HOH HOH B . 
C 3 HOH 89  389 111 HOH HOH B . 
C 3 HOH 90  390 157 HOH HOH B . 
C 3 HOH 91  391 173 HOH HOH B . 
C 3 HOH 92  392 40  HOH HOH B . 
C 3 HOH 93  393 155 HOH HOH B . 
C 3 HOH 94  394 75  HOH HOH B . 
C 3 HOH 95  395 160 HOH HOH B . 
C 3 HOH 96  396 80  HOH HOH B . 
C 3 HOH 97  397 39  HOH HOH B . 
C 3 HOH 98  398 86  HOH HOH B . 
C 3 HOH 99  399 13  HOH HOH B . 
C 3 HOH 100 400 6   HOH HOH B . 
C 3 HOH 101 401 201 HOH HOH B . 
C 3 HOH 102 402 119 HOH HOH B . 
C 3 HOH 103 403 193 HOH HOH B . 
C 3 HOH 104 404 184 HOH HOH B . 
C 3 HOH 105 405 101 HOH HOH B . 
C 3 HOH 106 406 156 HOH HOH B . 
C 3 HOH 107 407 121 HOH HOH B . 
C 3 HOH 108 408 72  HOH HOH B . 
C 3 HOH 109 409 65  HOH HOH B . 
C 3 HOH 110 410 4   HOH HOH B . 
C 3 HOH 111 411 202 HOH HOH B . 
C 3 HOH 112 412 50  HOH HOH B . 
C 3 HOH 113 413 47  HOH HOH B . 
C 3 HOH 114 414 154 HOH HOH B . 
C 3 HOH 115 415 67  HOH HOH B . 
C 3 HOH 116 416 31  HOH HOH B . 
C 3 HOH 117 417 29  HOH HOH B . 
C 3 HOH 118 418 8   HOH HOH B . 
C 3 HOH 119 419 165 HOH HOH B . 
C 3 HOH 120 420 123 HOH HOH B . 
C 3 HOH 121 421 126 HOH HOH B . 
C 3 HOH 122 422 15  HOH HOH B . 
C 3 HOH 123 423 18  HOH HOH B . 
C 3 HOH 124 424 177 HOH HOH B . 
C 3 HOH 125 425 159 HOH HOH B . 
C 3 HOH 126 426 27  HOH HOH B . 
C 3 HOH 127 427 122 HOH HOH B . 
C 3 HOH 128 428 42  HOH HOH B . 
C 3 HOH 129 429 196 HOH HOH B . 
C 3 HOH 130 430 181 HOH HOH B . 
C 3 HOH 131 431 45  HOH HOH B . 
C 3 HOH 132 432 96  HOH HOH B . 
C 3 HOH 133 433 52  HOH HOH B . 
C 3 HOH 134 434 77  HOH HOH B . 
C 3 HOH 135 435 43  HOH HOH B . 
C 3 HOH 136 436 130 HOH HOH B . 
C 3 HOH 137 437 182 HOH HOH B . 
C 3 HOH 138 438 25  HOH HOH B . 
C 3 HOH 139 439 93  HOH HOH B . 
C 3 HOH 140 440 125 HOH HOH B . 
C 3 HOH 141 441 62  HOH HOH B . 
C 3 HOH 142 442 11  HOH HOH B . 
C 3 HOH 143 443 114 HOH HOH B . 
C 3 HOH 144 444 137 HOH HOH B . 
C 3 HOH 145 445 79  HOH HOH B . 
C 3 HOH 146 446 199 HOH HOH B . 
C 3 HOH 147 447 194 HOH HOH B . 
C 3 HOH 148 448 163 HOH HOH B . 
C 3 HOH 149 449 28  HOH HOH B . 
C 3 HOH 150 450 124 HOH HOH B . 
C 3 HOH 151 451 185 HOH HOH B . 
C 3 HOH 152 452 89  HOH HOH B . 
C 3 HOH 153 453 189 HOH HOH B . 
C 3 HOH 154 454 84  HOH HOH B . 
C 3 HOH 155 455 106 HOH HOH B . 
C 3 HOH 156 456 73  HOH HOH B . 
C 3 HOH 157 457 131 HOH HOH B . 
C 3 HOH 158 458 168 HOH HOH B . 
C 3 HOH 159 459 76  HOH HOH B . 
C 3 HOH 160 460 188 HOH HOH B . 
C 3 HOH 161 461 110 HOH HOH B . 
C 3 HOH 162 462 167 HOH HOH B . 
C 3 HOH 163 463 132 HOH HOH B . 
C 3 HOH 164 464 69  HOH HOH B . 
C 3 HOH 165 465 150 HOH HOH B . 
C 3 HOH 166 466 128 HOH HOH B . 
C 3 HOH 167 467 85  HOH HOH B . 
C 3 HOH 168 468 203 HOH HOH B . 
C 3 HOH 169 469 109 HOH HOH B . 
C 3 HOH 170 470 147 HOH HOH B . 
C 3 HOH 171 471 99  HOH HOH B . 
C 3 HOH 172 472 192 HOH HOH B . 
C 3 HOH 173 473 129 HOH HOH B . 
C 3 HOH 174 474 191 HOH HOH B . 
C 3 HOH 175 475 161 HOH HOH B . 
C 3 HOH 176 476 169 HOH HOH B . 
C 3 HOH 177 477 180 HOH HOH B . 
C 3 HOH 178 478 166 HOH HOH B . 
C 3 HOH 179 479 204 HOH HOH B . 
C 3 HOH 180 480 115 HOH HOH B . 
# 
loop_
_pdbx_unobs_or_zero_occ_atoms.id 
_pdbx_unobs_or_zero_occ_atoms.PDB_model_num 
_pdbx_unobs_or_zero_occ_atoms.polymer_flag 
_pdbx_unobs_or_zero_occ_atoms.occupancy_flag 
_pdbx_unobs_or_zero_occ_atoms.auth_asym_id 
_pdbx_unobs_or_zero_occ_atoms.auth_comp_id 
_pdbx_unobs_or_zero_occ_atoms.auth_seq_id 
_pdbx_unobs_or_zero_occ_atoms.PDB_ins_code 
_pdbx_unobs_or_zero_occ_atoms.auth_atom_id 
_pdbx_unobs_or_zero_occ_atoms.label_alt_id 
_pdbx_unobs_or_zero_occ_atoms.label_asym_id 
_pdbx_unobs_or_zero_occ_atoms.label_comp_id 
_pdbx_unobs_or_zero_occ_atoms.label_seq_id 
_pdbx_unobs_or_zero_occ_atoms.label_atom_id 
1  1 Y 1 B GLU 10  ? CG  ? A GLU 9   CG  
2  1 Y 1 B GLU 10  ? CD  ? A GLU 9   CD  
3  1 Y 1 B GLU 10  ? OE1 ? A GLU 9   OE1 
4  1 Y 1 B GLU 10  ? OE2 ? A GLU 9   OE2 
5  1 Y 1 B GLU 26  ? CG  ? A GLU 25  CG  
6  1 Y 1 B GLU 26  ? CD  ? A GLU 25  CD  
7  1 Y 1 B GLU 26  ? OE1 ? A GLU 25  OE1 
8  1 Y 1 B GLU 26  ? OE2 ? A GLU 25  OE2 
9  1 Y 1 B GLU 36  ? CG  ? A GLU 35  CG  
10 1 Y 1 B GLU 36  ? CD  ? A GLU 35  CD  
11 1 Y 1 B GLU 36  ? OE1 ? A GLU 35  OE1 
12 1 Y 1 B GLU 36  ? OE2 ? A GLU 35  OE2 
13 1 Y 1 B GLU 72  ? CG  ? A GLU 71  CG  
14 1 Y 1 B GLU 72  ? CD  ? A GLU 71  CD  
15 1 Y 1 B GLU 72  ? OE1 ? A GLU 71  OE1 
16 1 Y 1 B GLU 72  ? OE2 ? A GLU 71  OE2 
17 1 Y 1 B GLN 106 ? CG  ? A GLN 105 CG  
18 1 Y 1 B GLN 106 ? CD  ? A GLN 105 CD  
19 1 Y 1 B GLN 106 ? OE1 ? A GLN 105 OE1 
20 1 Y 1 B GLN 106 ? NE2 ? A GLN 105 NE2 
21 1 Y 1 B GLU 114 ? CG  ? A GLU 113 CG  
22 1 Y 1 B GLU 114 ? CD  ? A GLU 113 CD  
23 1 Y 1 B GLU 114 ? OE1 ? A GLU 113 OE1 
24 1 Y 1 B GLU 114 ? OE2 ? A GLU 113 OE2 
# 
loop_
_software.citation_id 
_software.classification 
_software.compiler_name 
_software.compiler_version 
_software.contact_author 
_software.contact_author_email 
_software.date 
_software.description 
_software.dependencies 
_software.hardware 
_software.language 
_software.location 
_software.mods 
_software.name 
_software.os 
_software.os_version 
_software.type 
_software.version 
_software.pdbx_ordinal 
? 'data scaling'    ? ? ? ? ? ? ? ? ? ? ? XSCALE      ? ? ? .        1 
? refinement        ? ? ? ? ? ? ? ? ? ? ? REFMAC      ? ? ? 5.7.0032 2 
? 'data extraction' ? ? ? ? ? ? ? ? ? ? ? PDB_EXTRACT ? ? ? 3.22     3 
? 'data reduction'  ? ? ? ? ? ? ? ? ? ? ? XDS         ? ? ? .        4 
? phasing           ? ? ? ? ? ? ? ? ? ? ? MOLREP      ? ? ? .        5 
# 
_cell.angle_alpha                  90.000 
_cell.angle_alpha_esd              ? 
_cell.angle_beta                   90.000 
_cell.angle_beta_esd               ? 
_cell.angle_gamma                  120.000 
_cell.angle_gamma_esd              ? 
_cell.entry_id                     5ML3 
_cell.details                      ? 
_cell.formula_units_Z              ? 
_cell.length_a                     56.010 
_cell.length_a_esd                 ? 
_cell.length_b                     56.010 
_cell.length_b_esd                 ? 
_cell.length_c                     115.090 
_cell.length_c_esd                 ? 
_cell.volume                       ? 
_cell.volume_esd                   ? 
_cell.Z_PDB                        6 
_cell.reciprocal_angle_alpha       ? 
_cell.reciprocal_angle_beta        ? 
_cell.reciprocal_angle_gamma       ? 
_cell.reciprocal_angle_alpha_esd   ? 
_cell.reciprocal_angle_beta_esd    ? 
_cell.reciprocal_angle_gamma_esd   ? 
_cell.reciprocal_length_a          ? 
_cell.reciprocal_length_b          ? 
_cell.reciprocal_length_c          ? 
_cell.reciprocal_length_a_esd      ? 
_cell.reciprocal_length_b_esd      ? 
_cell.reciprocal_length_c_esd      ? 
_cell.pdbx_unique_axis             ? 
# 
_symmetry.entry_id                         5ML3 
_symmetry.cell_setting                     ? 
_symmetry.Int_Tables_number                154 
_symmetry.space_group_name_Hall            ? 
_symmetry.space_group_name_H-M             'P 32 2 1' 
_symmetry.pdbx_full_space_group_name_H-M   ? 
# 
_exptl.absorpt_coefficient_mu     ? 
_exptl.absorpt_correction_T_max   ? 
_exptl.absorpt_correction_T_min   ? 
_exptl.absorpt_correction_type    ? 
_exptl.absorpt_process_details    ? 
_exptl.entry_id                   5ML3 
_exptl.crystals_number            1 
_exptl.details                    ? 
_exptl.method                     'X-RAY DIFFRACTION' 
_exptl.method_details             ? 
# 
_exptl_crystal.colour                      ? 
_exptl_crystal.density_diffrn              ? 
_exptl_crystal.density_Matthews            3.02 
_exptl_crystal.density_method              ? 
_exptl_crystal.density_percent_sol         59.28 
_exptl_crystal.description                 ? 
_exptl_crystal.F_000                       ? 
_exptl_crystal.id                          1 
_exptl_crystal.preparation                 ? 
_exptl_crystal.size_max                    ? 
_exptl_crystal.size_mid                    ? 
_exptl_crystal.size_min                    ? 
_exptl_crystal.size_rad                    ? 
_exptl_crystal.colour_lustre               ? 
_exptl_crystal.colour_modifier             ? 
_exptl_crystal.colour_primary              ? 
_exptl_crystal.density_meas                ? 
_exptl_crystal.density_meas_esd            ? 
_exptl_crystal.density_meas_gt             ? 
_exptl_crystal.density_meas_lt             ? 
_exptl_crystal.density_meas_temp           ? 
_exptl_crystal.density_meas_temp_esd       ? 
_exptl_crystal.density_meas_temp_gt        ? 
_exptl_crystal.density_meas_temp_lt        ? 
_exptl_crystal.pdbx_crystal_image_url      ? 
_exptl_crystal.pdbx_crystal_image_format   ? 
_exptl_crystal.pdbx_mosaicity              ? 
_exptl_crystal.pdbx_mosaicity_esd          ? 
# 
_exptl_crystal_grow.apparatus       ? 
_exptl_crystal_grow.atmosphere      ? 
_exptl_crystal_grow.crystal_id      1 
_exptl_crystal_grow.details         ? 
_exptl_crystal_grow.method          'VAPOR DIFFUSION' 
_exptl_crystal_grow.method_ref      ? 
_exptl_crystal_grow.pH              ? 
_exptl_crystal_grow.pressure        ? 
_exptl_crystal_grow.pressure_esd    ? 
_exptl_crystal_grow.seeding         ? 
_exptl_crystal_grow.seeding_ref     ? 
_exptl_crystal_grow.temp            293 
_exptl_crystal_grow.temp_details    ? 
_exptl_crystal_grow.temp_esd        ? 
_exptl_crystal_grow.time            ? 
_exptl_crystal_grow.pdbx_details    '0.2 M NaOAc, 0.1 M Na3Cit, pH 5.5, 10 % PEG 4000' 
_exptl_crystal_grow.pdbx_pH_range   ? 
# 
_diffrn.ambient_environment    ? 
_diffrn.ambient_temp           100 
_diffrn.ambient_temp_details   ? 
_diffrn.ambient_temp_esd       ? 
_diffrn.crystal_id             1 
_diffrn.crystal_support        ? 
_diffrn.crystal_treatment      ? 
_diffrn.details                ? 
_diffrn.id                     1 
_diffrn.ambient_pressure       ? 
_diffrn.ambient_pressure_esd   ? 
_diffrn.ambient_pressure_gt    ? 
_diffrn.ambient_pressure_lt    ? 
_diffrn.ambient_temp_gt        ? 
_diffrn.ambient_temp_lt        ? 
# 
_diffrn_detector.details                      ? 
_diffrn_detector.detector                     PIXEL 
_diffrn_detector.diffrn_id                    1 
_diffrn_detector.type                         'DECTRIS PILATUS3 6M' 
_diffrn_detector.area_resol_mean              ? 
_diffrn_detector.dtime                        ? 
_diffrn_detector.pdbx_frames_total            ? 
_diffrn_detector.pdbx_collection_time_total   ? 
_diffrn_detector.pdbx_collection_date         2014-12-04 
# 
_diffrn_radiation.collimation                      ? 
_diffrn_radiation.diffrn_id                        1 
_diffrn_radiation.filter_edge                      ? 
_diffrn_radiation.inhomogeneity                    ? 
_diffrn_radiation.monochromator                    ? 
_diffrn_radiation.polarisn_norm                    ? 
_diffrn_radiation.polarisn_ratio                   ? 
_diffrn_radiation.probe                            ? 
_diffrn_radiation.type                             ? 
_diffrn_radiation.xray_symbol                      ? 
_diffrn_radiation.wavelength_id                    1 
_diffrn_radiation.pdbx_monochromatic_or_laue_m_l   M 
_diffrn_radiation.pdbx_wavelength_list             ? 
_diffrn_radiation.pdbx_wavelength                  ? 
_diffrn_radiation.pdbx_diffrn_protocol             'SINGLE WAVELENGTH' 
_diffrn_radiation.pdbx_analyzer                    ? 
_diffrn_radiation.pdbx_scattering_type             x-ray 
# 
_diffrn_radiation_wavelength.id           1 
_diffrn_radiation_wavelength.wavelength   0.978 
_diffrn_radiation_wavelength.wt           1.0 
# 
_diffrn_source.current                     ? 
_diffrn_source.details                     ? 
_diffrn_source.diffrn_id                   1 
_diffrn_source.power                       ? 
_diffrn_source.size                        ? 
_diffrn_source.source                      SYNCHROTRON 
_diffrn_source.target                      ? 
_diffrn_source.type                        'SLS BEAMLINE X10SA' 
_diffrn_source.voltage                     ? 
_diffrn_source.take-off_angle              ? 
_diffrn_source.pdbx_wavelength_list        0.978 
_diffrn_source.pdbx_wavelength             ? 
_diffrn_source.pdbx_synchrotron_beamline   X10SA 
_diffrn_source.pdbx_synchrotron_site       SLS 
# 
_reflns.B_iso_Wilson_estimate            ? 
_reflns.entry_id                         5ML3 
_reflns.data_reduction_details           ? 
_reflns.data_reduction_method            ? 
_reflns.d_resolution_high                1.4 
_reflns.d_resolution_low                 44.700 
_reflns.details                          ? 
_reflns.limit_h_max                      ? 
_reflns.limit_h_min                      ? 
_reflns.limit_k_max                      ? 
_reflns.limit_k_min                      ? 
_reflns.limit_l_max                      ? 
_reflns.limit_l_min                      ? 
_reflns.number_all                       ? 
_reflns.number_obs                       39854 
_reflns.observed_criterion               ? 
_reflns.observed_criterion_F_max         ? 
_reflns.observed_criterion_F_min         ? 
_reflns.observed_criterion_I_max         ? 
_reflns.observed_criterion_I_min         ? 
_reflns.observed_criterion_sigma_F       ? 
_reflns.observed_criterion_sigma_I       ? 
_reflns.percent_possible_obs             100 
_reflns.R_free_details                   ? 
_reflns.Rmerge_F_all                     ? 
_reflns.Rmerge_F_obs                     ? 
_reflns.Friedel_coverage                 ? 
_reflns.number_gt                        ? 
_reflns.threshold_expression             ? 
_reflns.pdbx_redundancy                  9.6 
_reflns.pdbx_Rmerge_I_obs                0.075 
_reflns.pdbx_Rmerge_I_all                ? 
_reflns.pdbx_Rsym_value                  ? 
_reflns.pdbx_netI_over_av_sigmaI         ? 
_reflns.pdbx_netI_over_sigmaI            16.5 
_reflns.pdbx_res_netI_over_av_sigmaI_2   ? 
_reflns.pdbx_res_netI_over_sigmaI_2      ? 
_reflns.pdbx_chi_squared                 ? 
_reflns.pdbx_scaling_rejects             ? 
_reflns.pdbx_d_res_high_opt              ? 
_reflns.pdbx_d_res_low_opt               ? 
_reflns.pdbx_d_res_opt_method            ? 
_reflns.phase_calculation_details        ? 
_reflns.pdbx_Rrim_I_all                  ? 
_reflns.pdbx_Rpim_I_all                  ? 
_reflns.pdbx_d_opt                       ? 
_reflns.pdbx_number_measured_all         ? 
_reflns.pdbx_diffrn_id                   1 
_reflns.pdbx_ordinal                     1 
_reflns.pdbx_CC_half                     ? 
_reflns.pdbx_R_split                     ? 
# 
_reflns_shell.d_res_high                  1.4 
_reflns_shell.d_res_low                   1.5 
_reflns_shell.meanI_over_sigI_all         ? 
_reflns_shell.meanI_over_sigI_obs         3.4 
_reflns_shell.number_measured_all         ? 
_reflns_shell.number_measured_obs         ? 
_reflns_shell.number_possible             ? 
_reflns_shell.number_unique_all           ? 
_reflns_shell.number_unique_obs           ? 
_reflns_shell.percent_possible_all        100 
_reflns_shell.percent_possible_obs        ? 
_reflns_shell.Rmerge_F_all                ? 
_reflns_shell.Rmerge_F_obs                ? 
_reflns_shell.Rmerge_I_all                ? 
_reflns_shell.Rmerge_I_obs                0.64 
_reflns_shell.meanI_over_sigI_gt          ? 
_reflns_shell.meanI_over_uI_all           ? 
_reflns_shell.meanI_over_uI_gt            ? 
_reflns_shell.number_measured_gt          ? 
_reflns_shell.number_unique_gt            ? 
_reflns_shell.percent_possible_gt         ? 
_reflns_shell.Rmerge_F_gt                 ? 
_reflns_shell.Rmerge_I_gt                 ? 
_reflns_shell.pdbx_redundancy             9.4 
_reflns_shell.pdbx_Rsym_value             ? 
_reflns_shell.pdbx_chi_squared            ? 
_reflns_shell.pdbx_netI_over_sigmaI_all   ? 
_reflns_shell.pdbx_netI_over_sigmaI_obs   ? 
_reflns_shell.pdbx_Rrim_I_all             ? 
_reflns_shell.pdbx_Rpim_I_all             ? 
_reflns_shell.pdbx_rejects                ? 
_reflns_shell.pdbx_ordinal                1 
_reflns_shell.pdbx_diffrn_id              1 
_reflns_shell.pdbx_CC_half                ? 
_reflns_shell.pdbx_R_split                ? 
# 
_refine.aniso_B[1][1]                            0.3600 
_refine.aniso_B[1][2]                            0.3600 
_refine.aniso_B[1][3]                            -0.0000 
_refine.aniso_B[2][2]                            0.3600 
_refine.aniso_B[2][3]                            -0.0000 
_refine.aniso_B[3][3]                            -1.1800 
_refine.B_iso_max                                61.310 
_refine.B_iso_mean                               20.7880 
_refine.B_iso_min                                10.340 
_refine.correlation_coeff_Fo_to_Fc               0.9650 
_refine.correlation_coeff_Fo_to_Fc_free          0.9570 
_refine.details                                  
'HYDROGENS HAVE BEEN ADDED IN THE RIDING POSITIONS U VALUES      : REFINED INDIVIDUALLY' 
_refine.diff_density_max                         ? 
_refine.diff_density_max_esd                     ? 
_refine.diff_density_min                         ? 
_refine.diff_density_min_esd                     ? 
_refine.diff_density_rms                         ? 
_refine.diff_density_rms_esd                     ? 
_refine.entry_id                                 5ML3 
_refine.pdbx_refine_id                           'X-RAY DIFFRACTION' 
_refine.ls_abs_structure_details                 ? 
_refine.ls_abs_structure_Flack                   ? 
_refine.ls_abs_structure_Flack_esd               ? 
_refine.ls_abs_structure_Rogers                  ? 
_refine.ls_abs_structure_Rogers_esd              ? 
_refine.ls_d_res_high                            1.4000 
_refine.ls_d_res_low                             44.7000 
_refine.ls_extinction_coef                       ? 
_refine.ls_extinction_coef_esd                   ? 
_refine.ls_extinction_expression                 ? 
_refine.ls_extinction_method                     ? 
_refine.ls_goodness_of_fit_all                   ? 
_refine.ls_goodness_of_fit_all_esd               ? 
_refine.ls_goodness_of_fit_obs                   ? 
_refine.ls_goodness_of_fit_obs_esd               ? 
_refine.ls_hydrogen_treatment                    ? 
_refine.ls_matrix_type                           ? 
_refine.ls_number_constraints                    ? 
_refine.ls_number_parameters                     ? 
_refine.ls_number_reflns_all                     ? 
_refine.ls_number_reflns_obs                     39854 
_refine.ls_number_reflns_R_free                  2098 
_refine.ls_number_reflns_R_work                  ? 
_refine.ls_number_restraints                     ? 
_refine.ls_percent_reflns_obs                    99.9600 
_refine.ls_percent_reflns_R_free                 5.0000 
_refine.ls_R_factor_all                          ? 
_refine.ls_R_factor_obs                          0.1898 
_refine.ls_R_factor_R_free                       0.2034 
_refine.ls_R_factor_R_free_error                 ? 
_refine.ls_R_factor_R_free_error_details         ? 
_refine.ls_R_factor_R_work                       0.1891 
_refine.ls_R_Fsqd_factor_obs                     ? 
_refine.ls_R_I_factor_obs                        ? 
_refine.ls_redundancy_reflns_all                 ? 
_refine.ls_redundancy_reflns_obs                 ? 
_refine.ls_restrained_S_all                      ? 
_refine.ls_restrained_S_obs                      ? 
_refine.ls_shift_over_esd_max                    ? 
_refine.ls_shift_over_esd_mean                   ? 
_refine.ls_structure_factor_coef                 ? 
_refine.ls_weighting_details                     ? 
_refine.ls_weighting_scheme                      ? 
_refine.ls_wR_factor_all                         ? 
_refine.ls_wR_factor_obs                         ? 
_refine.ls_wR_factor_R_free                      ? 
_refine.ls_wR_factor_R_work                      ? 
_refine.occupancy_max                            ? 
_refine.occupancy_min                            ? 
_refine.solvent_model_details                    ? 
_refine.solvent_model_param_bsol                 ? 
_refine.solvent_model_param_ksol                 ? 
_refine.ls_R_factor_gt                           ? 
_refine.ls_goodness_of_fit_gt                    ? 
_refine.ls_goodness_of_fit_ref                   ? 
_refine.ls_shift_over_su_max                     ? 
_refine.ls_shift_over_su_max_lt                  ? 
_refine.ls_shift_over_su_mean                    ? 
_refine.ls_shift_over_su_mean_lt                 ? 
_refine.pdbx_ls_sigma_I                          ? 
_refine.pdbx_ls_sigma_F                          0.000 
_refine.pdbx_ls_sigma_Fsqd                       ? 
_refine.pdbx_data_cutoff_high_absF               ? 
_refine.pdbx_data_cutoff_high_rms_absF           ? 
_refine.pdbx_data_cutoff_low_absF                ? 
_refine.pdbx_isotropic_thermal_model             ? 
_refine.pdbx_ls_cross_valid_method               THROUGHOUT 
_refine.pdbx_method_to_determine_struct          'MOLECULAR REPLACEMENT' 
_refine.pdbx_starting_model                      3T5G 
_refine.pdbx_stereochemistry_target_values       ? 
_refine.pdbx_R_Free_selection_details            RANDOM 
_refine.pdbx_stereochem_target_val_spec_case     ? 
_refine.pdbx_overall_ESU_R                       0.0560 
_refine.pdbx_overall_ESU_R_Free                  0.0560 
_refine.pdbx_solvent_vdw_probe_radii             1.2000 
_refine.pdbx_solvent_ion_probe_radii             0.8000 
_refine.pdbx_solvent_shrinkage_radii             0.8000 
_refine.pdbx_real_space_R                        ? 
_refine.pdbx_density_correlation                 ? 
_refine.pdbx_pd_number_of_powder_patterns        ? 
_refine.pdbx_pd_number_of_points                 ? 
_refine.pdbx_pd_meas_number_of_points            ? 
_refine.pdbx_pd_proc_ls_prof_R_factor            ? 
_refine.pdbx_pd_proc_ls_prof_wR_factor           ? 
_refine.pdbx_pd_Marquardt_correlation_coeff      ? 
_refine.pdbx_pd_Fsqrd_R_factor                   ? 
_refine.pdbx_pd_ls_matrix_band_width             ? 
_refine.pdbx_overall_phase_error                 ? 
_refine.pdbx_overall_SU_R_free_Cruickshank_DPI   ? 
_refine.pdbx_overall_SU_R_free_Blow_DPI          ? 
_refine.pdbx_overall_SU_R_Blow_DPI               ? 
_refine.pdbx_TLS_residual_ADP_flag               ? 
_refine.pdbx_diffrn_id                           1 
_refine.overall_SU_B                             0.9080 
_refine.overall_SU_ML                            0.0360 
_refine.overall_SU_R_Cruickshank_DPI             ? 
_refine.overall_SU_R_free                        ? 
_refine.overall_FOM_free_R_set                   ? 
_refine.overall_FOM_work_R_set                   ? 
_refine.pdbx_average_fsc_overall                 ? 
_refine.pdbx_average_fsc_work                    ? 
_refine.pdbx_average_fsc_free                    ? 
# 
_refine_hist.cycle_id                         final 
_refine_hist.pdbx_refine_id                   'X-RAY DIFFRACTION' 
_refine_hist.d_res_high                       1.4000 
_refine_hist.d_res_low                        44.7000 
_refine_hist.pdbx_number_atoms_ligand         43 
_refine_hist.number_atoms_solvent             180 
_refine_hist.number_atoms_total               1416 
_refine_hist.pdbx_number_residues_total       149 
_refine_hist.pdbx_B_iso_mean_ligand           21.73 
_refine_hist.pdbx_B_iso_mean_solvent          33.46 
_refine_hist.pdbx_number_atoms_protein        1193 
_refine_hist.pdbx_number_atoms_nucleic_acid   0 
# 
loop_
_refine_ls_restr.pdbx_refine_id 
_refine_ls_restr.criterion 
_refine_ls_restr.dev_ideal 
_refine_ls_restr.dev_ideal_target 
_refine_ls_restr.number 
_refine_ls_restr.rejects 
_refine_ls_restr.type 
_refine_ls_restr.weight 
_refine_ls_restr.pdbx_restraint_function 
'X-RAY DIFFRACTION' ? 0.011  0.020  1320 ? r_bond_refined_d       ? ? 
'X-RAY DIFFRACTION' ? 0.003  0.020  1276 ? r_bond_other_d         ? ? 
'X-RAY DIFFRACTION' ? 1.665  1.985  1792 ? r_angle_refined_deg    ? ? 
'X-RAY DIFFRACTION' ? 0.998  3.013  2934 ? r_angle_other_deg      ? ? 
'X-RAY DIFFRACTION' ? 6.039  5.000  159  ? r_dihedral_angle_1_deg ? ? 
'X-RAY DIFFRACTION' ? 39.260 22.951 61   ? r_dihedral_angle_2_deg ? ? 
'X-RAY DIFFRACTION' ? 11.861 15.000 235  ? r_dihedral_angle_3_deg ? ? 
'X-RAY DIFFRACTION' ? 16.345 15.000 12   ? r_dihedral_angle_4_deg ? ? 
'X-RAY DIFFRACTION' ? 0.127  0.200  195  ? r_chiral_restr         ? ? 
'X-RAY DIFFRACTION' ? 0.006  0.020  1460 ? r_gen_planes_refined   ? ? 
'X-RAY DIFFRACTION' ? 0.001  0.020  328  ? r_gen_planes_other     ? ? 
# 
_refine_ls_shell.pdbx_refine_id                   'X-RAY DIFFRACTION' 
_refine_ls_shell.d_res_high                       1.4000 
_refine_ls_shell.d_res_low                        1.4360 
_refine_ls_shell.number_reflns_all                3055 
_refine_ls_shell.number_reflns_obs                ? 
_refine_ls_shell.number_reflns_R_free             153 
_refine_ls_shell.number_reflns_R_work             2902 
_refine_ls_shell.percent_reflns_obs               99.9700 
_refine_ls_shell.percent_reflns_R_free            ? 
_refine_ls_shell.R_factor_all                     ? 
_refine_ls_shell.R_factor_obs                     ? 
_refine_ls_shell.R_factor_R_free                  0.2830 
_refine_ls_shell.R_factor_R_free_error            0.0000 
_refine_ls_shell.R_factor_R_work                  0.2670 
_refine_ls_shell.redundancy_reflns_all            ? 
_refine_ls_shell.redundancy_reflns_obs            ? 
_refine_ls_shell.wR_factor_all                    ? 
_refine_ls_shell.wR_factor_obs                    ? 
_refine_ls_shell.wR_factor_R_free                 ? 
_refine_ls_shell.wR_factor_R_work                 ? 
_refine_ls_shell.pdbx_total_number_of_bins_used   20 
_refine_ls_shell.pdbx_phase_error                 ? 
_refine_ls_shell.pdbx_fsc_work                    ? 
_refine_ls_shell.pdbx_fsc_free                    ? 
# 
_struct.entry_id                     5ML3 
_struct.title                        'The crystal structure of PDE6D in complex to Deltasonamide1' 
_struct.pdbx_model_details           ? 
_struct.pdbx_formula_weight          ? 
_struct.pdbx_formula_weight_method   ? 
_struct.pdbx_model_type_details      ? 
_struct.pdbx_CASP_flag               N 
# 
_struct_keywords.entry_id        5ML3 
_struct_keywords.text            'Prenyl binding protein, farnesylated KRas, plasma membrane, Arl2, Lipid binding protein' 
_struct_keywords.pdbx_keywords   'LIPID BINDING PROTEIN' 
# 
loop_
_struct_asym.id 
_struct_asym.pdbx_blank_PDB_chainid_flag 
_struct_asym.pdbx_modified 
_struct_asym.entity_id 
_struct_asym.details 
A N N 1 ? 
B N N 2 ? 
C N N 3 ? 
# 
_struct_ref.id                         1 
_struct_ref.db_name                    UNP 
_struct_ref.db_code                    PDE6D_HUMAN 
_struct_ref.pdbx_db_accession          O43924 
_struct_ref.pdbx_db_isoform            ? 
_struct_ref.entity_id                  1 
_struct_ref.pdbx_seq_one_letter_code   
;SAKDERAREILRGFKLNWMNLRDAETGKILWQGTEDLSVPGVEHEARVPKKILKCKAVSRELNFSSTEQMEKFRLEQKVY
FKGQCLEEWFFEFGFVIPNSTNTWQSLIEAAPESQMMPASVLTGNVIIETKFFDDDLLVSTSRVRLFYV
;
_struct_ref.pdbx_align_begin           2 
# 
_struct_ref_seq.align_id                      1 
_struct_ref_seq.ref_id                        1 
_struct_ref_seq.pdbx_PDB_id_code              5ML3 
_struct_ref_seq.pdbx_strand_id                B 
_struct_ref_seq.seq_align_beg                 1 
_struct_ref_seq.pdbx_seq_align_beg_ins_code   ? 
_struct_ref_seq.seq_align_end                 149 
_struct_ref_seq.pdbx_seq_align_end_ins_code   ? 
_struct_ref_seq.pdbx_db_accession             O43924 
_struct_ref_seq.db_align_beg                  2 
_struct_ref_seq.pdbx_db_align_beg_ins_code    ? 
_struct_ref_seq.db_align_end                  150 
_struct_ref_seq.pdbx_db_align_end_ins_code    ? 
_struct_ref_seq.pdbx_auth_seq_align_beg       2 
_struct_ref_seq.pdbx_auth_seq_align_end       150 
# 
_pdbx_struct_assembly.id                   1 
_pdbx_struct_assembly.details              author_and_software_defined_assembly 
_pdbx_struct_assembly.method_details       PISA 
_pdbx_struct_assembly.oligomeric_details   monomeric 
_pdbx_struct_assembly.oligomeric_count     1 
# 
loop_
_pdbx_struct_assembly_prop.biol_id 
_pdbx_struct_assembly_prop.type 
_pdbx_struct_assembly_prop.value 
_pdbx_struct_assembly_prop.details 
1 'ABSA (A^2)' 0    ? 
1 MORE         0    ? 
1 'SSA (A^2)'  8100 ? 
# 
_pdbx_struct_assembly_gen.assembly_id       1 
_pdbx_struct_assembly_gen.oper_expression   1 
_pdbx_struct_assembly_gen.asym_id_list      A,B,C 
# 
_pdbx_struct_oper_list.id                   1 
_pdbx_struct_oper_list.type                 'identity operation' 
_pdbx_struct_oper_list.name                 1_555 
_pdbx_struct_oper_list.symmetry_operation   x,y,z 
_pdbx_struct_oper_list.matrix[1][1]         1.0000000000 
_pdbx_struct_oper_list.matrix[1][2]         0.0000000000 
_pdbx_struct_oper_list.matrix[1][3]         0.0000000000 
_pdbx_struct_oper_list.vector[1]            0.0000000000 
_pdbx_struct_oper_list.matrix[2][1]         0.0000000000 
_pdbx_struct_oper_list.matrix[2][2]         1.0000000000 
_pdbx_struct_oper_list.matrix[2][3]         0.0000000000 
_pdbx_struct_oper_list.vector[2]            0.0000000000 
_pdbx_struct_oper_list.matrix[3][1]         0.0000000000 
_pdbx_struct_oper_list.matrix[3][2]         0.0000000000 
_pdbx_struct_oper_list.matrix[3][3]         1.0000000000 
_pdbx_struct_oper_list.vector[3]            0.0000000000 
# 
loop_
_struct_conf.conf_type_id 
_struct_conf.id 
_struct_conf.pdbx_PDB_helix_id 
_struct_conf.beg_label_comp_id 
_struct_conf.beg_label_asym_id 
_struct_conf.beg_label_seq_id 
_struct_conf.pdbx_beg_PDB_ins_code 
_struct_conf.end_label_comp_id 
_struct_conf.end_label_asym_id 
_struct_conf.end_label_seq_id 
_struct_conf.pdbx_end_PDB_ins_code 
_struct_conf.beg_auth_comp_id 
_struct_conf.beg_auth_asym_id 
_struct_conf.beg_auth_seq_id 
_struct_conf.end_auth_comp_id 
_struct_conf.end_auth_asym_id 
_struct_conf.end_auth_seq_id 
_struct_conf.pdbx_PDB_helix_class 
_struct_conf.details 
_struct_conf.pdbx_PDB_helix_length 
HELX_P HELX_P1 AA1 SER A 1   ? GLY A 13  ? SER B 2   GLY B 14  1 ? 13 
HELX_P HELX_P2 AA2 LYS A 51  ? CYS A 55  ? LYS B 52  CYS B 56  5 ? 5  
HELX_P HELX_P3 AA3 PRO A 118 ? THR A 123 ? PRO B 119 THR B 124 1 ? 6  
# 
_struct_conf_type.id          HELX_P 
_struct_conf_type.criteria    ? 
_struct_conf_type.reference   ? 
# 
_struct_mon_prot_cis.pdbx_id                1 
_struct_mon_prot_cis.label_comp_id          PRO 
_struct_mon_prot_cis.label_seq_id           112 
_struct_mon_prot_cis.label_asym_id          A 
_struct_mon_prot_cis.label_alt_id           . 
_struct_mon_prot_cis.pdbx_PDB_ins_code      ? 
_struct_mon_prot_cis.auth_comp_id           PRO 
_struct_mon_prot_cis.auth_seq_id            113 
_struct_mon_prot_cis.auth_asym_id           B 
_struct_mon_prot_cis.pdbx_label_comp_id_2   GLU 
_struct_mon_prot_cis.pdbx_label_seq_id_2    113 
_struct_mon_prot_cis.pdbx_label_asym_id_2   A 
_struct_mon_prot_cis.pdbx_PDB_ins_code_2    ? 
_struct_mon_prot_cis.pdbx_auth_comp_id_2    GLU 
_struct_mon_prot_cis.pdbx_auth_seq_id_2     114 
_struct_mon_prot_cis.pdbx_auth_asym_id_2    B 
_struct_mon_prot_cis.pdbx_PDB_model_num     1 
_struct_mon_prot_cis.pdbx_omega_angle       -27.43 
# 
loop_
_struct_sheet.id 
_struct_sheet.type 
_struct_sheet.number_strands 
_struct_sheet.details 
AA1 ? 4 ? 
AA2 ? 5 ? 
# 
loop_
_struct_sheet_order.sheet_id 
_struct_sheet_order.range_id_1 
_struct_sheet_order.range_id_2 
_struct_sheet_order.offset 
_struct_sheet_order.sense 
AA1 1 2 ? anti-parallel 
AA1 2 3 ? anti-parallel 
AA1 3 4 ? anti-parallel 
AA2 1 2 ? parallel      
AA2 2 3 ? anti-parallel 
AA2 3 4 ? anti-parallel 
AA2 4 5 ? anti-parallel 
# 
loop_
_struct_sheet_range.sheet_id 
_struct_sheet_range.id 
_struct_sheet_range.beg_label_comp_id 
_struct_sheet_range.beg_label_asym_id 
_struct_sheet_range.beg_label_seq_id 
_struct_sheet_range.pdbx_beg_PDB_ins_code 
_struct_sheet_range.end_label_comp_id 
_struct_sheet_range.end_label_asym_id 
_struct_sheet_range.end_label_seq_id 
_struct_sheet_range.pdbx_end_PDB_ins_code 
_struct_sheet_range.beg_auth_comp_id 
_struct_sheet_range.beg_auth_asym_id 
_struct_sheet_range.beg_auth_seq_id 
_struct_sheet_range.end_auth_comp_id 
_struct_sheet_range.end_auth_asym_id 
_struct_sheet_range.end_auth_seq_id 
AA1 1 ILE A 29  ? GLY A 33  ? ILE B 30  GLY B 34  
AA1 2 PHE A 14  ? ASP A 23  ? PHE B 15  ASP B 24  
AA1 3 ALA A 57  ? SER A 66  ? ALA B 58  SER B 67  
AA1 4 SER A 100 ? GLU A 109 ? SER B 101 GLU B 110 
AA2 1 GLU A 43  ? PRO A 49  ? GLU B 44  PRO B 50  
AA2 2 LEU A 137 ? VAL A 149 ? LEU B 138 VAL B 150 
AA2 3 VAL A 126 ? ASP A 134 ? VAL B 127 ASP B 135 
AA2 4 MET A 70  ? PHE A 81  ? MET B 71  PHE B 82  
AA2 5 GLN A 84  ? VAL A 96  ? GLN B 85  VAL B 97  
# 
loop_
_pdbx_struct_sheet_hbond.sheet_id 
_pdbx_struct_sheet_hbond.range_id_1 
_pdbx_struct_sheet_hbond.range_id_2 
_pdbx_struct_sheet_hbond.range_1_label_atom_id 
_pdbx_struct_sheet_hbond.range_1_label_comp_id 
_pdbx_struct_sheet_hbond.range_1_label_asym_id 
_pdbx_struct_sheet_hbond.range_1_label_seq_id 
_pdbx_struct_sheet_hbond.range_1_PDB_ins_code 
_pdbx_struct_sheet_hbond.range_1_auth_atom_id 
_pdbx_struct_sheet_hbond.range_1_auth_comp_id 
_pdbx_struct_sheet_hbond.range_1_auth_asym_id 
_pdbx_struct_sheet_hbond.range_1_auth_seq_id 
_pdbx_struct_sheet_hbond.range_2_label_atom_id 
_pdbx_struct_sheet_hbond.range_2_label_comp_id 
_pdbx_struct_sheet_hbond.range_2_label_asym_id 
_pdbx_struct_sheet_hbond.range_2_label_seq_id 
_pdbx_struct_sheet_hbond.range_2_PDB_ins_code 
_pdbx_struct_sheet_hbond.range_2_auth_atom_id 
_pdbx_struct_sheet_hbond.range_2_auth_comp_id 
_pdbx_struct_sheet_hbond.range_2_auth_asym_id 
_pdbx_struct_sheet_hbond.range_2_auth_seq_id 
AA1 1 2 O LEU A 30  ? O LEU B 31  N LEU A 21  ? N LEU B 22  
AA1 2 3 N TRP A 18  ? N TRP B 19  O ASN A 63  ? O ASN B 64  
AA1 3 4 N VAL A 58  ? N VAL B 59  O ILE A 108 ? O ILE B 109 
AA2 1 2 N VAL A 48  ? N VAL B 49  O PHE A 147 ? O PHE B 148 
AA2 2 3 O VAL A 139 ? O VAL B 140 N PHE A 132 ? N PHE B 133 
AA2 3 4 O ILE A 127 ? O ILE B 128 N TYR A 80  ? N TYR B 81  
AA2 4 5 N VAL A 79  ? N VAL B 80  O LEU A 86  ? O LEU B 87  
# 
_struct_site.id                   AC1 
_struct_site.pdbx_evidence_code   Software 
_struct_site.pdbx_auth_asym_id    B 
_struct_site.pdbx_auth_comp_id    DL3 
_struct_site.pdbx_auth_seq_id     201 
_struct_site.pdbx_auth_ins_code   ? 
_struct_site.pdbx_num_residues    23 
_struct_site.details              'binding site for residue DL3 B 201' 
# 
loop_
_struct_site_gen.id 
_struct_site_gen.site_id 
_struct_site_gen.pdbx_num_res 
_struct_site_gen.label_comp_id 
_struct_site_gen.label_asym_id 
_struct_site_gen.label_seq_id 
_struct_site_gen.pdbx_auth_ins_code 
_struct_site_gen.auth_comp_id 
_struct_site_gen.auth_asym_id 
_struct_site_gen.auth_seq_id 
_struct_site_gen.label_atom_id 
_struct_site_gen.label_alt_id 
_struct_site_gen.symmetry 
_struct_site_gen.details 
1  AC1 23 LEU A 16  ? LEU B 17  . ? 1_555 ? 
2  AC1 23 MET A 19  ? MET B 20  . ? 1_555 ? 
3  AC1 23 LEU A 21  ? LEU B 22  . ? 1_555 ? 
4  AC1 23 TRP A 31  ? TRP B 32  . ? 1_555 ? 
5  AC1 23 VAL A 48  ? VAL B 49  . ? 1_555 ? 
6  AC1 23 ILE A 52  ? ILE B 53  . ? 1_555 ? 
7  AC1 23 LEU A 53  ? LEU B 54  . ? 1_555 ? 
8  AC1 23 CYS A 55  ? CYS B 56  . ? 1_555 ? 
9  AC1 23 LYS A 56  ? LYS B 57  . ? 1_555 ? 
10 AC1 23 VAL A 58  ? VAL B 59  . ? 1_555 ? 
11 AC1 23 ARG A 60  ? ARG B 61  . ? 1_555 ? 
12 AC1 23 GLN A 77  ? GLN B 78  . ? 1_555 ? 
13 AC1 23 GLU A 87  ? GLU B 88  . ? 1_555 ? 
14 AC1 23 TRP A 89  ? TRP B 90  . ? 1_555 ? 
15 AC1 23 ILE A 108 ? ILE B 109 . ? 1_555 ? 
16 AC1 23 MET A 116 ? MET B 117 . ? 1_555 ? 
17 AC1 23 THR A 130 ? THR B 131 . ? 1_555 ? 
18 AC1 23 PHE A 132 ? PHE B 133 . ? 1_555 ? 
19 AC1 23 LEU A 146 ? LEU B 147 . ? 1_555 ? 
20 AC1 23 TYR A 148 ? TYR B 149 . ? 1_555 ? 
21 AC1 23 HOH C .   ? HOH B 341 . ? 1_555 ? 
22 AC1 23 HOH C .   ? HOH B 399 . ? 1_555 ? 
23 AC1 23 HOH C .   ? HOH B 430 . ? 1_555 ? 
# 
_pdbx_validate_rmsd_bond.id                        1 
_pdbx_validate_rmsd_bond.PDB_model_num             1 
_pdbx_validate_rmsd_bond.auth_atom_id_1            C 
_pdbx_validate_rmsd_bond.auth_asym_id_1            B 
_pdbx_validate_rmsd_bond.auth_comp_id_1            ARG 
_pdbx_validate_rmsd_bond.auth_seq_id_1             144 
_pdbx_validate_rmsd_bond.PDB_ins_code_1            ? 
_pdbx_validate_rmsd_bond.label_alt_id_1            ? 
_pdbx_validate_rmsd_bond.auth_atom_id_2            N 
_pdbx_validate_rmsd_bond.auth_asym_id_2            B 
_pdbx_validate_rmsd_bond.auth_comp_id_2            VAL 
_pdbx_validate_rmsd_bond.auth_seq_id_2             145 
_pdbx_validate_rmsd_bond.PDB_ins_code_2            ? 
_pdbx_validate_rmsd_bond.label_alt_id_2            ? 
_pdbx_validate_rmsd_bond.bond_value                1.156 
_pdbx_validate_rmsd_bond.bond_target_value         1.336 
_pdbx_validate_rmsd_bond.bond_deviation            -0.180 
_pdbx_validate_rmsd_bond.bond_standard_deviation   0.023 
_pdbx_validate_rmsd_bond.linker_flag               Y 
# 
loop_
_pdbx_validate_rmsd_angle.id 
_pdbx_validate_rmsd_angle.PDB_model_num 
_pdbx_validate_rmsd_angle.auth_atom_id_1 
_pdbx_validate_rmsd_angle.auth_asym_id_1 
_pdbx_validate_rmsd_angle.auth_comp_id_1 
_pdbx_validate_rmsd_angle.auth_seq_id_1 
_pdbx_validate_rmsd_angle.PDB_ins_code_1 
_pdbx_validate_rmsd_angle.label_alt_id_1 
_pdbx_validate_rmsd_angle.auth_atom_id_2 
_pdbx_validate_rmsd_angle.auth_asym_id_2 
_pdbx_validate_rmsd_angle.auth_comp_id_2 
_pdbx_validate_rmsd_angle.auth_seq_id_2 
_pdbx_validate_rmsd_angle.PDB_ins_code_2 
_pdbx_validate_rmsd_angle.label_alt_id_2 
_pdbx_validate_rmsd_angle.auth_atom_id_3 
_pdbx_validate_rmsd_angle.auth_asym_id_3 
_pdbx_validate_rmsd_angle.auth_comp_id_3 
_pdbx_validate_rmsd_angle.auth_seq_id_3 
_pdbx_validate_rmsd_angle.PDB_ins_code_3 
_pdbx_validate_rmsd_angle.label_alt_id_3 
_pdbx_validate_rmsd_angle.angle_value 
_pdbx_validate_rmsd_angle.angle_target_value 
_pdbx_validate_rmsd_angle.angle_deviation 
_pdbx_validate_rmsd_angle.angle_standard_deviation 
_pdbx_validate_rmsd_angle.linker_flag 
1 1 CA B PHE 133 ? ? C B PHE 133 ? ? N B PHE 134 ? ? 100.25 117.20 -16.95 2.20 Y 
2 1 O  B PHE 133 ? ? C B PHE 133 ? ? N B PHE 134 ? ? 137.74 122.70 15.04  1.60 Y 
# 
loop_
_pdbx_validate_torsion.id 
_pdbx_validate_torsion.PDB_model_num 
_pdbx_validate_torsion.auth_comp_id 
_pdbx_validate_torsion.auth_asym_id 
_pdbx_validate_torsion.auth_seq_id 
_pdbx_validate_torsion.PDB_ins_code 
_pdbx_validate_torsion.label_alt_id 
_pdbx_validate_torsion.phi 
_pdbx_validate_torsion.psi 
1 1 GLU B 114 ? ? -97.74 41.85   
2 1 ASP B 136 ? ? 59.74  -114.79 
# 
_pdbx_validate_polymer_linkage.id               1 
_pdbx_validate_polymer_linkage.PDB_model_num    1 
_pdbx_validate_polymer_linkage.auth_atom_id_1   C 
_pdbx_validate_polymer_linkage.auth_asym_id_1   B 
_pdbx_validate_polymer_linkage.auth_comp_id_1   ARG 
_pdbx_validate_polymer_linkage.auth_seq_id_1    144 
_pdbx_validate_polymer_linkage.PDB_ins_code_1   ? 
_pdbx_validate_polymer_linkage.label_alt_id_1   ? 
_pdbx_validate_polymer_linkage.auth_atom_id_2   N 
_pdbx_validate_polymer_linkage.auth_asym_id_2   B 
_pdbx_validate_polymer_linkage.auth_comp_id_2   VAL 
_pdbx_validate_polymer_linkage.auth_seq_id_2    145 
_pdbx_validate_polymer_linkage.PDB_ins_code_2   ? 
_pdbx_validate_polymer_linkage.label_alt_id_2   ? 
_pdbx_validate_polymer_linkage.dist             1.16 
# 
loop_
_chem_comp_atom.comp_id 
_chem_comp_atom.atom_id 
_chem_comp_atom.type_symbol 
_chem_comp_atom.pdbx_aromatic_flag 
_chem_comp_atom.pdbx_stereo_config 
_chem_comp_atom.pdbx_ordinal 
ALA N    N  N N 1   
ALA CA   C  N S 2   
ALA C    C  N N 3   
ALA O    O  N N 4   
ALA CB   C  N N 5   
ALA OXT  O  N N 6   
ALA H    H  N N 7   
ALA H2   H  N N 8   
ALA HA   H  N N 9   
ALA HB1  H  N N 10  
ALA HB2  H  N N 11  
ALA HB3  H  N N 12  
ALA HXT  H  N N 13  
ARG N    N  N N 14  
ARG CA   C  N S 15  
ARG C    C  N N 16  
ARG O    O  N N 17  
ARG CB   C  N N 18  
ARG CG   C  N N 19  
ARG CD   C  N N 20  
ARG NE   N  N N 21  
ARG CZ   C  N N 22  
ARG NH1  N  N N 23  
ARG NH2  N  N N 24  
ARG OXT  O  N N 25  
ARG H    H  N N 26  
ARG H2   H  N N 27  
ARG HA   H  N N 28  
ARG HB2  H  N N 29  
ARG HB3  H  N N 30  
ARG HG2  H  N N 31  
ARG HG3  H  N N 32  
ARG HD2  H  N N 33  
ARG HD3  H  N N 34  
ARG HE   H  N N 35  
ARG HH11 H  N N 36  
ARG HH12 H  N N 37  
ARG HH21 H  N N 38  
ARG HH22 H  N N 39  
ARG HXT  H  N N 40  
ASN N    N  N N 41  
ASN CA   C  N S 42  
ASN C    C  N N 43  
ASN O    O  N N 44  
ASN CB   C  N N 45  
ASN CG   C  N N 46  
ASN OD1  O  N N 47  
ASN ND2  N  N N 48  
ASN OXT  O  N N 49  
ASN H    H  N N 50  
ASN H2   H  N N 51  
ASN HA   H  N N 52  
ASN HB2  H  N N 53  
ASN HB3  H  N N 54  
ASN HD21 H  N N 55  
ASN HD22 H  N N 56  
ASN HXT  H  N N 57  
ASP N    N  N N 58  
ASP CA   C  N S 59  
ASP C    C  N N 60  
ASP O    O  N N 61  
ASP CB   C  N N 62  
ASP CG   C  N N 63  
ASP OD1  O  N N 64  
ASP OD2  O  N N 65  
ASP OXT  O  N N 66  
ASP H    H  N N 67  
ASP H2   H  N N 68  
ASP HA   H  N N 69  
ASP HB2  H  N N 70  
ASP HB3  H  N N 71  
ASP HD2  H  N N 72  
ASP HXT  H  N N 73  
CYS N    N  N N 74  
CYS CA   C  N R 75  
CYS C    C  N N 76  
CYS O    O  N N 77  
CYS CB   C  N N 78  
CYS SG   S  N N 79  
CYS OXT  O  N N 80  
CYS H    H  N N 81  
CYS H2   H  N N 82  
CYS HA   H  N N 83  
CYS HB2  H  N N 84  
CYS HB3  H  N N 85  
CYS HG   H  N N 86  
CYS HXT  H  N N 87  
DL3 C4   C  Y N 88  
DL3 C5   C  Y N 89  
DL3 C6   C  Y N 90  
DL3 N1   N  Y N 91  
DL3 N3   N  Y N 92  
DL3 CBQ  C  N N 93  
DL3 NBP  N  N N 94  
DL3 C2   C  Y N 95  
DL3 CAA  C  N N 96  
DL3 NAH  N  N N 97  
DL3 CAI  C  N N 98  
DL3 CAJ  C  N N 99  
DL3 CAK  C  N N 100 
DL3 CAL  C  N N 101 
DL3 NAM  N  N N 102 
DL3 CAN  C  N N 103 
DL3 CAO  C  N N 104 
DL3 SAP  S  N N 105 
DL3 OAQ  O  N N 106 
DL3 OAR  O  N N 107 
DL3 CAS  C  Y N 108 
DL3 CAX  C  Y N 109 
DL3 CAW  C  Y N 110 
DL3 CAT  C  Y N 111 
DL3 CAU  C  Y N 112 
DL3 CAV  C  Y N 113 
DL3 SAY  S  N N 114 
DL3 OAZ  O  N N 115 
DL3 OBA  O  N N 116 
DL3 NBB  N  N N 117 
DL3 CBE  C  N N 118 
DL3 CBF  C  N N 119 
DL3 CBG  C  N N 120 
DL3 CBH  C  N N 121 
DL3 CBI  C  N N 122 
DL3 CBC  C  N N 123 
DL3 CBD  C  Y N 124 
DL3 CBJ  C  Y N 125 
DL3 CBK  C  Y N 126 
DL3 CBL  C  Y N 127 
DL3 CL   CL N N 128 
DL3 CBM  C  Y N 129 
DL3 CBN  C  Y N 130 
DL3 H1   H  N N 131 
DL3 H2   H  N N 132 
DL3 H3   H  N N 133 
DL3 H4   H  N N 134 
DL3 H5   H  N N 135 
DL3 H6   H  N N 136 
DL3 H7   H  N N 137 
DL3 H8   H  N N 138 
DL3 H9   H  N N 139 
DL3 H10  H  N N 140 
DL3 H11  H  N N 141 
DL3 H12  H  N N 142 
DL3 H13  H  N N 143 
DL3 H14  H  N N 144 
DL3 H15  H  N N 145 
DL3 H16  H  N N 146 
DL3 H18  H  N N 147 
DL3 H19  H  N N 148 
DL3 H20  H  N N 149 
DL3 H21  H  N N 150 
DL3 H22  H  N N 151 
DL3 H23  H  N N 152 
DL3 H24  H  N N 153 
DL3 H25  H  N N 154 
DL3 H26  H  N N 155 
DL3 H27  H  N N 156 
DL3 H28  H  N N 157 
DL3 H29  H  N N 158 
DL3 H30  H  N N 159 
DL3 H31  H  N N 160 
DL3 H32  H  N N 161 
DL3 H33  H  N N 162 
DL3 H34  H  N N 163 
DL3 H35  H  N N 164 
DL3 H36  H  N N 165 
DL3 H37  H  N N 166 
DL3 H38  H  N N 167 
DL3 H39  H  N N 168 
DL3 H40  H  N N 169 
GLN N    N  N N 170 
GLN CA   C  N S 171 
GLN C    C  N N 172 
GLN O    O  N N 173 
GLN CB   C  N N 174 
GLN CG   C  N N 175 
GLN CD   C  N N 176 
GLN OE1  O  N N 177 
GLN NE2  N  N N 178 
GLN OXT  O  N N 179 
GLN H    H  N N 180 
GLN H2   H  N N 181 
GLN HA   H  N N 182 
GLN HB2  H  N N 183 
GLN HB3  H  N N 184 
GLN HG2  H  N N 185 
GLN HG3  H  N N 186 
GLN HE21 H  N N 187 
GLN HE22 H  N N 188 
GLN HXT  H  N N 189 
GLU N    N  N N 190 
GLU CA   C  N S 191 
GLU C    C  N N 192 
GLU O    O  N N 193 
GLU CB   C  N N 194 
GLU CG   C  N N 195 
GLU CD   C  N N 196 
GLU OE1  O  N N 197 
GLU OE2  O  N N 198 
GLU OXT  O  N N 199 
GLU H    H  N N 200 
GLU H2   H  N N 201 
GLU HA   H  N N 202 
GLU HB2  H  N N 203 
GLU HB3  H  N N 204 
GLU HG2  H  N N 205 
GLU HG3  H  N N 206 
GLU HE2  H  N N 207 
GLU HXT  H  N N 208 
GLY N    N  N N 209 
GLY CA   C  N N 210 
GLY C    C  N N 211 
GLY O    O  N N 212 
GLY OXT  O  N N 213 
GLY H    H  N N 214 
GLY H2   H  N N 215 
GLY HA2  H  N N 216 
GLY HA3  H  N N 217 
GLY HXT  H  N N 218 
HIS N    N  N N 219 
HIS CA   C  N S 220 
HIS C    C  N N 221 
HIS O    O  N N 222 
HIS CB   C  N N 223 
HIS CG   C  Y N 224 
HIS ND1  N  Y N 225 
HIS CD2  C  Y N 226 
HIS CE1  C  Y N 227 
HIS NE2  N  Y N 228 
HIS OXT  O  N N 229 
HIS H    H  N N 230 
HIS H2   H  N N 231 
HIS HA   H  N N 232 
HIS HB2  H  N N 233 
HIS HB3  H  N N 234 
HIS HD1  H  N N 235 
HIS HD2  H  N N 236 
HIS HE1  H  N N 237 
HIS HE2  H  N N 238 
HIS HXT  H  N N 239 
HOH O    O  N N 240 
HOH H1   H  N N 241 
HOH H2   H  N N 242 
ILE N    N  N N 243 
ILE CA   C  N S 244 
ILE C    C  N N 245 
ILE O    O  N N 246 
ILE CB   C  N S 247 
ILE CG1  C  N N 248 
ILE CG2  C  N N 249 
ILE CD1  C  N N 250 
ILE OXT  O  N N 251 
ILE H    H  N N 252 
ILE H2   H  N N 253 
ILE HA   H  N N 254 
ILE HB   H  N N 255 
ILE HG12 H  N N 256 
ILE HG13 H  N N 257 
ILE HG21 H  N N 258 
ILE HG22 H  N N 259 
ILE HG23 H  N N 260 
ILE HD11 H  N N 261 
ILE HD12 H  N N 262 
ILE HD13 H  N N 263 
ILE HXT  H  N N 264 
LEU N    N  N N 265 
LEU CA   C  N S 266 
LEU C    C  N N 267 
LEU O    O  N N 268 
LEU CB   C  N N 269 
LEU CG   C  N N 270 
LEU CD1  C  N N 271 
LEU CD2  C  N N 272 
LEU OXT  O  N N 273 
LEU H    H  N N 274 
LEU H2   H  N N 275 
LEU HA   H  N N 276 
LEU HB2  H  N N 277 
LEU HB3  H  N N 278 
LEU HG   H  N N 279 
LEU HD11 H  N N 280 
LEU HD12 H  N N 281 
LEU HD13 H  N N 282 
LEU HD21 H  N N 283 
LEU HD22 H  N N 284 
LEU HD23 H  N N 285 
LEU HXT  H  N N 286 
LYS N    N  N N 287 
LYS CA   C  N S 288 
LYS C    C  N N 289 
LYS O    O  N N 290 
LYS CB   C  N N 291 
LYS CG   C  N N 292 
LYS CD   C  N N 293 
LYS CE   C  N N 294 
LYS NZ   N  N N 295 
LYS OXT  O  N N 296 
LYS H    H  N N 297 
LYS H2   H  N N 298 
LYS HA   H  N N 299 
LYS HB2  H  N N 300 
LYS HB3  H  N N 301 
LYS HG2  H  N N 302 
LYS HG3  H  N N 303 
LYS HD2  H  N N 304 
LYS HD3  H  N N 305 
LYS HE2  H  N N 306 
LYS HE3  H  N N 307 
LYS HZ1  H  N N 308 
LYS HZ2  H  N N 309 
LYS HZ3  H  N N 310 
LYS HXT  H  N N 311 
MET N    N  N N 312 
MET CA   C  N S 313 
MET C    C  N N 314 
MET O    O  N N 315 
MET CB   C  N N 316 
MET CG   C  N N 317 
MET SD   S  N N 318 
MET CE   C  N N 319 
MET OXT  O  N N 320 
MET H    H  N N 321 
MET H2   H  N N 322 
MET HA   H  N N 323 
MET HB2  H  N N 324 
MET HB3  H  N N 325 
MET HG2  H  N N 326 
MET HG3  H  N N 327 
MET HE1  H  N N 328 
MET HE2  H  N N 329 
MET HE3  H  N N 330 
MET HXT  H  N N 331 
PHE N    N  N N 332 
PHE CA   C  N S 333 
PHE C    C  N N 334 
PHE O    O  N N 335 
PHE CB   C  N N 336 
PHE CG   C  Y N 337 
PHE CD1  C  Y N 338 
PHE CD2  C  Y N 339 
PHE CE1  C  Y N 340 
PHE CE2  C  Y N 341 
PHE CZ   C  Y N 342 
PHE OXT  O  N N 343 
PHE H    H  N N 344 
PHE H2   H  N N 345 
PHE HA   H  N N 346 
PHE HB2  H  N N 347 
PHE HB3  H  N N 348 
PHE HD1  H  N N 349 
PHE HD2  H  N N 350 
PHE HE1  H  N N 351 
PHE HE2  H  N N 352 
PHE HZ   H  N N 353 
PHE HXT  H  N N 354 
PRO N    N  N N 355 
PRO CA   C  N S 356 
PRO C    C  N N 357 
PRO O    O  N N 358 
PRO CB   C  N N 359 
PRO CG   C  N N 360 
PRO CD   C  N N 361 
PRO OXT  O  N N 362 
PRO H    H  N N 363 
PRO HA   H  N N 364 
PRO HB2  H  N N 365 
PRO HB3  H  N N 366 
PRO HG2  H  N N 367 
PRO HG3  H  N N 368 
PRO HD2  H  N N 369 
PRO HD3  H  N N 370 
PRO HXT  H  N N 371 
SER N    N  N N 372 
SER CA   C  N S 373 
SER C    C  N N 374 
SER O    O  N N 375 
SER CB   C  N N 376 
SER OG   O  N N 377 
SER OXT  O  N N 378 
SER H    H  N N 379 
SER H2   H  N N 380 
SER HA   H  N N 381 
SER HB2  H  N N 382 
SER HB3  H  N N 383 
SER HG   H  N N 384 
SER HXT  H  N N 385 
THR N    N  N N 386 
THR CA   C  N S 387 
THR C    C  N N 388 
THR O    O  N N 389 
THR CB   C  N R 390 
THR OG1  O  N N 391 
THR CG2  C  N N 392 
THR OXT  O  N N 393 
THR H    H  N N 394 
THR H2   H  N N 395 
THR HA   H  N N 396 
THR HB   H  N N 397 
THR HG1  H  N N 398 
THR HG21 H  N N 399 
THR HG22 H  N N 400 
THR HG23 H  N N 401 
THR HXT  H  N N 402 
TRP N    N  N N 403 
TRP CA   C  N S 404 
TRP C    C  N N 405 
TRP O    O  N N 406 
TRP CB   C  N N 407 
TRP CG   C  Y N 408 
TRP CD1  C  Y N 409 
TRP CD2  C  Y N 410 
TRP NE1  N  Y N 411 
TRP CE2  C  Y N 412 
TRP CE3  C  Y N 413 
TRP CZ2  C  Y N 414 
TRP CZ3  C  Y N 415 
TRP CH2  C  Y N 416 
TRP OXT  O  N N 417 
TRP H    H  N N 418 
TRP H2   H  N N 419 
TRP HA   H  N N 420 
TRP HB2  H  N N 421 
TRP HB3  H  N N 422 
TRP HD1  H  N N 423 
TRP HE1  H  N N 424 
TRP HE3  H  N N 425 
TRP HZ2  H  N N 426 
TRP HZ3  H  N N 427 
TRP HH2  H  N N 428 
TRP HXT  H  N N 429 
TYR N    N  N N 430 
TYR CA   C  N S 431 
TYR C    C  N N 432 
TYR O    O  N N 433 
TYR CB   C  N N 434 
TYR CG   C  Y N 435 
TYR CD1  C  Y N 436 
TYR CD2  C  Y N 437 
TYR CE1  C  Y N 438 
TYR CE2  C  Y N 439 
TYR CZ   C  Y N 440 
TYR OH   O  N N 441 
TYR OXT  O  N N 442 
TYR H    H  N N 443 
TYR H2   H  N N 444 
TYR HA   H  N N 445 
TYR HB2  H  N N 446 
TYR HB3  H  N N 447 
TYR HD1  H  N N 448 
TYR HD2  H  N N 449 
TYR HE1  H  N N 450 
TYR HE2  H  N N 451 
TYR HH   H  N N 452 
TYR HXT  H  N N 453 
VAL N    N  N N 454 
VAL CA   C  N S 455 
VAL C    C  N N 456 
VAL O    O  N N 457 
VAL CB   C  N N 458 
VAL CG1  C  N N 459 
VAL CG2  C  N N 460 
VAL OXT  O  N N 461 
VAL H    H  N N 462 
VAL H2   H  N N 463 
VAL HA   H  N N 464 
VAL HB   H  N N 465 
VAL HG11 H  N N 466 
VAL HG12 H  N N 467 
VAL HG13 H  N N 468 
VAL HG21 H  N N 469 
VAL HG22 H  N N 470 
VAL HG23 H  N N 471 
VAL HXT  H  N N 472 
# 
loop_
_chem_comp_bond.comp_id 
_chem_comp_bond.atom_id_1 
_chem_comp_bond.atom_id_2 
_chem_comp_bond.value_order 
_chem_comp_bond.pdbx_aromatic_flag 
_chem_comp_bond.pdbx_stereo_config 
_chem_comp_bond.pdbx_ordinal 
ALA N   CA   sing N N 1   
ALA N   H    sing N N 2   
ALA N   H2   sing N N 3   
ALA CA  C    sing N N 4   
ALA CA  CB   sing N N 5   
ALA CA  HA   sing N N 6   
ALA C   O    doub N N 7   
ALA C   OXT  sing N N 8   
ALA CB  HB1  sing N N 9   
ALA CB  HB2  sing N N 10  
ALA CB  HB3  sing N N 11  
ALA OXT HXT  sing N N 12  
ARG N   CA   sing N N 13  
ARG N   H    sing N N 14  
ARG N   H2   sing N N 15  
ARG CA  C    sing N N 16  
ARG CA  CB   sing N N 17  
ARG CA  HA   sing N N 18  
ARG C   O    doub N N 19  
ARG C   OXT  sing N N 20  
ARG CB  CG   sing N N 21  
ARG CB  HB2  sing N N 22  
ARG CB  HB3  sing N N 23  
ARG CG  CD   sing N N 24  
ARG CG  HG2  sing N N 25  
ARG CG  HG3  sing N N 26  
ARG CD  NE   sing N N 27  
ARG CD  HD2  sing N N 28  
ARG CD  HD3  sing N N 29  
ARG NE  CZ   sing N N 30  
ARG NE  HE   sing N N 31  
ARG CZ  NH1  sing N N 32  
ARG CZ  NH2  doub N N 33  
ARG NH1 HH11 sing N N 34  
ARG NH1 HH12 sing N N 35  
ARG NH2 HH21 sing N N 36  
ARG NH2 HH22 sing N N 37  
ARG OXT HXT  sing N N 38  
ASN N   CA   sing N N 39  
ASN N   H    sing N N 40  
ASN N   H2   sing N N 41  
ASN CA  C    sing N N 42  
ASN CA  CB   sing N N 43  
ASN CA  HA   sing N N 44  
ASN C   O    doub N N 45  
ASN C   OXT  sing N N 46  
ASN CB  CG   sing N N 47  
ASN CB  HB2  sing N N 48  
ASN CB  HB3  sing N N 49  
ASN CG  OD1  doub N N 50  
ASN CG  ND2  sing N N 51  
ASN ND2 HD21 sing N N 52  
ASN ND2 HD22 sing N N 53  
ASN OXT HXT  sing N N 54  
ASP N   CA   sing N N 55  
ASP N   H    sing N N 56  
ASP N   H2   sing N N 57  
ASP CA  C    sing N N 58  
ASP CA  CB   sing N N 59  
ASP CA  HA   sing N N 60  
ASP C   O    doub N N 61  
ASP C   OXT  sing N N 62  
ASP CB  CG   sing N N 63  
ASP CB  HB2  sing N N 64  
ASP CB  HB3  sing N N 65  
ASP CG  OD1  doub N N 66  
ASP CG  OD2  sing N N 67  
ASP OD2 HD2  sing N N 68  
ASP OXT HXT  sing N N 69  
CYS N   CA   sing N N 70  
CYS N   H    sing N N 71  
CYS N   H2   sing N N 72  
CYS CA  C    sing N N 73  
CYS CA  CB   sing N N 74  
CYS CA  HA   sing N N 75  
CYS C   O    doub N N 76  
CYS C   OXT  sing N N 77  
CYS CB  SG   sing N N 78  
CYS CB  HB2  sing N N 79  
CYS CB  HB3  sing N N 80  
CYS SG  HG   sing N N 81  
CYS OXT HXT  sing N N 82  
DL3 CL  CBL  sing N N 83  
DL3 CBK CBL  doub Y N 84  
DL3 CBK CBJ  sing Y N 85  
DL3 CBL CBM  sing Y N 86  
DL3 OAZ SAY  doub N N 87  
DL3 CBJ CBD  doub Y N 88  
DL3 OBA SAY  doub N N 89  
DL3 CBM CBN  doub Y N 90  
DL3 CAL CAK  sing N N 91  
DL3 CAL NAM  sing N N 92  
DL3 SAY NBB  sing N N 93  
DL3 SAY CAV  sing N N 94  
DL3 CBD CBN  sing Y N 95  
DL3 CBD CBC  sing N N 96  
DL3 CAK CAJ  sing N N 97  
DL3 CAW CAV  doub Y N 98  
DL3 CAW CAX  sing Y N 99  
DL3 NBB CBC  sing N N 100 
DL3 NBB CBE  sing N N 101 
DL3 NAM CAN  sing N N 102 
DL3 CAV CAU  sing Y N 103 
DL3 CAJ CAI  sing N N 104 
DL3 CAJ CAO  sing N N 105 
DL3 CBI CBE  sing N N 106 
DL3 CBI CBH  sing N N 107 
DL3 CAX CAS  doub Y N 108 
DL3 CAI NAH  sing N N 109 
DL3 CAU CAT  doub Y N 110 
DL3 CBE CBF  sing N N 111 
DL3 CAN CAO  sing N N 112 
DL3 CAS CAT  sing Y N 113 
DL3 CAS SAP  sing N N 114 
DL3 CBF CBG  sing N N 115 
DL3 NAH CAA  sing N N 116 
DL3 NAH SAP  sing N N 117 
DL3 CBH CBG  sing N N 118 
DL3 CAA C4   sing N N 119 
DL3 N3  C4   doub Y N 120 
DL3 N3  C2   sing Y N 121 
DL3 OAR SAP  doub N N 122 
DL3 SAP OAQ  doub N N 123 
DL3 NBP C2   sing N N 124 
DL3 NBP CBQ  sing N N 125 
DL3 C4  C5   sing Y N 126 
DL3 C2  N1   doub Y N 127 
DL3 C5  C6   doub Y N 128 
DL3 N1  C6   sing Y N 129 
DL3 C5  H1   sing N N 130 
DL3 C6  H2   sing N N 131 
DL3 CBQ H3   sing N N 132 
DL3 CBQ H4   sing N N 133 
DL3 CBQ H5   sing N N 134 
DL3 NBP H6   sing N N 135 
DL3 CAA H7   sing N N 136 
DL3 CAA H8   sing N N 137 
DL3 CAI H9   sing N N 138 
DL3 CAI H10  sing N N 139 
DL3 CAJ H11  sing N N 140 
DL3 CAK H12  sing N N 141 
DL3 CAK H13  sing N N 142 
DL3 CAL H14  sing N N 143 
DL3 CAL H15  sing N N 144 
DL3 NAM H16  sing N N 145 
DL3 CAN H18  sing N N 146 
DL3 CAN H19  sing N N 147 
DL3 CAO H20  sing N N 148 
DL3 CAO H21  sing N N 149 
DL3 CAX H22  sing N N 150 
DL3 CAW H23  sing N N 151 
DL3 CAT H24  sing N N 152 
DL3 CAU H25  sing N N 153 
DL3 CBE H26  sing N N 154 
DL3 CBF H27  sing N N 155 
DL3 CBF H28  sing N N 156 
DL3 CBG H29  sing N N 157 
DL3 CBG H30  sing N N 158 
DL3 CBH H31  sing N N 159 
DL3 CBH H32  sing N N 160 
DL3 CBI H33  sing N N 161 
DL3 CBI H34  sing N N 162 
DL3 CBC H35  sing N N 163 
DL3 CBC H36  sing N N 164 
DL3 CBJ H37  sing N N 165 
DL3 CBK H38  sing N N 166 
DL3 CBM H39  sing N N 167 
DL3 CBN H40  sing N N 168 
GLN N   CA   sing N N 169 
GLN N   H    sing N N 170 
GLN N   H2   sing N N 171 
GLN CA  C    sing N N 172 
GLN CA  CB   sing N N 173 
GLN CA  HA   sing N N 174 
GLN C   O    doub N N 175 
GLN C   OXT  sing N N 176 
GLN CB  CG   sing N N 177 
GLN CB  HB2  sing N N 178 
GLN CB  HB3  sing N N 179 
GLN CG  CD   sing N N 180 
GLN CG  HG2  sing N N 181 
GLN CG  HG3  sing N N 182 
GLN CD  OE1  doub N N 183 
GLN CD  NE2  sing N N 184 
GLN NE2 HE21 sing N N 185 
GLN NE2 HE22 sing N N 186 
GLN OXT HXT  sing N N 187 
GLU N   CA   sing N N 188 
GLU N   H    sing N N 189 
GLU N   H2   sing N N 190 
GLU CA  C    sing N N 191 
GLU CA  CB   sing N N 192 
GLU CA  HA   sing N N 193 
GLU C   O    doub N N 194 
GLU C   OXT  sing N N 195 
GLU CB  CG   sing N N 196 
GLU CB  HB2  sing N N 197 
GLU CB  HB3  sing N N 198 
GLU CG  CD   sing N N 199 
GLU CG  HG2  sing N N 200 
GLU CG  HG3  sing N N 201 
GLU CD  OE1  doub N N 202 
GLU CD  OE2  sing N N 203 
GLU OE2 HE2  sing N N 204 
GLU OXT HXT  sing N N 205 
GLY N   CA   sing N N 206 
GLY N   H    sing N N 207 
GLY N   H2   sing N N 208 
GLY CA  C    sing N N 209 
GLY CA  HA2  sing N N 210 
GLY CA  HA3  sing N N 211 
GLY C   O    doub N N 212 
GLY C   OXT  sing N N 213 
GLY OXT HXT  sing N N 214 
HIS N   CA   sing N N 215 
HIS N   H    sing N N 216 
HIS N   H2   sing N N 217 
HIS CA  C    sing N N 218 
HIS CA  CB   sing N N 219 
HIS CA  HA   sing N N 220 
HIS C   O    doub N N 221 
HIS C   OXT  sing N N 222 
HIS CB  CG   sing N N 223 
HIS CB  HB2  sing N N 224 
HIS CB  HB3  sing N N 225 
HIS CG  ND1  sing Y N 226 
HIS CG  CD2  doub Y N 227 
HIS ND1 CE1  doub Y N 228 
HIS ND1 HD1  sing N N 229 
HIS CD2 NE2  sing Y N 230 
HIS CD2 HD2  sing N N 231 
HIS CE1 NE2  sing Y N 232 
HIS CE1 HE1  sing N N 233 
HIS NE2 HE2  sing N N 234 
HIS OXT HXT  sing N N 235 
HOH O   H1   sing N N 236 
HOH O   H2   sing N N 237 
ILE N   CA   sing N N 238 
ILE N   H    sing N N 239 
ILE N   H2   sing N N 240 
ILE CA  C    sing N N 241 
ILE CA  CB   sing N N 242 
ILE CA  HA   sing N N 243 
ILE C   O    doub N N 244 
ILE C   OXT  sing N N 245 
ILE CB  CG1  sing N N 246 
ILE CB  CG2  sing N N 247 
ILE CB  HB   sing N N 248 
ILE CG1 CD1  sing N N 249 
ILE CG1 HG12 sing N N 250 
ILE CG1 HG13 sing N N 251 
ILE CG2 HG21 sing N N 252 
ILE CG2 HG22 sing N N 253 
ILE CG2 HG23 sing N N 254 
ILE CD1 HD11 sing N N 255 
ILE CD1 HD12 sing N N 256 
ILE CD1 HD13 sing N N 257 
ILE OXT HXT  sing N N 258 
LEU N   CA   sing N N 259 
LEU N   H    sing N N 260 
LEU N   H2   sing N N 261 
LEU CA  C    sing N N 262 
LEU CA  CB   sing N N 263 
LEU CA  HA   sing N N 264 
LEU C   O    doub N N 265 
LEU C   OXT  sing N N 266 
LEU CB  CG   sing N N 267 
LEU CB  HB2  sing N N 268 
LEU CB  HB3  sing N N 269 
LEU CG  CD1  sing N N 270 
LEU CG  CD2  sing N N 271 
LEU CG  HG   sing N N 272 
LEU CD1 HD11 sing N N 273 
LEU CD1 HD12 sing N N 274 
LEU CD1 HD13 sing N N 275 
LEU CD2 HD21 sing N N 276 
LEU CD2 HD22 sing N N 277 
LEU CD2 HD23 sing N N 278 
LEU OXT HXT  sing N N 279 
LYS N   CA   sing N N 280 
LYS N   H    sing N N 281 
LYS N   H2   sing N N 282 
LYS CA  C    sing N N 283 
LYS CA  CB   sing N N 284 
LYS CA  HA   sing N N 285 
LYS C   O    doub N N 286 
LYS C   OXT  sing N N 287 
LYS CB  CG   sing N N 288 
LYS CB  HB2  sing N N 289 
LYS CB  HB3  sing N N 290 
LYS CG  CD   sing N N 291 
LYS CG  HG2  sing N N 292 
LYS CG  HG3  sing N N 293 
LYS CD  CE   sing N N 294 
LYS CD  HD2  sing N N 295 
LYS CD  HD3  sing N N 296 
LYS CE  NZ   sing N N 297 
LYS CE  HE2  sing N N 298 
LYS CE  HE3  sing N N 299 
LYS NZ  HZ1  sing N N 300 
LYS NZ  HZ2  sing N N 301 
LYS NZ  HZ3  sing N N 302 
LYS OXT HXT  sing N N 303 
MET N   CA   sing N N 304 
MET N   H    sing N N 305 
MET N   H2   sing N N 306 
MET CA  C    sing N N 307 
MET CA  CB   sing N N 308 
MET CA  HA   sing N N 309 
MET C   O    doub N N 310 
MET C   OXT  sing N N 311 
MET CB  CG   sing N N 312 
MET CB  HB2  sing N N 313 
MET CB  HB3  sing N N 314 
MET CG  SD   sing N N 315 
MET CG  HG2  sing N N 316 
MET CG  HG3  sing N N 317 
MET SD  CE   sing N N 318 
MET CE  HE1  sing N N 319 
MET CE  HE2  sing N N 320 
MET CE  HE3  sing N N 321 
MET OXT HXT  sing N N 322 
PHE N   CA   sing N N 323 
PHE N   H    sing N N 324 
PHE N   H2   sing N N 325 
PHE CA  C    sing N N 326 
PHE CA  CB   sing N N 327 
PHE CA  HA   sing N N 328 
PHE C   O    doub N N 329 
PHE C   OXT  sing N N 330 
PHE CB  CG   sing N N 331 
PHE CB  HB2  sing N N 332 
PHE CB  HB3  sing N N 333 
PHE CG  CD1  doub Y N 334 
PHE CG  CD2  sing Y N 335 
PHE CD1 CE1  sing Y N 336 
PHE CD1 HD1  sing N N 337 
PHE CD2 CE2  doub Y N 338 
PHE CD2 HD2  sing N N 339 
PHE CE1 CZ   doub Y N 340 
PHE CE1 HE1  sing N N 341 
PHE CE2 CZ   sing Y N 342 
PHE CE2 HE2  sing N N 343 
PHE CZ  HZ   sing N N 344 
PHE OXT HXT  sing N N 345 
PRO N   CA   sing N N 346 
PRO N   CD   sing N N 347 
PRO N   H    sing N N 348 
PRO CA  C    sing N N 349 
PRO CA  CB   sing N N 350 
PRO CA  HA   sing N N 351 
PRO C   O    doub N N 352 
PRO C   OXT  sing N N 353 
PRO CB  CG   sing N N 354 
PRO CB  HB2  sing N N 355 
PRO CB  HB3  sing N N 356 
PRO CG  CD   sing N N 357 
PRO CG  HG2  sing N N 358 
PRO CG  HG3  sing N N 359 
PRO CD  HD2  sing N N 360 
PRO CD  HD3  sing N N 361 
PRO OXT HXT  sing N N 362 
SER N   CA   sing N N 363 
SER N   H    sing N N 364 
SER N   H2   sing N N 365 
SER CA  C    sing N N 366 
SER CA  CB   sing N N 367 
SER CA  HA   sing N N 368 
SER C   O    doub N N 369 
SER C   OXT  sing N N 370 
SER CB  OG   sing N N 371 
SER CB  HB2  sing N N 372 
SER CB  HB3  sing N N 373 
SER OG  HG   sing N N 374 
SER OXT HXT  sing N N 375 
THR N   CA   sing N N 376 
THR N   H    sing N N 377 
THR N   H2   sing N N 378 
THR CA  C    sing N N 379 
THR CA  CB   sing N N 380 
THR CA  HA   sing N N 381 
THR C   O    doub N N 382 
THR C   OXT  sing N N 383 
THR CB  OG1  sing N N 384 
THR CB  CG2  sing N N 385 
THR CB  HB   sing N N 386 
THR OG1 HG1  sing N N 387 
THR CG2 HG21 sing N N 388 
THR CG2 HG22 sing N N 389 
THR CG2 HG23 sing N N 390 
THR OXT HXT  sing N N 391 
TRP N   CA   sing N N 392 
TRP N   H    sing N N 393 
TRP N   H2   sing N N 394 
TRP CA  C    sing N N 395 
TRP CA  CB   sing N N 396 
TRP CA  HA   sing N N 397 
TRP C   O    doub N N 398 
TRP C   OXT  sing N N 399 
TRP CB  CG   sing N N 400 
TRP CB  HB2  sing N N 401 
TRP CB  HB3  sing N N 402 
TRP CG  CD1  doub Y N 403 
TRP CG  CD2  sing Y N 404 
TRP CD1 NE1  sing Y N 405 
TRP CD1 HD1  sing N N 406 
TRP CD2 CE2  doub Y N 407 
TRP CD2 CE3  sing Y N 408 
TRP NE1 CE2  sing Y N 409 
TRP NE1 HE1  sing N N 410 
TRP CE2 CZ2  sing Y N 411 
TRP CE3 CZ3  doub Y N 412 
TRP CE3 HE3  sing N N 413 
TRP CZ2 CH2  doub Y N 414 
TRP CZ2 HZ2  sing N N 415 
TRP CZ3 CH2  sing Y N 416 
TRP CZ3 HZ3  sing N N 417 
TRP CH2 HH2  sing N N 418 
TRP OXT HXT  sing N N 419 
TYR N   CA   sing N N 420 
TYR N   H    sing N N 421 
TYR N   H2   sing N N 422 
TYR CA  C    sing N N 423 
TYR CA  CB   sing N N 424 
TYR CA  HA   sing N N 425 
TYR C   O    doub N N 426 
TYR C   OXT  sing N N 427 
TYR CB  CG   sing N N 428 
TYR CB  HB2  sing N N 429 
TYR CB  HB3  sing N N 430 
TYR CG  CD1  doub Y N 431 
TYR CG  CD2  sing Y N 432 
TYR CD1 CE1  sing Y N 433 
TYR CD1 HD1  sing N N 434 
TYR CD2 CE2  doub Y N 435 
TYR CD2 HD2  sing N N 436 
TYR CE1 CZ   doub Y N 437 
TYR CE1 HE1  sing N N 438 
TYR CE2 CZ   sing Y N 439 
TYR CE2 HE2  sing N N 440 
TYR CZ  OH   sing N N 441 
TYR OH  HH   sing N N 442 
TYR OXT HXT  sing N N 443 
VAL N   CA   sing N N 444 
VAL N   H    sing N N 445 
VAL N   H2   sing N N 446 
VAL CA  C    sing N N 447 
VAL CA  CB   sing N N 448 
VAL CA  HA   sing N N 449 
VAL C   O    doub N N 450 
VAL C   OXT  sing N N 451 
VAL CB  CG1  sing N N 452 
VAL CB  CG2  sing N N 453 
VAL CB  HB   sing N N 454 
VAL CG1 HG11 sing N N 455 
VAL CG1 HG12 sing N N 456 
VAL CG1 HG13 sing N N 457 
VAL CG2 HG21 sing N N 458 
VAL CG2 HG22 sing N N 459 
VAL CG2 HG23 sing N N 460 
VAL OXT HXT  sing N N 461 
# 
loop_
_pdbx_audit_support.funding_organization 
_pdbx_audit_support.country 
_pdbx_audit_support.grant_number 
_pdbx_audit_support.ordinal 
SFB                         Germany 'SFB 642'          1 
'European Research Council' Germany 'ERC Grant 268782' 2 
# 
_pdbx_initial_refinement_model.id               1 
_pdbx_initial_refinement_model.entity_id_list   ? 
_pdbx_initial_refinement_model.type             'experimental model' 
_pdbx_initial_refinement_model.source_name      PDB 
_pdbx_initial_refinement_model.accession_code   3T5G 
_pdbx_initial_refinement_model.details          ? 
# 
_atom_sites.entry_id                    5ML3 
_atom_sites.fract_transf_matrix[1][1]   -0.01494213 
_atom_sites.fract_transf_matrix[1][2]   -0.00324686 
_atom_sites.fract_transf_matrix[1][3]   -0.01382790 
_atom_sites.fract_transf_matrix[2][1]   -0.01951519 
_atom_sites.fract_transf_matrix[2][2]   -0.00226058 
_atom_sites.fract_transf_matrix[2][3]   0.00625031 
_atom_sites.fract_transf_matrix[3][1]   -0.00121698 
_atom_sites.fract_transf_matrix[3][2]   0.00857496 
_atom_sites.fract_transf_matrix[3][3]   -0.00069840 
_atom_sites.fract_transf_vector[1]      -0.437516 
_atom_sites.fract_transf_vector[2]      0.147126 
_atom_sites.fract_transf_vector[3]      -0.076200 
# 
loop_
_atom_type.symbol 
C  
CL 
N  
O  
S  
# 
loop_
_atom_site.group_PDB 
_atom_site.id 
_atom_site.type_symbol 
_atom_site.label_atom_id 
_atom_site.label_alt_id 
_atom_site.label_comp_id 
_atom_site.label_asym_id 
_atom_site.label_entity_id 
_atom_site.label_seq_id 
_atom_site.pdbx_PDB_ins_code 
_atom_site.Cartn_x 
_atom_site.Cartn_y 
_atom_site.Cartn_z 
_atom_site.occupancy 
_atom_site.B_iso_or_equiv 
_atom_site.pdbx_formal_charge 
_atom_site.auth_seq_id 
_atom_site.auth_comp_id 
_atom_site.auth_asym_id 
_atom_site.auth_atom_id 
_atom_site.pdbx_PDB_model_num 
ATOM   1    N  N   . SER A 1 1   ? -2.215  -9.886  -25.015 1.00 27.75 ? 2   SER B N   1 
ATOM   2    C  CA  . SER A 1 1   ? -1.726  -11.215 -24.584 1.00 27.44 ? 2   SER B CA  1 
ATOM   3    C  C   . SER A 1 1   ? -2.652  -11.792 -23.519 1.00 25.58 ? 2   SER B C   1 
ATOM   4    O  O   . SER A 1 1   ? -3.451  -11.054 -22.922 1.00 25.69 ? 2   SER B O   1 
ATOM   5    C  CB  . SER A 1 1   ? -0.308  -11.107 -24.014 1.00 28.34 ? 2   SER B CB  1 
ATOM   6    O  OG  . SER A 1 1   ? -0.323  -10.520 -22.718 1.00 29.18 ? 2   SER B OG  1 
ATOM   7    N  N   . ALA A 1 2   ? -2.538  -13.097 -23.306 1.00 24.66 ? 3   ALA B N   1 
ATOM   8    C  CA  . ALA A 1 2   ? -3.263  -13.793 -22.252 1.00 25.01 ? 3   ALA B CA  1 
ATOM   9    C  C   . ALA A 1 2   ? -2.922  -13.197 -20.891 1.00 24.36 ? 3   ALA B C   1 
ATOM   10   O  O   . ALA A 1 2   ? -3.804  -13.043 -20.050 1.00 22.35 ? 3   ALA B O   1 
ATOM   11   C  CB  . ALA A 1 2   ? -2.953  -15.279 -22.274 1.00 26.56 ? 3   ALA B CB  1 
ATOM   12   N  N   . LYS A 1 3   ? -1.657  -12.858 -20.670 1.00 24.02 ? 4   LYS B N   1 
ATOM   13   C  CA  . LYS A 1 3   ? -1.258  -12.207 -19.416 1.00 24.93 ? 4   LYS B CA  1 
ATOM   14   C  C   . LYS A 1 3   ? -1.906  -10.834 -19.200 1.00 24.38 ? 4   LYS B C   1 
ATOM   15   O  O   . LYS A 1 3   ? -2.369  -10.529 -18.096 1.00 21.70 ? 4   LYS B O   1 
ATOM   16   C  CB  . LYS A 1 3   ? 0.267   -12.102 -19.337 1.00 26.99 ? 4   LYS B CB  1 
ATOM   17   C  CG  . LYS A 1 3   ? 0.915   -13.449 -19.074 1.00 29.67 ? 4   LYS B CG  1 
ATOM   18   C  CD  . LYS A 1 3   ? 2.430   -13.372 -19.001 1.00 32.48 ? 4   LYS B CD  1 
ATOM   19   C  CE  . LYS A 1 3   ? 2.980   -14.659 -18.408 1.00 34.72 ? 4   LYS B CE  1 
ATOM   20   N  NZ  . LYS A 1 3   ? 4.454   -14.621 -18.225 1.00 36.75 ? 4   LYS B NZ  1 
ATOM   21   N  N   . ASP A 1 4   ? -1.963  -10.014 -20.235 1.00 23.25 ? 5   ASP B N   1 
ATOM   22   C  CA  . ASP A 1 4   ? -2.653  -8.723  -20.158 1.00 24.00 ? 5   ASP B CA  1 
ATOM   23   C  C   . ASP A 1 4   ? -4.133  -8.914  -19.765 1.00 21.38 ? 5   ASP B C   1 
ATOM   24   O  O   . ASP A 1 4   ? -4.689  -8.179  -18.944 1.00 20.66 ? 5   ASP B O   1 
ATOM   25   C  CB  . ASP A 1 4   ? -2.606  -7.981  -21.503 1.00 27.65 ? 5   ASP B CB  1 
ATOM   26   C  CG  . ASP A 1 4   ? -1.185  -7.618  -21.940 1.00 30.79 ? 5   ASP B CG  1 
ATOM   27   O  OD1 . ASP A 1 4   ? -0.326  -7.342  -21.077 1.00 33.34 ? 5   ASP B OD1 1 
ATOM   28   O  OD2 . ASP A 1 4   ? -0.940  -7.591  -23.172 1.00 36.75 ? 5   ASP B OD2 1 
ATOM   29   N  N   . GLU A 1 5   ? -4.772  -9.885  -20.391 1.00 19.27 ? 6   GLU B N   1 
ATOM   30   C  CA  . GLU A 1 5   ? -6.158  -10.179 -20.102 1.00 18.83 ? 6   GLU B CA  1 
ATOM   31   C  C   . GLU A 1 5   ? -6.308  -10.693 -18.669 1.00 16.13 ? 6   GLU B C   1 
ATOM   32   O  O   . GLU A 1 5   ? -7.233  -10.293 -17.967 1.00 14.44 ? 6   GLU B O   1 
ATOM   33   C  CB  . GLU A 1 5   ? -6.694  -11.208 -21.101 1.00 19.83 ? 6   GLU B CB  1 
ATOM   34   C  CG  . GLU A 1 5   ? -8.166  -11.550 -20.952 1.00 22.53 ? 6   GLU B CG  1 
ATOM   35   C  CD  . GLU A 1 5   ? -9.101  -10.400 -21.301 1.00 26.02 ? 6   GLU B CD  1 
ATOM   36   O  OE1 . GLU A 1 5   ? -8.679  -9.432  -21.945 1.00 30.55 ? 6   GLU B OE1 1 
ATOM   37   O  OE2 . GLU A 1 5   ? -10.286 -10.477 -20.919 1.00 34.30 ? 6   GLU B OE2 1 
ATOM   38   N  N   . ARG A 1 6   ? -5.411  -11.556 -18.219 1.00 15.64 ? 7   ARG B N   1 
ATOM   39   C  CA  A ARG A 1 6   ? -5.530  -12.095 -16.860 0.50 15.06 ? 7   ARG B CA  1 
ATOM   40   C  CA  B ARG A 1 6   ? -5.451  -12.091 -16.875 0.50 14.86 ? 7   ARG B CA  1 
ATOM   41   C  C   . ARG A 1 6   ? -5.328  -10.977 -15.847 1.00 14.91 ? 7   ARG B C   1 
ATOM   42   O  O   . ARG A 1 6   ? -6.035  -10.949 -14.863 1.00 13.91 ? 7   ARG B O   1 
ATOM   43   C  CB  A ARG A 1 6   ? -4.573  -13.282 -16.587 0.50 15.76 ? 7   ARG B CB  1 
ATOM   44   C  CB  B ARG A 1 6   ? -4.283  -13.069 -16.715 0.50 15.10 ? 7   ARG B CB  1 
ATOM   45   C  CG  A ARG A 1 6   ? -4.786  -13.938 -15.217 0.50 16.48 ? 7   ARG B CG  1 
ATOM   46   C  CG  B ARG A 1 6   ? -4.259  -13.733 -15.367 0.50 15.30 ? 7   ARG B CG  1 
ATOM   47   C  CD  A ARG A 1 6   ? -4.007  -15.242 -15.045 0.50 17.65 ? 7   ARG B CD  1 
ATOM   48   C  CD  B ARG A 1 6   ? -5.633  -14.269 -15.054 0.50 15.49 ? 7   ARG B CD  1 
ATOM   49   N  NE  A ARG A 1 6   ? -2.632  -14.994 -14.620 0.50 19.89 ? 7   ARG B NE  1 
ATOM   50   N  NE  B ARG A 1 6   ? -5.653  -14.953 -13.793 0.50 15.69 ? 7   ARG B NE  1 
ATOM   51   C  CZ  A ARG A 1 6   ? -2.226  -14.978 -13.349 0.50 19.11 ? 7   ARG B CZ  1 
ATOM   52   C  CZ  B ARG A 1 6   ? -6.762  -15.280 -13.158 0.50 14.96 ? 7   ARG B CZ  1 
ATOM   53   N  NH1 A ARG A 1 6   ? -3.059  -15.235 -12.338 0.50 18.89 ? 7   ARG B NH1 1 
ATOM   54   N  NH1 B ARG A 1 6   ? -7.935  -14.968 -13.686 0.50 12.85 ? 7   ARG B NH1 1 
ATOM   55   N  NH2 A ARG A 1 6   ? -0.963  -14.738 -13.087 0.50 22.01 ? 7   ARG B NH2 1 
ATOM   56   N  NH2 B ARG A 1 6   ? -6.674  -15.911 -11.996 0.50 15.46 ? 7   ARG B NH2 1 
ATOM   57   N  N   . ALA A 1 7   ? -4.387  -10.072 -16.096 1.00 15.02 ? 8   ALA B N   1 
ATOM   58   C  CA  . ALA A 1 7   ? -4.187  -8.929  -15.204 1.00 14.88 ? 8   ALA B CA  1 
ATOM   59   C  C   . ALA A 1 7   ? -5.474  -8.145  -15.056 1.00 14.36 ? 8   ALA B C   1 
ATOM   60   O  O   . ALA A 1 7   ? -5.829  -7.759  -13.933 1.00 13.82 ? 8   ALA B O   1 
ATOM   61   C  CB  . ALA A 1 7   ? -3.088  -8.018  -15.710 1.00 15.71 ? 8   ALA B CB  1 
ATOM   62   N  N   . ARG A 1 8   ? -6.156  -7.882  -16.166 1.00 13.73 ? 9   ARG B N   1 
ATOM   63   C  CA  A ARG A 1 8   ? -7.409  -7.141  -16.078 0.50 13.88 ? 9   ARG B CA  1 
ATOM   64   C  CA  B ARG A 1 8   ? -7.425  -7.148  -16.148 0.50 14.39 ? 9   ARG B CA  1 
ATOM   65   C  C   . ARG A 1 8   ? -8.504  -7.927  -15.380 1.00 13.59 ? 9   ARG B C   1 
ATOM   66   O  O   . ARG A 1 8   ? -9.350  -7.347  -14.700 1.00 12.58 ? 9   ARG B O   1 
ATOM   67   C  CB  A ARG A 1 8   ? -7.882  -6.680  -17.438 0.50 15.09 ? 9   ARG B CB  1 
ATOM   68   C  CB  B ARG A 1 8   ? -7.909  -6.836  -17.580 0.50 16.55 ? 9   ARG B CB  1 
ATOM   69   C  CG  A ARG A 1 8   ? -7.065  -5.512  -17.947 0.50 16.70 ? 9   ARG B CG  1 
ATOM   70   C  CG  B ARG A 1 8   ? -7.036  -5.832  -18.354 0.50 18.97 ? 9   ARG B CG  1 
ATOM   71   C  CD  A ARG A 1 8   ? -7.594  -4.988  -19.256 0.50 18.26 ? 9   ARG B CD  1 
ATOM   72   C  CD  B ARG A 1 8   ? -7.386  -5.708  -19.841 0.50 21.69 ? 9   ARG B CD  1 
ATOM   73   N  NE  A ARG A 1 8   ? -6.635  -4.092  -19.867 0.50 20.84 ? 9   ARG B NE  1 
ATOM   74   N  NE  B ARG A 1 8   ? -8.346  -6.721  -20.271 0.50 24.39 ? 9   ARG B NE  1 
ATOM   75   C  CZ  A ARG A 1 8   ? -6.822  -3.512  -21.042 0.50 21.76 ? 9   ARG B CZ  1 
ATOM   76   C  CZ  B ARG A 1 8   ? -9.472  -6.462  -20.927 0.50 25.07 ? 9   ARG B CZ  1 
ATOM   77   N  NH1 A ARG A 1 8   ? -7.925  -3.767  -21.725 0.50 22.92 ? 9   ARG B NH1 1 
ATOM   78   N  NH1 B ARG A 1 8   ? -10.289 -7.444  -21.258 0.50 27.39 ? 9   ARG B NH1 1 
ATOM   79   N  NH2 A ARG A 1 8   ? -5.908  -2.685  -21.526 0.50 23.18 ? 9   ARG B NH2 1 
ATOM   80   N  NH2 B ARG A 1 8   ? -9.771  -5.226  -21.277 0.50 26.41 ? 9   ARG B NH2 1 
ATOM   81   N  N   . GLU A 1 9   ? -8.509  -9.254  -15.525 1.00 12.37 ? 10  GLU B N   1 
ATOM   82   C  CA  . GLU A 1 9   ? -9.469  -10.083 -14.805 1.00 12.08 ? 10  GLU B CA  1 
ATOM   83   C  C   . GLU A 1 9   ? -9.249  -10.027 -13.292 1.00 11.74 ? 10  GLU B C   1 
ATOM   84   O  O   . GLU A 1 9   ? -10.190 -9.920  -12.507 1.00 11.26 ? 10  GLU B O   1 
ATOM   85   C  CB  . GLU A 1 9   ? -9.351  -11.534 -15.259 1.00 13.23 ? 10  GLU B CB  1 
ATOM   86   N  N   . ILE A 1 10  ? -7.987  -10.115 -12.878 1.00 11.67 ? 11  ILE B N   1 
ATOM   87   C  CA  . ILE A 1 10  ? -7.672  -10.019 -11.469 1.00 11.66 ? 11  ILE B CA  1 
ATOM   88   C  C   . ILE A 1 10  ? -8.124  -8.655  -10.905 1.00 11.77 ? 11  ILE B C   1 
ATOM   89   O  O   . ILE A 1 10  ? -8.765  -8.578  -9.864  1.00 11.78 ? 11  ILE B O   1 
ATOM   90   C  CB  . ILE A 1 10  ? -6.180  -10.221 -11.190 1.00 12.34 ? 11  ILE B CB  1 
ATOM   91   C  CG1 . ILE A 1 10  ? -5.755  -11.642 -11.607 1.00 13.19 ? 11  ILE B CG1 1 
ATOM   92   C  CG2 . ILE A 1 10  ? -5.891  -9.944  -9.714  1.00 13.21 ? 11  ILE B CG2 1 
ATOM   93   C  CD1 . ILE A 1 10  ? -4.250  -11.852 -11.665 1.00 13.50 ? 11  ILE B CD1 1 
ATOM   94   N  N   . LEU A 1 11  ? -7.780  -7.581  -11.606 1.00 11.29 ? 12  LEU B N   1 
ATOM   95   C  CA  . LEU A 1 11  ? -8.206  -6.261  -11.127 1.00 11.62 ? 12  LEU B CA  1 
ATOM   96   C  C   . LEU A 1 11  ? -9.731  -6.166  -11.034 1.00 11.38 ? 12  LEU B C   1 
ATOM   97   O  O   . LEU A 1 11  ? -10.252 -5.704  -10.007 1.00 12.35 ? 12  LEU B O   1 
ATOM   98   C  CB  . LEU A 1 11  ? -7.667  -5.186  -12.057 1.00 12.36 ? 12  LEU B CB  1 
ATOM   99   C  CG  . LEU A 1 11  ? -8.095  -3.762  -11.665 1.00 13.41 ? 12  LEU B CG  1 
ATOM   100  C  CD1 . LEU A 1 11  ? -7.671  -3.415  -10.250 1.00 14.31 ? 12  LEU B CD1 1 
ATOM   101  C  CD2 . LEU A 1 11  ? -7.521  -2.797  -12.684 1.00 14.19 ? 12  LEU B CD2 1 
ATOM   102  N  N   . ARG A 1 12  ? -10.441 -6.669  -12.041 1.00 11.37 ? 13  ARG B N   1 
ATOM   103  C  CA  . ARG A 1 12  ? -11.884 -6.638  -12.028 1.00 11.72 ? 13  ARG B CA  1 
ATOM   104  C  C   . ARG A 1 12  ? -12.461 -7.316  -10.792 1.00 12.21 ? 13  ARG B C   1 
ATOM   105  O  O   . ARG A 1 12  ? -13.464 -6.875  -10.220 1.00 12.67 ? 13  ARG B O   1 
ATOM   106  C  CB  . ARG A 1 12  ? -12.458 -7.287  -13.283 1.00 11.69 ? 13  ARG B CB  1 
ATOM   107  C  CG  . ARG A 1 12  ? -13.971 -7.404  -13.285 1.00 12.21 ? 13  ARG B CG  1 
ATOM   108  C  CD  . ARG A 1 12  ? -14.490 -7.960  -14.597 1.00 12.07 ? 13  ARG B CD  1 
ATOM   109  N  NE  . ARG A 1 12  ? -15.924 -8.144  -14.481 1.00 12.63 ? 13  ARG B NE  1 
ATOM   110  C  CZ  . ARG A 1 12  ? -16.815 -7.161  -14.510 1.00 13.23 ? 13  ARG B CZ  1 
ATOM   111  N  NH1 . ARG A 1 12  ? -16.462 -5.932  -14.828 1.00 12.94 ? 13  ARG B NH1 1 
ATOM   112  N  NH2 . ARG A 1 12  ? -18.078 -7.427  -14.264 1.00 14.68 ? 13  ARG B NH2 1 
ATOM   113  N  N   . GLY A 1 13  ? -11.830 -8.391  -10.334 1.00 11.88 ? 14  GLY B N   1 
ATOM   114  C  CA  . GLY A 1 13  ? -12.340 -9.113  -9.183  1.00 12.07 ? 14  GLY B CA  1 
ATOM   115  C  C   . GLY A 1 13  ? -11.788 -8.728  -7.840  1.00 12.93 ? 14  GLY B C   1 
ATOM   116  O  O   . GLY A 1 13  ? -12.091 -9.372  -6.852  1.00 13.22 ? 14  GLY B O   1 
ATOM   117  N  N   . PHE A 1 14  ? -10.962 -7.696  -7.790  1.00 12.76 ? 15  PHE B N   1 
ATOM   118  C  CA  . PHE A 1 14  ? -10.257 -7.295  -6.574  1.00 13.15 ? 15  PHE B CA  1 
ATOM   119  C  C   . PHE A 1 14  ? -10.943 -6.122  -5.882  1.00 13.61 ? 15  PHE B C   1 
ATOM   120  O  O   . PHE A 1 14  ? -11.406 -5.198  -6.544  1.00 14.20 ? 15  PHE B O   1 
ATOM   121  C  CB  . PHE A 1 14  ? -8.818  -6.900  -6.930  1.00 14.07 ? 15  PHE B CB  1 
ATOM   122  C  CG  . PHE A 1 14  ? -7.997  -6.486  -5.749  1.00 15.06 ? 15  PHE B CG  1 
ATOM   123  C  CD1 . PHE A 1 14  ? -7.361  -7.434  -4.961  1.00 16.64 ? 15  PHE B CD1 1 
ATOM   124  C  CD2 . PHE A 1 14  ? -7.891  -5.136  -5.410  1.00 16.84 ? 15  PHE B CD2 1 
ATOM   125  C  CE1 . PHE A 1 14  ? -6.614  -7.030  -3.856  1.00 18.07 ? 15  PHE B CE1 1 
ATOM   126  C  CE2 . PHE A 1 14  ? -7.145  -4.743  -4.329  1.00 18.28 ? 15  PHE B CE2 1 
ATOM   127  C  CZ  . PHE A 1 14  ? -6.505  -5.684  -3.571  1.00 18.23 ? 15  PHE B CZ  1 
ATOM   128  N  N   . LYS A 1 15  ? -10.993 -6.155  -4.560  1.00 13.45 ? 16  LYS B N   1 
ATOM   129  C  CA  . LYS A 1 15  ? -11.402 -4.989  -3.783  1.00 15.29 ? 16  LYS B CA  1 
ATOM   130  C  C   . LYS A 1 15  ? -10.613 -4.963  -2.500  1.00 14.95 ? 16  LYS B C   1 
ATOM   131  O  O   . LYS A 1 15  ? -10.502 -5.963  -1.798  1.00 14.63 ? 16  LYS B O   1 
ATOM   132  C  CB  . LYS A 1 15  ? -12.907 -5.003  -3.488  1.00 18.12 ? 16  LYS B CB  1 
ATOM   133  C  CG  . LYS A 1 15  ? -13.406 -3.668  -2.931  1.00 20.46 ? 16  LYS B CG  1 
ATOM   134  C  CD  . LYS A 1 15  ? -14.912 -3.537  -2.898  1.00 22.88 ? 16  LYS B CD  1 
ATOM   135  C  CE  . LYS A 1 15  ? -15.318 -2.143  -2.432  1.00 24.38 ? 16  LYS B CE  1 
ATOM   136  N  NZ  . LYS A 1 15  ? -16.720 -2.133  -1.935  1.00 26.43 ? 16  LYS B NZ  1 
ATOM   137  N  N   . LEU A 1 16  ? -10.092 -3.794  -2.142  1.00 14.71 ? 17  LEU B N   1 
ATOM   138  C  CA  . LEU A 1 16  ? -9.571  -3.559  -0.822  1.00 16.17 ? 17  LEU B CA  1 
ATOM   139  C  C   . LEU A 1 16  ? -10.723 -3.050  0.035   1.00 15.86 ? 17  LEU B C   1 
ATOM   140  O  O   . LEU A 1 16  ? -11.317 -2.016  -0.277  1.00 17.31 ? 17  LEU B O   1 
ATOM   141  C  CB  . LEU A 1 16  ? -8.443  -2.525  -0.909  1.00 18.13 ? 17  LEU B CB  1 
ATOM   142  C  CG  . LEU A 1 16  ? -7.560  -2.261  0.297   1.00 20.62 ? 17  LEU B CG  1 
ATOM   143  C  CD1 . LEU A 1 16  ? -6.284  -1.565  -0.182  1.00 21.02 ? 17  LEU B CD1 1 
ATOM   144  C  CD2 . LEU A 1 16  ? -8.277  -1.415  1.339   1.00 21.96 ? 17  LEU B CD2 1 
ATOM   145  N  N   . ASN A 1 17  ? -11.047 -3.786  1.091   1.00 16.01 ? 18  ASN B N   1 
ATOM   146  C  CA  . ASN A 1 17  ? -12.228 -3.518  1.927   1.00 16.78 ? 18  ASN B CA  1 
ATOM   147  C  C   . ASN A 1 17  ? -11.956 -2.554  3.064   1.00 16.86 ? 18  ASN B C   1 
ATOM   148  O  O   . ASN A 1 17  ? -12.763 -1.641  3.314   1.00 18.78 ? 18  ASN B O   1 
ATOM   149  C  CB  . ASN A 1 17  ? -12.760 -4.831  2.501   1.00 17.14 ? 18  ASN B CB  1 
ATOM   150  C  CG  . ASN A 1 17  ? -13.134 -5.816  1.423   1.00 16.33 ? 18  ASN B CG  1 
ATOM   151  O  OD1 . ASN A 1 17  ? -13.915 -5.504  0.535   1.00 18.10 ? 18  ASN B OD1 1 
ATOM   152  N  ND2 . ASN A 1 17  ? -12.585 -7.015  1.505   1.00 18.02 ? 18  ASN B ND2 1 
ATOM   153  N  N   . TRP A 1 18  ? -10.868 -2.767  3.768   1.00 15.74 ? 19  TRP B N   1 
ATOM   154  C  CA  . TRP A 1 18  ? -10.457 -1.890  4.851   1.00 15.95 ? 19  TRP B CA  1 
ATOM   155  C  C   . TRP A 1 18  ? -8.986  -2.033  5.126   1.00 15.91 ? 19  TRP B C   1 
ATOM   156  O  O   . TRP A 1 18  ? -8.325  -2.985  4.693   1.00 15.22 ? 19  TRP B O   1 
ATOM   157  C  CB  . TRP A 1 18  ? -11.277 -2.138  6.135   1.00 17.36 ? 19  TRP B CB  1 
ATOM   158  C  CG  . TRP A 1 18  ? -11.289 -3.543  6.696   1.00 17.67 ? 19  TRP B CG  1 
ATOM   159  C  CD1 . TRP A 1 18  ? -12.263 -4.476  6.500   1.00 19.55 ? 19  TRP B CD1 1 
ATOM   160  C  CD2 . TRP A 1 18  ? -10.314 -4.156  7.548   1.00 17.47 ? 19  TRP B CD2 1 
ATOM   161  N  NE1 . TRP A 1 18  ? -11.957 -5.628  7.168   1.00 19.26 ? 19  TRP B NE1 1 
ATOM   162  C  CE2 . TRP A 1 18  ? -10.767 -5.471  7.820   1.00 18.86 ? 19  TRP B CE2 1 
ATOM   163  C  CE3 . TRP A 1 18  ? -9.093  -3.736  8.092   1.00 18.49 ? 19  TRP B CE3 1 
ATOM   164  C  CZ2 . TRP A 1 18  ? -10.046 -6.354  8.623   1.00 19.41 ? 19  TRP B CZ2 1 
ATOM   165  C  CZ3 . TRP A 1 18  ? -8.378  -4.607  8.882   1.00 19.14 ? 19  TRP B CZ3 1 
ATOM   166  C  CH2 . TRP A 1 18  ? -8.860  -5.914  9.142   1.00 19.92 ? 19  TRP B CH2 1 
ATOM   167  N  N   . MET A 1 19  ? -8.455  -1.048  5.841   1.00 15.71 ? 20  MET B N   1 
ATOM   168  C  CA  . MET A 1 19  ? -7.067  -1.029  6.155   1.00 16.76 ? 20  MET B CA  1 
ATOM   169  C  C   . MET A 1 19  ? -6.838  -0.226  7.421   1.00 15.64 ? 20  MET B C   1 
ATOM   170  O  O   . MET A 1 19  ? -7.596  0.699   7.716   1.00 17.24 ? 20  MET B O   1 
ATOM   171  C  CB  . MET A 1 19  ? -6.302  -0.416  4.985   1.00 18.31 ? 20  MET B CB  1 
ATOM   172  C  CG  . MET A 1 19  ? -4.801  -0.316  5.139   1.00 19.76 ? 20  MET B CG  1 
ATOM   173  S  SD  . MET A 1 19  ? -3.965  -0.080  3.550   1.00 23.30 ? 20  MET B SD  1 
ATOM   174  C  CE  . MET A 1 19  ? -4.912  1.262   2.846   1.00 22.24 ? 20  MET B CE  1 
ATOM   175  N  N   . ASN A 1 20  ? -5.825  -0.603  8.165   1.00 16.60 ? 21  ASN B N   1 
ATOM   176  C  CA  . ASN A 1 20  ? -5.369  0.210   9.274   1.00 18.61 ? 21  ASN B CA  1 
ATOM   177  C  C   . ASN A 1 20  ? -3.866  0.182   9.452   1.00 18.03 ? 21  ASN B C   1 
ATOM   178  O  O   . ASN A 1 20  ? -3.151  -0.681  8.930   1.00 17.66 ? 21  ASN B O   1 
ATOM   179  C  CB  . ASN A 1 20  ? -6.084  -0.165  10.579  1.00 19.96 ? 21  ASN B CB  1 
ATOM   180  C  CG  . ASN A 1 20  ? -5.830  -1.590  11.004  1.00 21.27 ? 21  ASN B CG  1 
ATOM   181  O  OD1 . ASN A 1 20  ? -4.690  -1.984  11.190  1.00 23.51 ? 21  ASN B OD1 1 
ATOM   182  N  ND2 . ASN A 1 20  ? -6.905  -2.375  11.168  1.00 22.91 ? 21  ASN B ND2 1 
ATOM   183  N  N   . LEU A 1 21  ? -3.379  1.177   10.196  1.00 17.12 ? 22  LEU B N   1 
ATOM   184  C  CA  . LEU A 1 21  ? -1.997  1.304   10.556  1.00 17.28 ? 22  LEU B CA  1 
ATOM   185  C  C   . LEU A 1 21  ? -1.890  1.429   12.069  1.00 17.85 ? 22  LEU B C   1 
ATOM   186  O  O   . LEU A 1 21  ? -2.712  2.120   12.670  1.00 18.86 ? 22  LEU B O   1 
ATOM   187  C  CB  . LEU A 1 21  ? -1.397  2.582   9.960   1.00 16.96 ? 22  LEU B CB  1 
ATOM   188  C  CG  . LEU A 1 21  ? -1.390  2.722   8.441   1.00 17.04 ? 22  LEU B CG  1 
ATOM   189  C  CD1 . LEU A 1 21  ? -0.810  4.078   8.072   1.00 16.89 ? 22  LEU B CD1 1 
ATOM   190  C  CD2 . LEU A 1 21  ? -0.625  1.600   7.787   1.00 17.63 ? 22  LEU B CD2 1 
ATOM   191  N  N   . ARG A 1 22  ? -0.867  0.778   12.620  1.00 18.52 ? 23  ARG B N   1 
ATOM   192  C  CA  . ARG A 1 22  ? -0.567  0.807   14.060  1.00 21.02 ? 23  ARG B CA  1 
ATOM   193  C  C   . ARG A 1 22  ? 0.888   1.066   14.305  1.00 20.62 ? 23  ARG B C   1 
ATOM   194  O  O   . ARG A 1 22  ? 1.741   0.682   13.537  1.00 20.67 ? 23  ARG B O   1 
ATOM   195  C  CB  . ARG A 1 22  ? -0.843  -0.564  14.689  1.00 24.34 ? 23  ARG B CB  1 
ATOM   196  C  CG  . ARG A 1 22  ? -2.290  -0.951  14.769  1.00 28.19 ? 23  ARG B CG  1 
ATOM   197  C  CD  . ARG A 1 22  ? -2.375  -2.406  15.220  1.00 31.89 ? 23  ARG B CD  1 
ATOM   198  N  NE  . ARG A 1 22  ? -3.755  -2.823  15.448  1.00 37.35 ? 23  ARG B NE  1 
ATOM   199  C  CZ  . ARG A 1 22  ? -4.567  -3.332  14.522  1.00 40.74 ? 23  ARG B CZ  1 
ATOM   200  N  NH1 . ARG A 1 22  ? -4.155  -3.518  13.276  1.00 42.24 ? 23  ARG B NH1 1 
ATOM   201  N  NH2 . ARG A 1 22  ? -5.810  -3.670  14.851  1.00 44.22 ? 23  ARG B NH2 1 
ATOM   202  N  N   . ASP A 1 23  ? 1.179   1.684   15.449  1.00 22.26 ? 24  ASP B N   1 
ATOM   203  C  CA  . ASP A 1 23  ? 2.530   1.725   15.967  1.00 24.25 ? 24  ASP B CA  1 
ATOM   204  C  C   . ASP A 1 23  ? 2.898   0.284   16.337  1.00 25.19 ? 24  ASP B C   1 
ATOM   205  O  O   . ASP A 1 23  ? 2.197   -0.339  17.133  1.00 26.62 ? 24  ASP B O   1 
ATOM   206  C  CB  . ASP A 1 23  ? 2.547   2.640   17.195  1.00 25.98 ? 24  ASP B CB  1 
ATOM   207  C  CG  . ASP A 1 23  ? 3.930   2.834   17.783  1.00 28.87 ? 24  ASP B CG  1 
ATOM   208  O  OD1 . ASP A 1 23  ? 4.782   1.923   17.710  1.00 30.76 ? 24  ASP B OD1 1 
ATOM   209  O  OD2 . ASP A 1 23  ? 4.155   3.930   18.342  1.00 32.00 ? 24  ASP B OD2 1 
ATOM   210  N  N   . ALA A 1 24  ? 3.958   -0.254  15.735  1.00 26.63 ? 25  ALA B N   1 
ATOM   211  C  CA  . ALA A 1 24  ? 4.289   -1.673  15.909  1.00 28.03 ? 25  ALA B CA  1 
ATOM   212  C  C   . ALA A 1 24  ? 4.754   -1.964  17.340  1.00 30.89 ? 25  ALA B C   1 
ATOM   213  O  O   . ALA A 1 24  ? 4.500   -3.050  17.857  1.00 34.67 ? 25  ALA B O   1 
ATOM   214  C  CB  . ALA A 1 24  ? 5.341   -2.124  14.903  1.00 28.39 ? 25  ALA B CB  1 
ATOM   215  N  N   . GLU A 1 25  ? 5.421   -0.994  17.969  1.00 31.82 ? 26  GLU B N   1 
ATOM   216  C  CA  . GLU A 1 25  ? 5.927   -1.170  19.340  1.00 32.51 ? 26  GLU B CA  1 
ATOM   217  C  C   . GLU A 1 25  ? 4.787   -1.194  20.355  1.00 32.10 ? 26  GLU B C   1 
ATOM   218  O  O   . GLU A 1 25  ? 4.720   -2.088  21.202  1.00 33.83 ? 26  GLU B O   1 
ATOM   219  C  CB  . GLU A 1 25  ? 6.914   -0.063  19.682  1.00 33.02 ? 26  GLU B CB  1 
ATOM   220  N  N   . THR A 1 26  ? 3.880   -0.230  20.249  1.00 30.73 ? 27  THR B N   1 
ATOM   221  C  CA  . THR A 1 26  ? 2.838   -0.008  21.244  1.00 30.98 ? 27  THR B CA  1 
ATOM   222  C  C   . THR A 1 26  ? 1.461   -0.563  20.885  1.00 30.38 ? 27  THR B C   1 
ATOM   223  O  O   . THR A 1 26  ? 0.585   -0.676  21.760  1.00 29.74 ? 27  THR B O   1 
ATOM   224  C  CB  . THR A 1 26  ? 2.666   1.491   21.518  1.00 32.80 ? 27  THR B CB  1 
ATOM   225  O  OG1 . THR A 1 26  ? 2.008   2.118   20.406  1.00 31.14 ? 27  THR B OG1 1 
ATOM   226  C  CG2 . THR A 1 26  ? 4.028   2.142   21.753  1.00 32.57 ? 27  THR B CG2 1 
ATOM   227  N  N   . GLY A 1 27  ? 1.242   -0.863  19.607  1.00 28.14 ? 28  GLY B N   1 
ATOM   228  C  CA  . GLY A 1 27  ? -0.047  -1.393  19.158  1.00 26.50 ? 28  GLY B CA  1 
ATOM   229  C  C   . GLY A 1 27  ? -1.127  -0.352  18.932  1.00 25.65 ? 28  GLY B C   1 
ATOM   230  O  O   . GLY A 1 27  ? -2.250  -0.676  18.531  1.00 26.08 ? 28  GLY B O   1 
ATOM   231  N  N   . LYS A 1 28  ? -0.798  0.916   19.160  1.00 25.83 ? 29  LYS B N   1 
ATOM   232  C  CA  . LYS A 1 28  ? -1.793  1.959   19.074  1.00 28.13 ? 29  LYS B CA  1 
ATOM   233  C  C   . LYS A 1 28  ? -2.136  2.234   17.606  1.00 25.50 ? 29  LYS B C   1 
ATOM   234  O  O   . LYS A 1 28  ? -1.248  2.400   16.773  1.00 25.93 ? 29  LYS B O   1 
ATOM   235  C  CB  . LYS A 1 28  ? -1.292  3.234   19.748  1.00 32.01 ? 29  LYS B CB  1 
ATOM   236  C  CG  . LYS A 1 28  ? -2.278  4.388   19.682  1.00 36.79 ? 29  LYS B CG  1 
ATOM   237  C  CD  . LYS A 1 28  ? -2.175  5.273   20.917  1.00 41.09 ? 29  LYS B CD  1 
ATOM   238  C  CE  . LYS A 1 28  ? -3.129  6.457   20.845  1.00 43.90 ? 29  LYS B CE  1 
ATOM   239  N  NZ  . LYS A 1 28  ? -3.280  7.099   22.182  1.00 46.44 ? 29  LYS B NZ  1 
ATOM   240  N  N   . ILE A 1 29  ? -3.426  2.267   17.329  1.00 24.35 ? 30  ILE B N   1 
ATOM   241  C  CA  . ILE A 1 29  ? -3.944  2.540   15.998  1.00 26.08 ? 30  ILE B CA  1 
ATOM   242  C  C   . ILE A 1 29  ? -3.705  3.994   15.621  1.00 24.63 ? 30  ILE B C   1 
ATOM   243  O  O   . ILE A 1 29  ? -4.112  4.911   16.336  1.00 26.43 ? 30  ILE B O   1 
ATOM   244  C  CB  . ILE A 1 29  ? -5.442  2.210   15.910  1.00 27.89 ? 30  ILE B CB  1 
ATOM   245  C  CG1 . ILE A 1 29  ? -5.619  0.683   16.022  1.00 29.58 ? 30  ILE B CG1 1 
ATOM   246  C  CG2 . ILE A 1 29  ? -6.049  2.748   14.615  1.00 28.71 ? 30  ILE B CG2 1 
ATOM   247  C  CD1 . ILE A 1 29  ? -7.044  0.220   16.216  1.00 30.79 ? 30  ILE B CD1 1 
ATOM   248  N  N   . LEU A 1 30  ? -3.062  4.183   14.474  1.00 22.02 ? 31  LEU B N   1 
ATOM   249  C  CA  . LEU A 1 30  ? -2.719  5.507   13.950  1.00 21.77 ? 31  LEU B CA  1 
ATOM   250  C  C   . LEU A 1 30  ? -3.668  5.983   12.872  1.00 22.45 ? 31  LEU B C   1 
ATOM   251  O  O   . LEU A 1 30  ? -3.868  7.186   12.710  1.00 22.81 ? 31  LEU B O   1 
ATOM   252  C  CB  . LEU A 1 30  ? -1.315  5.457   13.372  1.00 23.25 ? 31  LEU B CB  1 
ATOM   253  C  CG  . LEU A 1 30  ? -0.234  5.116   14.398  1.00 24.74 ? 31  LEU B CG  1 
ATOM   254  C  CD1 . LEU A 1 30  ? 1.036   4.683   13.688  1.00 25.91 ? 31  LEU B CD1 1 
ATOM   255  C  CD2 . LEU A 1 30  ? 0.011   6.283   15.348  1.00 27.48 ? 31  LEU B CD2 1 
ATOM   256  N  N   . TRP A 1 31  ? -4.219  5.056   12.093  1.00 21.19 ? 32  TRP B N   1 
ATOM   257  C  CA  . TRP A 1 31  ? -5.022  5.391   10.942  1.00 20.08 ? 32  TRP B CA  1 
ATOM   258  C  C   . TRP A 1 31  ? -5.894  4.204   10.601  1.00 19.06 ? 32  TRP B C   1 
ATOM   259  O  O   . TRP A 1 31  ? -5.449  3.070   10.716  1.00 18.84 ? 32  TRP B O   1 
ATOM   260  C  CB  . TRP A 1 31  ? -4.123  5.740   9.739   1.00 19.97 ? 32  TRP B CB  1 
ATOM   261  C  CG  . TRP A 1 31  ? -4.884  6.166   8.514   1.00 20.04 ? 32  TRP B CG  1 
ATOM   262  C  CD1 . TRP A 1 31  ? -5.238  7.441   8.178   1.00 18.94 ? 32  TRP B CD1 1 
ATOM   263  C  CD2 . TRP A 1 31  ? -5.393  5.329   7.470   1.00 19.19 ? 32  TRP B CD2 1 
ATOM   264  N  NE1 . TRP A 1 31  ? -5.944  7.448   7.005   1.00 18.85 ? 32  TRP B NE1 1 
ATOM   265  C  CE2 . TRP A 1 31  ? -6.041  6.164   6.535   1.00 18.95 ? 32  TRP B CE2 1 
ATOM   266  C  CE3 . TRP A 1 31  ? -5.352  3.949   7.222   1.00 19.99 ? 32  TRP B CE3 1 
ATOM   267  C  CZ2 . TRP A 1 31  ? -6.659  5.673   5.392   1.00 19.54 ? 32  TRP B CZ2 1 
ATOM   268  C  CZ3 . TRP A 1 31  ? -5.972  3.467   6.080   1.00 20.87 ? 32  TRP B CZ3 1 
ATOM   269  C  CH2 . TRP A 1 31  ? -6.626  4.321   5.187   1.00 20.60 ? 32  TRP B CH2 1 
ATOM   270  N  N   . GLN A 1 32  ? -7.102  4.474   10.171  1.00 20.10 ? 33  GLN B N   1 
ATOM   271  C  CA  . GLN A 1 32  ? -7.943  3.435   9.600   1.00 22.34 ? 33  GLN B CA  1 
ATOM   272  C  C   . GLN A 1 32  ? -8.837  4.006   8.524   1.00 21.96 ? 33  GLN B C   1 
ATOM   273  O  O   . GLN A 1 32  ? -9.183  5.184   8.534   1.00 22.92 ? 33  GLN B O   1 
ATOM   274  C  CB  . GLN A 1 32  ? -8.743  2.697   10.683  1.00 25.89 ? 33  GLN B CB  1 
ATOM   275  C  CG  . GLN A 1 32  ? -9.570  3.542   11.609  1.00 30.14 ? 33  GLN B CG  1 
ATOM   276  C  CD  . GLN A 1 32  ? -9.991  2.756   12.849  1.00 33.85 ? 33  GLN B CD  1 
ATOM   277  O  OE1 . GLN A 1 32  ? -10.090 1.519   12.824  1.00 37.50 ? 33  GLN B OE1 1 
ATOM   278  N  NE2 . GLN A 1 32  ? -10.228 3.464   13.937  1.00 35.69 ? 33  GLN B NE2 1 
ATOM   279  N  N   . GLY A 1 33  ? -9.222  3.166   7.575   1.00 21.01 ? 34  GLY B N   1 
ATOM   280  C  CA  . GLY A 1 33  ? -10.098 3.590   6.517   1.00 21.10 ? 34  GLY B CA  1 
ATOM   281  C  C   . GLY A 1 33  ? -10.760 2.403   5.856   1.00 20.73 ? 34  GLY B C   1 
ATOM   282  O  O   . GLY A 1 33  ? -10.287 1.273   6.011   1.00 20.29 ? 34  GLY B O   1 
ATOM   283  N  N   . THR A 1 34  ? -11.844 2.674   5.136   1.00 21.76 ? 35  THR B N   1 
ATOM   284  C  CA  . THR A 1 34  ? -12.601 1.671   4.392   1.00 23.49 ? 35  THR B CA  1 
ATOM   285  C  C   . THR A 1 34  ? -12.757 2.026   2.917   1.00 23.46 ? 35  THR B C   1 
ATOM   286  O  O   . THR A 1 34  ? -13.645 1.478   2.244   1.00 26.95 ? 35  THR B O   1 
ATOM   287  C  CB  . THR A 1 34  ? -14.003 1.501   4.996   1.00 24.85 ? 35  THR B CB  1 
ATOM   288  O  OG1 . THR A 1 34  ? -14.691 2.758   4.929   1.00 26.64 ? 35  THR B OG1 1 
ATOM   289  C  CG2 . THR A 1 34  ? -13.900 1.063   6.435   1.00 25.80 ? 35  THR B CG2 1 
ATOM   290  N  N   . GLU A 1 35  ? -11.934 2.958   2.441   1.00 24.14 ? 36  GLU B N   1 
ATOM   291  C  CA  . GLU A 1 35  ? -11.907 3.372   1.043   1.00 23.66 ? 36  GLU B CA  1 
ATOM   292  C  C   . GLU A 1 35  ? -10.801 2.598   0.326   1.00 20.46 ? 36  GLU B C   1 
ATOM   293  O  O   . GLU A 1 35  ? -9.716  2.388   0.890   1.00 20.63 ? 36  GLU B O   1 
ATOM   294  C  CB  . GLU A 1 35  ? -11.625 4.863   0.925   1.00 26.48 ? 36  GLU B CB  1 
ATOM   295  N  N   . ASP A 1 36  ? -11.070 2.175   -0.898  1.00 17.87 ? 37  ASP B N   1 
ATOM   296  C  CA  . ASP A 1 36  ? -10.113 1.383   -1.648  1.00 16.18 ? 37  ASP B CA  1 
ATOM   297  C  C   . ASP A 1 36  ? -9.112  2.314   -2.309  1.00 15.99 ? 37  ASP B C   1 
ATOM   298  O  O   . ASP A 1 36  ? -9.297  2.810   -3.423  1.00 15.92 ? 37  ASP B O   1 
ATOM   299  C  CB  . ASP A 1 36  ? -10.782 0.461   -2.675  1.00 16.59 ? 37  ASP B CB  1 
ATOM   300  C  CG  . ASP A 1 36  ? -9.780  -0.466  -3.353  1.00 17.09 ? 37  ASP B CG  1 
ATOM   301  O  OD1 . ASP A 1 36  ? -8.583  -0.193  -3.253  1.00 19.17 ? 37  ASP B OD1 1 
ATOM   302  O  OD2 . ASP A 1 36  ? -10.172 -1.452  -4.046  1.00 19.95 ? 37  ASP B OD2 1 
ATOM   303  N  N   . LEU A 1 37  ? -8.022  2.528   -1.576  1.00 16.26 ? 38  LEU B N   1 
ATOM   304  C  CA  . LEU A 1 37  ? -6.977  3.443   -1.990  1.00 17.53 ? 38  LEU B CA  1 
ATOM   305  C  C   . LEU A 1 37  ? -6.158  2.898   -3.116  1.00 18.22 ? 38  LEU B C   1 
ATOM   306  O  O   . LEU A 1 37  ? -5.311  3.641   -3.646  1.00 19.43 ? 38  LEU B O   1 
ATOM   307  C  CB  . LEU A 1 37  ? -6.046  3.748   -0.812  1.00 19.50 ? 38  LEU B CB  1 
ATOM   308  C  CG  . LEU A 1 37  ? -6.656  4.498   0.353   1.00 21.29 ? 38  LEU B CG  1 
ATOM   309  C  CD1 . LEU A 1 37  ? -5.595  4.690   1.430   1.00 21.74 ? 38  LEU B CD1 1 
ATOM   310  C  CD2 . LEU A 1 37  ? -7.218  5.835   -0.061  1.00 22.48 ? 38  LEU B CD2 1 
ATOM   311  N  N   . SER A 1 38  ? -6.369  1.628   -3.481  1.00 17.80 ? 39  SER B N   1 
ATOM   312  C  CA  . SER A 1 38  ? -5.663  1.009   -4.598  1.00 19.38 ? 39  SER B CA  1 
ATOM   313  C  C   . SER A 1 38  ? -6.345  1.154   -5.963  1.00 16.44 ? 39  SER B C   1 
ATOM   314  O  O   . SER A 1 38  ? -5.805  0.687   -6.963  1.00 16.37 ? 39  SER B O   1 
ATOM   315  C  CB  . SER A 1 38  ? -5.386  -0.458  -4.323  1.00 20.90 ? 39  SER B CB  1 
ATOM   316  O  OG  . SER A 1 38  ? -6.498  -1.271  -4.539  1.00 22.47 ? 39  SER B OG  1 
ATOM   317  N  N   . VAL A 1 39  ? -7.502  1.819   -6.022  1.00 14.91 ? 40  VAL B N   1 
ATOM   318  C  CA  . VAL A 1 39  ? -8.175  1.978   -7.316  1.00 14.15 ? 40  VAL B CA  1 
ATOM   319  C  C   . VAL A 1 39  ? -7.279  2.820   -8.232  1.00 13.58 ? 40  VAL B C   1 
ATOM   320  O  O   . VAL A 1 39  ? -6.874  3.924   -7.833  1.00 13.78 ? 40  VAL B O   1 
ATOM   321  C  CB  . VAL A 1 39  ? -9.567  2.596   -7.153  1.00 14.45 ? 40  VAL B CB  1 
ATOM   322  C  CG1 . VAL A 1 39  ? -10.150 2.966   -8.507  1.00 13.91 ? 40  VAL B CG1 1 
ATOM   323  C  CG2 . VAL A 1 39  ? -10.489 1.624   -6.401  1.00 15.43 ? 40  VAL B CG2 1 
ATOM   324  N  N   . PRO A 1 40  ? -6.950  2.339   -9.438  1.00 13.53 ? 41  PRO B N   1 
ATOM   325  C  CA  . PRO A 1 40  ? -6.084  3.110   -10.318 1.00 13.97 ? 41  PRO B CA  1 
ATOM   326  C  C   . PRO A 1 40  ? -6.758  4.286   -10.991 1.00 14.92 ? 41  PRO B C   1 
ATOM   327  O  O   . PRO A 1 40  ? -7.984  4.319   -11.111 1.00 14.98 ? 41  PRO B O   1 
ATOM   328  C  CB  . PRO A 1 40  ? -5.638  2.094   -11.400 1.00 15.13 ? 41  PRO B CB  1 
ATOM   329  C  CG  . PRO A 1 40  ? -6.411  0.880   -11.180 1.00 16.58 ? 41  PRO B CG  1 
ATOM   330  C  CD  . PRO A 1 40  ? -7.251  0.993   -9.966  1.00 13.93 ? 41  PRO B CD  1 
ATOM   331  N  N   . GLY A 1 41  ? -5.950  5.266   -11.403 1.00 15.45 ? 42  GLY B N   1 
ATOM   332  C  CA  . GLY A 1 41  ? -6.407  6.299   -12.318 1.00 16.55 ? 42  GLY B CA  1 
ATOM   333  C  C   . GLY A 1 41  ? -6.949  7.533   -11.658 1.00 17.91 ? 42  GLY B C   1 
ATOM   334  O  O   . GLY A 1 41  ? -7.305  8.478   -12.362 1.00 19.74 ? 42  GLY B O   1 
ATOM   335  N  N   . VAL A 1 42  ? -7.024  7.548   -10.339 1.00 16.35 ? 43  VAL B N   1 
ATOM   336  C  CA  . VAL A 1 42  ? -7.355  8.765   -9.582  1.00 18.31 ? 43  VAL B CA  1 
ATOM   337  C  C   . VAL A 1 42  ? -6.323  8.962   -8.487  1.00 18.52 ? 43  VAL B C   1 
ATOM   338  O  O   . VAL A 1 42  ? -5.788  8.013   -7.956  1.00 19.64 ? 43  VAL B O   1 
ATOM   339  C  CB  . VAL A 1 42  ? -8.770  8.722   -8.972  1.00 20.30 ? 43  VAL B CB  1 
ATOM   340  C  CG1 . VAL A 1 42  ? -9.801  8.666   -10.089 1.00 21.32 ? 43  VAL B CG1 1 
ATOM   341  C  CG2 . VAL A 1 42  ? -8.925  7.574   -7.965  1.00 21.65 ? 43  VAL B CG2 1 
ATOM   342  N  N   . GLU A 1 43  ? -6.012  10.206  -8.147  1.00 18.82 ? 44  GLU B N   1 
ATOM   343  C  CA  . GLU A 1 43  ? -5.097  10.441  -7.037  1.00 19.16 ? 44  GLU B CA  1 
ATOM   344  C  C   . GLU A 1 43  ? -5.873  10.448  -5.747  1.00 18.50 ? 44  GLU B C   1 
ATOM   345  O  O   . GLU A 1 43  ? -6.654  11.371  -5.470  1.00 21.30 ? 44  GLU B O   1 
ATOM   346  C  CB  . GLU A 1 43  ? -4.354  11.761  -7.164  1.00 20.83 ? 44  GLU B CB  1 
ATOM   347  C  CG  . GLU A 1 43  ? -3.322  11.969  -6.061  1.00 22.26 ? 44  GLU B CG  1 
ATOM   348  C  CD  . GLU A 1 43  ? -2.640  13.312  -6.185  1.00 23.25 ? 44  GLU B CD  1 
ATOM   349  O  OE1 . GLU A 1 43  ? -1.707  13.384  -7.004  1.00 24.88 ? 44  GLU B OE1 1 
ATOM   350  O  OE2 . GLU A 1 43  ? -3.081  14.269  -5.494  1.00 25.61 ? 44  GLU B OE2 1 
ATOM   351  N  N   . HIS A 1 44  ? -5.627  9.472   -4.925  1.00 15.61 ? 45  HIS B N   1 
ATOM   352  C  CA  . HIS A 1 44  ? -6.219  9.379   -3.628  1.00 14.03 ? 45  HIS B CA  1 
ATOM   353  C  C   . HIS A 1 44  ? -5.492  10.275  -2.644  1.00 14.30 ? 45  HIS B C   1 
ATOM   354  O  O   . HIS A 1 44  ? -4.416  10.716  -2.882  1.00 14.06 ? 45  HIS B O   1 
ATOM   355  C  CB  . HIS A 1 44  ? -6.163  7.919   -3.115  1.00 13.90 ? 45  HIS B CB  1 
ATOM   356  C  CG  . HIS A 1 44  ? -6.811  6.928   -4.027  1.00 13.97 ? 45  HIS B CG  1 
ATOM   357  N  ND1 . HIS A 1 44  ? -8.156  6.681   -4.021  1.00 14.37 ? 45  HIS B ND1 1 
ATOM   358  C  CD2 . HIS A 1 44  ? -6.291  6.139   -4.983  1.00 13.84 ? 45  HIS B CD2 1 
ATOM   359  C  CE1 . HIS A 1 44  ? -8.432  5.773   -4.924  1.00 14.53 ? 45  HIS B CE1 1 
ATOM   360  N  NE2 . HIS A 1 44  ? -7.319  5.428   -5.526  1.00 14.23 ? 45  HIS B NE2 1 
ATOM   361  N  N   . GLU A 1 45  ? -6.157  10.560  -1.550  1.00 15.27 ? 46  GLU B N   1 
ATOM   362  C  CA  . GLU A 1 45  ? -5.552  11.330  -0.471  1.00 16.44 ? 46  GLU B CA  1 
ATOM   363  C  C   . GLU A 1 45  ? -5.759  10.617  0.843   1.00 15.84 ? 46  GLU B C   1 
ATOM   364  O  O   . GLU A 1 45  ? -6.799  9.978   1.051   1.00 17.40 ? 46  GLU B O   1 
ATOM   365  C  CB  . GLU A 1 45  ? -6.233  12.704  -0.332  1.00 19.50 ? 46  GLU B CB  1 
ATOM   366  C  CG  . GLU A 1 45  ? -6.157  13.629  -1.536  1.00 23.64 ? 46  GLU B CG  1 
ATOM   367  C  CD  . GLU A 1 45  ? -6.900  14.945  -1.316  1.00 28.05 ? 46  GLU B CD  1 
ATOM   368  O  OE1 . GLU A 1 45  ? -7.820  15.000  -0.469  1.00 32.48 ? 46  GLU B OE1 1 
ATOM   369  O  OE2 . GLU A 1 45  ? -6.566  15.932  -2.004  1.00 32.97 ? 46  GLU B OE2 1 
ATOM   370  N  N   . ALA A 1 46  ? -4.814  10.763  1.750   1.00 14.76 ? 47  ALA B N   1 
ATOM   371  C  CA  . ALA A 1 46  ? -4.977  10.281  3.115   1.00 15.08 ? 47  ALA B CA  1 
ATOM   372  C  C   . ALA A 1 46  ? -4.314  11.230  4.089   1.00 15.62 ? 47  ALA B C   1 
ATOM   373  O  O   . ALA A 1 46  ? -3.296  11.835  3.777   1.00 14.70 ? 47  ALA B O   1 
ATOM   374  C  CB  . ALA A 1 46  ? -4.402  8.878   3.269   1.00 16.20 ? 47  ALA B CB  1 
ATOM   375  N  N   . ARG A 1 47  ? -4.921  11.362  5.263   1.00 16.03 ? 48  ARG B N   1 
ATOM   376  C  CA  . ARG A 1 47  ? -4.417  12.202  6.328   1.00 17.34 ? 48  ARG B CA  1 
ATOM   377  C  C   . ARG A 1 47  ? -3.986  11.306  7.464   1.00 17.60 ? 48  ARG B C   1 
ATOM   378  O  O   . ARG A 1 47  ? -4.818  10.571  8.029   1.00 20.35 ? 48  ARG B O   1 
ATOM   379  C  CB  . ARG A 1 47  ? -5.506  13.156  6.797   1.00 19.38 ? 48  ARG B CB  1 
ATOM   380  C  CG  . ARG A 1 47  ? -6.048  14.020  5.690   1.00 21.29 ? 48  ARG B CG  1 
ATOM   381  C  CD  . ARG A 1 47  ? -7.280  14.793  6.106   1.00 24.33 ? 48  ARG B CD  1 
ATOM   382  N  NE  . ARG A 1 47  ? -7.935  15.328  4.921   1.00 26.77 ? 48  ARG B NE  1 
ATOM   383  C  CZ  . ARG A 1 47  ? -9.054  16.052  4.944   1.00 28.93 ? 48  ARG B CZ  1 
ATOM   384  N  NH1 . ARG A 1 47  ? -9.635  16.342  6.105   1.00 29.80 ? 48  ARG B NH1 1 
ATOM   385  N  NH2 . ARG A 1 47  ? -9.577  16.496  3.803   1.00 31.03 ? 48  ARG B NH2 1 
ATOM   386  N  N   . VAL A 1 48  ? -2.705  11.334  7.781   1.00 16.92 ? 49  VAL B N   1 
ATOM   387  C  CA  . VAL A 1 48  ? -2.120  10.483  8.808   1.00 17.42 ? 49  VAL B CA  1 
ATOM   388  C  C   . VAL A 1 48  ? -1.591  11.345  9.940   1.00 18.19 ? 49  VAL B C   1 
ATOM   389  O  O   . VAL A 1 48  ? -1.105  12.450  9.700   1.00 17.99 ? 49  VAL B O   1 
ATOM   390  C  CB  . VAL A 1 48  ? -1.013  9.543   8.279   1.00 18.64 ? 49  VAL B CB  1 
ATOM   391  C  CG1 . VAL A 1 48  ? -1.613  8.530   7.323   1.00 19.88 ? 49  VAL B CG1 1 
ATOM   392  C  CG2 . VAL A 1 48  ? 0.127   10.296  7.624   1.00 19.46 ? 49  VAL B CG2 1 
ATOM   393  N  N   . PRO A 1 49  ? -1.689  10.875  11.189  1.00 18.43 ? 50  PRO B N   1 
ATOM   394  C  CA  . PRO A 1 49  ? -1.153  11.704  12.270  1.00 18.80 ? 50  PRO B CA  1 
ATOM   395  C  C   . PRO A 1 49  ? 0.338   11.920  12.139  1.00 18.41 ? 50  PRO B C   1 
ATOM   396  O  O   . PRO A 1 49  ? 1.092   11.005  11.816  1.00 18.07 ? 50  PRO B O   1 
ATOM   397  C  CB  . PRO A 1 49  ? -1.494  10.906  13.541  1.00 19.42 ? 50  PRO B CB  1 
ATOM   398  C  CG  . PRO A 1 49  ? -1.680  9.520   13.078  1.00 21.29 ? 50  PRO B CG  1 
ATOM   399  C  CD  . PRO A 1 49  ? -2.238  9.598   11.691  1.00 19.52 ? 50  PRO B CD  1 
ATOM   400  N  N   . LYS A 1 50  ? 0.806   13.139  12.383  1.00 18.58 ? 51  LYS B N   1 
ATOM   401  C  CA  . LYS A 1 50  ? 2.229   13.410  12.212  1.00 20.58 ? 51  LYS B CA  1 
ATOM   402  C  C   . LYS A 1 50  ? 3.143   12.574  13.086  1.00 19.85 ? 51  LYS B C   1 
ATOM   403  O  O   . LYS A 1 50  ? 4.284   12.338  12.735  1.00 19.48 ? 51  LYS B O   1 
ATOM   404  C  CB  . LYS A 1 50  ? 2.557   14.891  12.367  1.00 23.54 ? 51  LYS B CB  1 
ATOM   405  C  CG  . LYS A 1 50  ? 2.203   15.496  13.704  1.00 25.56 ? 51  LYS B CG  1 
ATOM   406  C  CD  . LYS A 1 50  ? 2.439   17.011  13.670  1.00 28.83 ? 51  LYS B CD  1 
ATOM   407  C  CE  . LYS A 1 50  ? 1.396   17.717  12.825  1.00 32.08 ? 51  LYS B CE  1 
ATOM   408  N  NZ  . LYS A 1 50  ? 1.555   19.202  12.821  1.00 36.34 ? 51  LYS B NZ  1 
ATOM   409  N  N   . LYS A 1 51  ? 2.636   12.105  14.224  1.00 20.65 ? 52  LYS B N   1 
ATOM   410  C  CA  . LYS A 1 51  ? 3.421   11.221  15.079  1.00 21.90 ? 52  LYS B CA  1 
ATOM   411  C  C   . LYS A 1 51  ? 3.876   9.926   14.406  1.00 20.36 ? 52  LYS B C   1 
ATOM   412  O  O   . LYS A 1 51  ? 4.819   9.293   14.864  1.00 20.71 ? 52  LYS B O   1 
ATOM   413  C  CB  . LYS A 1 51  ? 2.663   10.878  16.369  1.00 25.37 ? 52  LYS B CB  1 
ATOM   414  C  CG  . LYS A 1 51  ? 1.506   9.915   16.169  1.00 28.53 ? 52  LYS B CG  1 
ATOM   415  C  CD  . LYS A 1 51  ? 0.976   9.372   17.498  1.00 31.98 ? 52  LYS B CD  1 
ATOM   416  C  CE  . LYS A 1 51  ? 0.364   10.468  18.358  1.00 33.71 ? 52  LYS B CE  1 
ATOM   417  N  NZ  . LYS A 1 51  ? -0.775  11.152  17.680  1.00 34.59 ? 52  LYS B NZ  1 
ATOM   418  N  N   . ILE A 1 52  ? 3.226   9.533   13.304  1.00 18.85 ? 53  ILE B N   1 
ATOM   419  C  CA  . ILE A 1 52  ? 3.655   8.339   12.572  1.00 18.44 ? 53  ILE B CA  1 
ATOM   420  C  C   . ILE A 1 52  ? 5.124   8.454   12.167  1.00 17.87 ? 53  ILE B C   1 
ATOM   421  O  O   . ILE A 1 52  ? 5.840   7.471   12.081  1.00 17.94 ? 53  ILE B O   1 
ATOM   422  C  CB  . ILE A 1 52  ? 2.761   8.057   11.341  1.00 18.18 ? 53  ILE B CB  1 
ATOM   423  C  CG1 . ILE A 1 52  ? 2.940   6.611   10.880  1.00 19.42 ? 53  ILE B CG1 1 
ATOM   424  C  CG2 . ILE A 1 52  ? 3.040   9.041   10.196  1.00 18.05 ? 53  ILE B CG2 1 
ATOM   425  C  CD1 . ILE A 1 52  ? 1.896   6.158   9.896   1.00 19.98 ? 53  ILE B CD1 1 
ATOM   426  N  N   . LEU A 1 53  ? 5.589   9.688   11.948  1.00 17.83 ? 54  LEU B N   1 
ATOM   427  C  CA  . LEU A 1 53  ? 6.956   9.901   11.532  1.00 18.00 ? 54  LEU B CA  1 
ATOM   428  C  C   . LEU A 1 53  ? 7.991   9.579   12.611  1.00 18.69 ? 54  LEU B C   1 
ATOM   429  O  O   . LEU A 1 53  ? 9.164   9.400   12.321  1.00 18.85 ? 54  LEU B O   1 
ATOM   430  C  CB  . LEU A 1 53  ? 7.129   11.349  11.041  1.00 18.13 ? 54  LEU B CB  1 
ATOM   431  C  CG  . LEU A 1 53  ? 6.340   11.690  9.779   1.00 17.63 ? 54  LEU B CG  1 
ATOM   432  C  CD1 . LEU A 1 53  ? 6.428   13.184  9.541   1.00 18.22 ? 54  LEU B CD1 1 
ATOM   433  C  CD2 . LEU A 1 53  ? 6.830   10.969  8.549   1.00 17.09 ? 54  LEU B CD2 1 
ATOM   434  N  N   . LYS A 1 54  ? 7.523   9.494   13.850  1.00 21.16 ? 55  LYS B N   1 
ATOM   435  C  CA  . LYS A 1 54  ? 8.370   9.188   14.990  1.00 23.59 ? 55  LYS B CA  1 
ATOM   436  C  C   . LYS A 1 54  ? 8.383   7.696   15.315  1.00 25.32 ? 55  LYS B C   1 
ATOM   437  O  O   . LYS A 1 54  ? 9.171   7.263   16.150  1.00 25.67 ? 55  LYS B O   1 
ATOM   438  C  CB  . LYS A 1 54  ? 7.873   9.971   16.209  1.00 25.70 ? 55  LYS B CB  1 
ATOM   439  C  CG  . LYS A 1 54  ? 7.814   11.475  16.009  1.00 29.36 ? 55  LYS B CG  1 
ATOM   440  C  CD  . LYS A 1 54  ? 9.202   12.065  15.863  1.00 32.16 ? 55  LYS B CD  1 
ATOM   441  C  CE  . LYS A 1 54  ? 9.141   13.588  15.859  1.00 35.27 ? 55  LYS B CE  1 
ATOM   442  N  NZ  . LYS A 1 54  ? 10.499  14.187  15.836  1.00 36.98 ? 55  LYS B NZ  1 
ATOM   443  N  N   . CYS A 1 55  ? 7.530   6.914   14.652  1.00 24.70 ? 56  CYS B N   1 
ATOM   444  C  CA  . CYS A 1 55  ? 7.469   5.461   14.874  1.00 25.79 ? 56  CYS B CA  1 
ATOM   445  C  C   . CYS A 1 55  ? 8.632   4.782   14.201  1.00 26.77 ? 56  CYS B C   1 
ATOM   446  O  O   . CYS A 1 55  ? 8.902   5.023   13.019  1.00 29.38 ? 56  CYS B O   1 
ATOM   447  C  CB  . CYS A 1 55  ? 6.189   4.879   14.283  1.00 26.65 ? 56  CYS B CB  1 
ATOM   448  S  SG  . CYS A 1 55  ? 4.696   5.448   15.063  1.00 28.98 ? 56  CYS B SG  1 
ATOM   449  N  N   . LYS A 1 56  ? 9.314   3.903   14.926  1.00 25.20 ? 57  LYS B N   1 
ATOM   450  C  CA  . LYS A 1 56  ? 10.399  3.128   14.354  1.00 27.68 ? 57  LYS B CA  1 
ATOM   451  C  C   . LYS A 1 56  ? 9.820   2.145   13.320  1.00 26.35 ? 57  LYS B C   1 
ATOM   452  O  O   . LYS A 1 56  ? 10.396  1.934   12.255  1.00 28.36 ? 57  LYS B O   1 
ATOM   453  C  CB  . LYS A 1 56  ? 11.122  2.370   15.471  1.00 31.29 ? 57  LYS B CB  1 
ATOM   454  C  CG  . LYS A 1 56  ? 12.374  1.631   15.037  1.00 36.02 ? 57  LYS B CG  1 
ATOM   455  C  CD  . LYS A 1 56  ? 12.797  0.618   16.097  1.00 39.88 ? 57  LYS B CD  1 
ATOM   456  C  CE  . LYS A 1 56  ? 14.013  -0.182  15.657  1.00 43.15 ? 57  LYS B CE  1 
ATOM   457  N  NZ  . LYS A 1 56  ? 15.237  0.663   15.558  1.00 45.54 ? 57  LYS B NZ  1 
ATOM   458  N  N   . ALA A 1 57  ? 8.679   1.563   13.657  1.00 25.13 ? 58  ALA B N   1 
ATOM   459  C  CA  . ALA A 1 57  ? 8.013   0.606   12.783  1.00 24.32 ? 58  ALA B CA  1 
ATOM   460  C  C   . ALA A 1 57  ? 6.503   0.735   12.870  1.00 22.84 ? 58  ALA B C   1 
ATOM   461  O  O   . ALA A 1 57  ? 5.932   0.999   13.936  1.00 22.86 ? 58  ALA B O   1 
ATOM   462  C  CB  . ALA A 1 57  ? 8.449   -0.812  13.126  1.00 24.90 ? 58  ALA B CB  1 
ATOM   463  N  N   . VAL A 1 58  ? 5.848   0.568   11.720  1.00 21.30 ? 59  VAL B N   1 
ATOM   464  C  CA  . VAL A 1 58  ? 4.411   0.676   11.626  1.00 20.57 ? 59  VAL B CA  1 
ATOM   465  C  C   . VAL A 1 58  ? 3.886   -0.660  11.121  1.00 20.30 ? 59  VAL B C   1 
ATOM   466  O  O   . VAL A 1 58  ? 4.432   -1.215  10.171  1.00 22.02 ? 59  VAL B O   1 
ATOM   467  C  CB  . VAL A 1 58  ? 4.023   1.804   10.645  1.00 20.57 ? 59  VAL B CB  1 
ATOM   468  C  CG1 . VAL A 1 58  ? 2.529   1.822   10.397  1.00 21.74 ? 59  VAL B CG1 1 
ATOM   469  C  CG2 . VAL A 1 58  ? 4.498   3.156   11.193  1.00 20.33 ? 59  VAL B CG2 1 
ATOM   470  N  N   . SER A 1 59  ? 2.852   -1.172  11.763  1.00 20.35 ? 60  SER B N   1 
ATOM   471  C  CA  . SER A 1 59  ? 2.242   -2.398  11.273  1.00 22.09 ? 60  SER B CA  1 
ATOM   472  C  C   . SER A 1 59  ? 0.956   -2.053  10.541  1.00 19.90 ? 60  SER B C   1 
ATOM   473  O  O   . SER A 1 59  ? 0.150   -1.235  10.993  1.00 20.34 ? 60  SER B O   1 
ATOM   474  C  CB  . SER A 1 59  ? 2.009   -3.367  12.429  1.00 24.47 ? 60  SER B CB  1 
ATOM   475  O  OG  . SER A 1 59  ? 0.924   -2.951  13.202  1.00 29.49 ? 60  SER B OG  1 
ATOM   476  N  N   . ARG A 1 60  ? 0.775   -2.694  9.389   1.00 18.10 ? 61  ARG B N   1 
ATOM   477  C  CA  . ARG A 1 60  ? -0.379  -2.461  8.527   1.00 17.73 ? 61  ARG B CA  1 
ATOM   478  C  C   . ARG A 1 60  ? -1.216  -3.738  8.439   1.00 17.37 ? 61  ARG B C   1 
ATOM   479  O  O   . ARG A 1 60  ? -0.645  -4.827  8.280   1.00 18.87 ? 61  ARG B O   1 
ATOM   480  C  CB  . ARG A 1 60  ? 0.092   -2.078  7.124   1.00 17.12 ? 61  ARG B CB  1 
ATOM   481  C  CG  . ARG A 1 60  ? -1.036  -1.861  6.131   1.00 16.56 ? 61  ARG B CG  1 
ATOM   482  C  CD  . ARG A 1 60  ? -0.539  -1.342  4.820   1.00 16.15 ? 61  ARG B CD  1 
ATOM   483  N  NE  . ARG A 1 60  ? 0.267   -2.323  4.122   1.00 15.49 ? 61  ARG B NE  1 
ATOM   484  C  CZ  . ARG A 1 60  ? 1.260   -2.046  3.286   1.00 16.41 ? 61  ARG B CZ  1 
ATOM   485  N  NH1 . ARG A 1 60  ? 1.656   -0.788  3.064   1.00 15.97 ? 61  ARG B NH1 1 
ATOM   486  N  NH2 . ARG A 1 60  ? 1.872   -3.022  2.659   1.00 16.88 ? 61  ARG B NH2 1 
ATOM   487  N  N   . GLU A 1 61  ? -2.530  -3.580  8.528   1.00 18.02 ? 62  GLU B N   1 
ATOM   488  C  CA  . GLU A 1 61  ? -3.492  -4.642  8.189   1.00 20.02 ? 62  GLU B CA  1 
ATOM   489  C  C   . GLU A 1 61  ? -4.300  -4.191  6.994   1.00 20.00 ? 62  GLU B C   1 
ATOM   490  O  O   . GLU A 1 61  ? -4.885  -3.126  7.024   1.00 20.56 ? 62  GLU B O   1 
ATOM   491  C  CB  . GLU A 1 61  ? -4.475  -4.892  9.322   1.00 23.80 ? 62  GLU B CB  1 
ATOM   492  C  CG  . GLU A 1 61  ? -3.998  -5.762  10.458  1.00 27.01 ? 62  GLU B CG  1 
ATOM   493  C  CD  . GLU A 1 61  ? -5.160  -6.127  11.376  1.00 29.33 ? 62  GLU B CD  1 
ATOM   494  O  OE1 . GLU A 1 61  ? -6.031  -5.260  11.624  1.00 30.12 ? 62  GLU B OE1 1 
ATOM   495  O  OE2 . GLU A 1 61  ? -5.217  -7.281  11.844  1.00 36.22 ? 62  GLU B OE2 1 
ATOM   496  N  N   . LEU A 1 62  ? -4.386  -5.030  5.970   1.00 19.02 ? 63  LEU B N   1 
ATOM   497  C  CA  . LEU A 1 62  ? -5.007  -4.693  4.688   1.00 19.32 ? 63  LEU B CA  1 
ATOM   498  C  C   . LEU A 1 62  ? -5.957  -5.852  4.379   1.00 18.77 ? 63  LEU B C   1 
ATOM   499  O  O   . LEU A 1 62  ? -5.493  -6.988  4.149   1.00 21.25 ? 63  LEU B O   1 
ATOM   500  C  CB  . LEU A 1 62  ? -3.913  -4.576  3.610   1.00 20.76 ? 63  LEU B CB  1 
ATOM   501  C  CG  . LEU A 1 62  ? -4.223  -4.029  2.220   1.00 23.25 ? 63  LEU B CG  1 
ATOM   502  C  CD1 . LEU A 1 62  ? -2.913  -3.708  1.500   1.00 24.95 ? 63  LEU B CD1 1 
ATOM   503  C  CD2 . LEU A 1 62  ? -5.074  -5.020  1.427   1.00 23.71 ? 63  LEU B CD2 1 
ATOM   504  N  N   . ASN A 1 63  ? -7.253  -5.603  4.375   1.00 16.17 ? 64  ASN B N   1 
ATOM   505  C  CA  . ASN A 1 63  ? -8.237  -6.660  4.144   1.00 16.32 ? 64  ASN B CA  1 
ATOM   506  C  C   . ASN A 1 63  ? -8.759  -6.535  2.716   1.00 15.56 ? 64  ASN B C   1 
ATOM   507  O  O   . ASN A 1 63  ? -9.213  -5.453  2.312   1.00 14.70 ? 64  ASN B O   1 
ATOM   508  C  CB  . ASN A 1 63  ? -9.374  -6.557  5.147   1.00 17.02 ? 64  ASN B CB  1 
ATOM   509  C  CG  . ASN A 1 63  ? -10.413 -7.651  4.968   1.00 17.79 ? 64  ASN B CG  1 
ATOM   510  O  OD1 . ASN A 1 63  ? -11.360 -7.513  4.190   1.00 18.29 ? 64  ASN B OD1 1 
ATOM   511  N  ND2 . ASN A 1 63  ? -10.243 -8.736  5.708   1.00 18.46 ? 64  ASN B ND2 1 
ATOM   512  N  N   . PHE A 1 64  ? -8.658  -7.613  1.932   1.00 14.69 ? 65  PHE B N   1 
ATOM   513  C  CA  . PHE A 1 64  ? -8.996  -7.564  0.525   1.00 14.50 ? 65  PHE B CA  1 
ATOM   514  C  C   . PHE A 1 64  ? -9.771  -8.782  0.112   1.00 14.52 ? 65  PHE B C   1 
ATOM   515  O  O   . PHE A 1 64  ? -9.642  -9.844  0.746   1.00 14.82 ? 65  PHE B O   1 
ATOM   516  C  CB  . PHE A 1 64  ? -7.753  -7.430  -0.346  1.00 14.58 ? 65  PHE B CB  1 
ATOM   517  C  CG  . PHE A 1 64  ? -6.876  -8.648  -0.348  1.00 15.09 ? 65  PHE B CG  1 
ATOM   518  C  CD1 . PHE A 1 64  ? -5.902  -8.822  0.616   1.00 15.59 ? 65  PHE B CD1 1 
ATOM   519  C  CD2 . PHE A 1 64  ? -7.039  -9.621  -1.323  1.00 15.50 ? 65  PHE B CD2 1 
ATOM   520  C  CE1 . PHE A 1 64  ? -5.101  -9.953  0.613   1.00 15.67 ? 65  PHE B CE1 1 
ATOM   521  C  CE2 . PHE A 1 64  ? -6.243  -10.757 -1.331  1.00 15.89 ? 65  PHE B CE2 1 
ATOM   522  C  CZ  . PHE A 1 64  ? -5.301  -10.928 -0.354  1.00 15.87 ? 65  PHE B CZ  1 
ATOM   523  N  N   . SER A 1 65  ? -10.553 -8.626  -0.941  1.00 14.44 ? 66  SER B N   1 
ATOM   524  C  CA  . SER A 1 65  ? -11.272 -9.737  -1.554  1.00 14.73 ? 66  SER B CA  1 
ATOM   525  C  C   . SER A 1 65  ? -10.803 -9.910  -2.982  1.00 14.60 ? 66  SER B C   1 
ATOM   526  O  O   . SER A 1 65  ? -10.402 -8.951  -3.651  1.00 13.91 ? 66  SER B O   1 
ATOM   527  C  CB  . SER A 1 65  ? -12.772 -9.499  -1.518  1.00 15.61 ? 66  SER B CB  1 
ATOM   528  O  OG  . SER A 1 65  ? -13.222 -9.270  -0.188  1.00 17.85 ? 66  SER B OG  1 
ATOM   529  N  N   . SER A 1 66  ? -10.868 -11.142 -3.489  1.00 14.37 ? 67  SER B N   1 
ATOM   530  C  CA  . SER A 1 66  ? -10.403 -11.440 -4.836  1.00 14.05 ? 67  SER B CA  1 
ATOM   531  C  C   . SER A 1 66  ? -11.251 -12.550 -5.423  1.00 13.76 ? 67  SER B C   1 
ATOM   532  O  O   . SER A 1 66  ? -11.202 -13.676 -4.901  1.00 14.46 ? 67  SER B O   1 
ATOM   533  C  CB  . SER A 1 66  ? -8.928  -11.870 -4.835  1.00 13.84 ? 67  SER B CB  1 
ATOM   534  O  OG  . SER A 1 66  ? -8.461  -12.114 -6.145  1.00 13.58 ? 67  SER B OG  1 
ATOM   535  N  N   . THR A 1 67  ? -11.963 -12.295 -6.506  1.00 13.66 ? 68  THR B N   1 
ATOM   536  C  CA  . THR A 1 67  ? -12.663 -13.388 -7.188  1.00 14.04 ? 68  THR B CA  1 
ATOM   537  C  C   . THR A 1 67  ? -11.645 -14.306 -7.822  1.00 14.20 ? 68  THR B C   1 
ATOM   538  O  O   . THR A 1 67  ? -11.895 -15.510 -7.904  1.00 14.76 ? 68  THR B O   1 
ATOM   539  C  CB  . THR A 1 67  ? -13.663 -12.933 -8.251  1.00 14.58 ? 68  THR B CB  1 
ATOM   540  O  OG1 . THR A 1 67  ? -13.002 -12.316 -9.352  1.00 15.02 ? 68  THR B OG1 1 
ATOM   541  C  CG2 . THR A 1 67  ? -14.697 -11.998 -7.658  1.00 14.64 ? 68  THR B CG2 1 
ATOM   542  N  N   . GLU A 1 68  ? -10.515 -13.790 -8.280  1.00 13.15 ? 69  GLU B N   1 
ATOM   543  C  CA  . GLU A 1 68  ? -9.549  -14.584 -9.016  1.00 13.51 ? 69  GLU B CA  1 
ATOM   544  C  C   . GLU A 1 68  ? -8.499  -15.211 -8.120  1.00 13.40 ? 69  GLU B C   1 
ATOM   545  O  O   . GLU A 1 68  ? -8.053  -14.634 -7.131  1.00 13.99 ? 69  GLU B O   1 
ATOM   546  C  CB  . GLU A 1 68  ? -8.838  -13.749 -10.082 1.00 13.99 ? 69  GLU B CB  1 
ATOM   547  C  CG  . GLU A 1 68  ? -9.785  -13.122 -11.090 1.00 14.25 ? 69  GLU B CG  1 
ATOM   548  C  CD  . GLU A 1 68  ? -10.790 -14.120 -11.635 1.00 14.75 ? 69  GLU B CD  1 
ATOM   549  O  OE1 . GLU A 1 68  ? -10.351 -15.016 -12.373 1.00 17.11 ? 69  GLU B OE1 1 
ATOM   550  O  OE2 . GLU A 1 68  ? -11.982 -14.014 -11.279 1.00 16.29 ? 69  GLU B OE2 1 
ATOM   551  N  N   . GLN A 1 69  ? -8.089  -16.424 -8.483  1.00 13.07 ? 70  GLN B N   1 
ATOM   552  C  CA  . GLN A 1 69  ? -6.978  -17.088 -7.851  1.00 13.81 ? 70  GLN B CA  1 
ATOM   553  C  C   . GLN A 1 69  ? -5.701  -16.355 -8.227  1.00 14.23 ? 70  GLN B C   1 
ATOM   554  O  O   . GLN A 1 69  ? -5.545  -15.943 -9.372  1.00 15.66 ? 70  GLN B O   1 
ATOM   555  C  CB  . GLN A 1 69  ? -6.891  -18.528 -8.352  1.00 13.89 ? 70  GLN B CB  1 
ATOM   556  C  CG  . GLN A 1 69  ? -5.784  -19.343 -7.711  1.00 13.91 ? 70  GLN B CG  1 
ATOM   557  C  CD  . GLN A 1 69  ? -5.930  -20.817 -8.005  1.00 13.54 ? 70  GLN B CD  1 
ATOM   558  O  OE1 . GLN A 1 69  ? -6.932  -21.405 -7.610  1.00 14.29 ? 70  GLN B OE1 1 
ATOM   559  N  NE2 . GLN A 1 69  ? -4.954  -21.401 -8.691  1.00 15.41 ? 70  GLN B NE2 1 
ATOM   560  N  N   . MET A 1 70  ? -4.797  -16.207 -7.268  1.00 14.46 ? 71  MET B N   1 
ATOM   561  C  CA  . MET A 1 70  ? -3.441  -15.737 -7.568  1.00 15.79 ? 71  MET B CA  1 
ATOM   562  C  C   . MET A 1 70  ? -2.428  -16.660 -6.943  1.00 16.29 ? 71  MET B C   1 
ATOM   563  O  O   . MET A 1 70  ? -2.649  -17.142 -5.845  1.00 16.82 ? 71  MET B O   1 
ATOM   564  C  CB  . MET A 1 70  ? -3.194  -14.319 -7.062  1.00 16.72 ? 71  MET B CB  1 
ATOM   565  C  CG  . MET A 1 70  ? -3.977  -13.272 -7.831  1.00 17.05 ? 71  MET B CG  1 
ATOM   566  S  SD  . MET A 1 70  ? -3.565  -11.608 -7.282  1.00 19.10 ? 71  MET B SD  1 
ATOM   567  C  CE  . MET A 1 70  ? -4.803  -11.373 -6.095  1.00 18.37 ? 71  MET B CE  1 
ATOM   568  N  N   . GLU A 1 71  ? -1.304  -16.859 -7.620  1.00 18.53 ? 72  GLU B N   1 
ATOM   569  C  CA  . GLU A 1 71  ? -0.268  -17.750 -7.108  1.00 20.07 ? 72  GLU B CA  1 
ATOM   570  C  C   . GLU A 1 71  ? 0.665   -17.043 -6.123  1.00 18.76 ? 72  GLU B C   1 
ATOM   571  O  O   . GLU A 1 71  ? 1.022   -17.576 -5.066  1.00 20.65 ? 72  GLU B O   1 
ATOM   572  C  CB  . GLU A 1 71  ? 0.556   -18.337 -8.255  1.00 23.02 ? 72  GLU B CB  1 
ATOM   573  N  N   . LYS A 1 72  ? 0.997   -15.790 -6.451  1.00 17.74 ? 73  LYS B N   1 
ATOM   574  C  CA  . LYS A 1 72  ? 1.991   -15.041 -5.694  1.00 18.45 ? 73  LYS B CA  1 
ATOM   575  C  C   . LYS A 1 72  ? 1.626   -13.565 -5.658  1.00 16.47 ? 73  LYS B C   1 
ATOM   576  O  O   . LYS A 1 72  ? 2.299   -12.727 -6.266  1.00 16.27 ? 73  LYS B O   1 
ATOM   577  C  CB  . LYS A 1 72  ? 3.370   -15.215 -6.294  1.00 21.38 ? 73  LYS B CB  1 
ATOM   578  C  CG  . LYS A 1 72  ? 4.473   -14.712 -5.384  1.00 26.41 ? 73  LYS B CG  1 
ATOM   579  C  CD  . LYS A 1 72  ? 5.838   -15.008 -5.970  1.00 31.87 ? 73  LYS B CD  1 
ATOM   580  C  CE  . LYS A 1 72  ? 6.913   -14.186 -5.281  1.00 36.62 ? 73  LYS B CE  1 
ATOM   581  N  NZ  . LYS A 1 72  ? 8.269   -14.749 -5.541  1.00 39.48 ? 73  LYS B NZ  1 
ATOM   582  N  N   . PHE A 1 73  ? 0.558   -13.271 -4.952  1.00 15.25 ? 74  PHE B N   1 
ATOM   583  C  CA  . PHE A 1 73  ? 0.113   -11.883 -4.792  1.00 15.02 ? 74  PHE B CA  1 
ATOM   584  C  C   . PHE A 1 73  ? 1.158   -11.146 -3.966  1.00 14.80 ? 74  PHE B C   1 
ATOM   585  O  O   . PHE A 1 73  ? 1.590   -11.625 -2.927  1.00 15.05 ? 74  PHE B O   1 
ATOM   586  C  CB  . PHE A 1 73  ? -1.260  -11.880 -4.122  1.00 15.36 ? 74  PHE B CB  1 
ATOM   587  C  CG  . PHE A 1 73  ? -1.848  -10.526 -3.881  1.00 17.26 ? 74  PHE B CG  1 
ATOM   588  C  CD1 . PHE A 1 73  ? -1.816  -9.544  -4.847  1.00 19.53 ? 74  PHE B CD1 1 
ATOM   589  C  CD2 . PHE A 1 73  ? -2.494  -10.268 -2.698  1.00 18.84 ? 74  PHE B CD2 1 
ATOM   590  C  CE1 . PHE A 1 73  ? -2.400  -8.306  -4.586  1.00 21.51 ? 74  PHE B CE1 1 
ATOM   591  C  CE2 . PHE A 1 73  ? -3.072  -9.035  -2.427  1.00 21.05 ? 74  PHE B CE2 1 
ATOM   592  C  CZ  . PHE A 1 73  ? -3.011  -8.045  -3.379  1.00 22.42 ? 74  PHE B CZ  1 
ATOM   593  N  N   . ARG A 1 74  ? 1.559   -9.972  -4.440  1.00 14.14 ? 75  ARG B N   1 
ATOM   594  C  CA  . ARG A 1 74  ? 2.583   -9.198  -3.771  1.00 13.41 ? 75  ARG B CA  1 
ATOM   595  C  C   . ARG A 1 74  ? 2.391   -7.730  -4.123  1.00 13.84 ? 75  ARG B C   1 
ATOM   596  O  O   . ARG A 1 74  ? 1.704   -7.382  -5.072  1.00 13.63 ? 75  ARG B O   1 
ATOM   597  C  CB  . ARG A 1 74  ? 3.989   -9.694  -4.164  1.00 14.19 ? 75  ARG B CB  1 
ATOM   598  C  CG  . ARG A 1 74  ? 4.372   -9.467  -5.578  1.00 14.56 ? 75  ARG B CG  1 
ATOM   599  C  CD  . ARG A 1 74  ? 5.738   -10.066 -5.943  1.00 15.45 ? 75  ARG B CD  1 
ATOM   600  N  NE  . ARG A 1 74  ? 6.069   -9.714  -7.305  1.00 16.75 ? 75  ARG B NE  1 
ATOM   601  C  CZ  . ARG A 1 74  ? 6.679   -8.590  -7.674  1.00 17.78 ? 75  ARG B CZ  1 
ATOM   602  N  NH1 . ARG A 1 74  ? 7.063   -7.698  -6.773  1.00 18.93 ? 75  ARG B NH1 1 
ATOM   603  N  NH2 . ARG A 1 74  ? 6.911   -8.362  -8.944  1.00 18.22 ? 75  ARG B NH2 1 
ATOM   604  N  N   . LEU A 1 75  ? 3.063   -6.864  -3.381  1.00 14.46 ? 76  LEU B N   1 
ATOM   605  C  CA  . LEU A 1 75  ? 3.024   -5.414  -3.598  1.00 15.94 ? 76  LEU B CA  1 
ATOM   606  C  C   . LEU A 1 75  ? 4.444   -4.837  -3.643  1.00 14.54 ? 76  LEU B C   1 
ATOM   607  O  O   . LEU A 1 75  ? 5.288   -5.300  -2.929  1.00 14.96 ? 76  LEU B O   1 
ATOM   608  C  CB  . LEU A 1 75  ? 2.312   -4.731  -2.414  1.00 22.48 ? 76  LEU B CB  1 
ATOM   609  C  CG  . LEU A 1 75  ? 0.899   -5.015  -2.083  1.00 24.63 ? 76  LEU B CG  1 
ATOM   610  C  CD1 . LEU A 1 75  ? 0.495   -4.207  -0.898  1.00 23.75 ? 76  LEU B CD1 1 
ATOM   611  C  CD2 . LEU A 1 75  ? 0.027   -4.752  -3.284  1.00 27.87 ? 76  LEU B CD2 1 
ATOM   612  N  N   . GLU A 1 76  ? 4.638   -3.823  -4.475  1.00 13.45 ? 77  GLU B N   1 
ATOM   613  C  CA  . GLU A 1 76  ? 5.794   -2.936  -4.424  1.00 14.22 ? 77  GLU B CA  1 
ATOM   614  C  C   . GLU A 1 76  ? 5.281   -1.540  -4.140  1.00 13.79 ? 77  GLU B C   1 
ATOM   615  O  O   . GLU A 1 76  ? 4.313   -1.093  -4.746  1.00 14.28 ? 77  GLU B O   1 
ATOM   616  C  CB  . GLU A 1 76  ? 6.538   -2.932  -5.746  1.00 15.01 ? 77  GLU B CB  1 
ATOM   617  C  CG  . GLU A 1 76  ? 7.085   -4.296  -6.156  1.00 16.84 ? 77  GLU B CG  1 
ATOM   618  C  CD  . GLU A 1 76  ? 7.876   -4.286  -7.442  1.00 19.87 ? 77  GLU B CD  1 
ATOM   619  O  OE1 . GLU A 1 76  ? 8.020   -3.238  -8.108  1.00 20.92 ? 77  GLU B OE1 1 
ATOM   620  O  OE2 . GLU A 1 76  ? 8.344   -5.378  -7.819  1.00 20.82 ? 77  GLU B OE2 1 
ATOM   621  N  N   . GLN A 1 77  ? 5.922   -0.854  -3.217  1.00 13.30 ? 78  GLN B N   1 
ATOM   622  C  CA  . GLN A 1 77  ? 5.543   0.518   -2.904  1.00 13.66 ? 78  GLN B CA  1 
ATOM   623  C  C   . GLN A 1 77  ? 6.752   1.398   -2.929  1.00 14.07 ? 78  GLN B C   1 
ATOM   624  O  O   . GLN A 1 77  ? 7.825   1.009   -2.475  1.00 16.06 ? 78  GLN B O   1 
ATOM   625  C  CB  . GLN A 1 77  ? 4.853   0.612   -1.567  1.00 14.36 ? 78  GLN B CB  1 
ATOM   626  C  CG  . GLN A 1 77  ? 3.580   -0.204  -1.502  1.00 14.98 ? 78  GLN B CG  1 
ATOM   627  C  CD  . GLN A 1 77  ? 2.874   -0.038  -0.182  1.00 14.96 ? 78  GLN B CD  1 
ATOM   628  O  OE1 . GLN A 1 77  ? 3.322   -0.557  0.854   1.00 16.19 ? 78  GLN B OE1 1 
ATOM   629  N  NE2 . GLN A 1 77  ? 1.768   0.699   -0.195  1.00 15.53 ? 78  GLN B NE2 1 
ATOM   630  N  N   . LYS A 1 78  ? 6.574   2.589   -3.468  1.00 13.92 ? 79  LYS B N   1 
ATOM   631  C  CA  . LYS A 1 78  ? 7.623   3.611   -3.487  1.00 14.08 ? 79  LYS B CA  1 
ATOM   632  C  C   . LYS A 1 78  ? 7.109   4.865   -2.813  1.00 13.73 ? 79  LYS B C   1 
ATOM   633  O  O   . LYS A 1 78  ? 5.970   5.304   -3.055  1.00 13.78 ? 79  LYS B O   1 
ATOM   634  C  CB  . LYS A 1 78  ? 8.050   3.925   -4.892  1.00 15.85 ? 79  LYS B CB  1 
ATOM   635  C  CG  . LYS A 1 78  ? 8.884   2.829   -5.518  1.00 18.41 ? 79  LYS B CG  1 
ATOM   636  C  CD  . LYS A 1 78  ? 9.277   3.216   -6.923  1.00 21.75 ? 79  LYS B CD  1 
ATOM   637  C  CE  . LYS A 1 78  ? 10.215  2.216   -7.565  1.00 25.30 ? 79  LYS B CE  1 
ATOM   638  N  NZ  . LYS A 1 78  ? 10.574  2.711   -8.923  1.00 27.61 ? 79  LYS B NZ  1 
ATOM   639  N  N   . VAL A 1 79  ? 7.939   5.438   -1.953  1.00 12.76 ? 80  VAL B N   1 
ATOM   640  C  CA  . VAL A 1 79  ? 7.687   6.703   -1.287  1.00 12.84 ? 80  VAL B CA  1 
ATOM   641  C  C   . VAL A 1 79  ? 8.384   7.778   -2.092  1.00 13.08 ? 80  VAL B C   1 
ATOM   642  O  O   . VAL A 1 79  ? 9.613   7.796   -2.158  1.00 14.14 ? 80  VAL B O   1 
ATOM   643  C  CB  . VAL A 1 79  ? 8.240   6.684   0.134   1.00 14.12 ? 80  VAL B CB  1 
ATOM   644  C  CG1 . VAL A 1 79  ? 7.980   8.033   0.802   1.00 15.54 ? 80  VAL B CG1 1 
ATOM   645  C  CG2 . VAL A 1 79  ? 7.665   5.506   0.923   1.00 15.62 ? 80  VAL B CG2 1 
ATOM   646  N  N   . TYR A 1 80  ? 7.597   8.659   -2.703  1.00 12.38 ? 81  TYR B N   1 
ATOM   647  C  CA  . TYR A 1 80  ? 8.100   9.752   -3.528  1.00 12.79 ? 81  TYR B CA  1 
ATOM   648  C  C   . TYR A 1 80  ? 7.920   11.080  -2.805  1.00 12.89 ? 81  TYR B C   1 
ATOM   649  O  O   . TYR A 1 80  ? 6.831   11.388  -2.303  1.00 13.46 ? 81  TYR B O   1 
ATOM   650  C  CB  . TYR A 1 80  ? 7.358   9.831   -4.838  1.00 13.68 ? 81  TYR B CB  1 
ATOM   651  C  CG  . TYR A 1 80  ? 7.768   8.809   -5.871  1.00 14.97 ? 81  TYR B CG  1 
ATOM   652  C  CD1 . TYR A 1 80  ? 8.852   9.037   -6.676  1.00 15.94 ? 81  TYR B CD1 1 
ATOM   653  C  CD2 . TYR A 1 80  ? 7.030   7.645   -6.084  1.00 16.19 ? 81  TYR B CD2 1 
ATOM   654  C  CE1 . TYR A 1 80  ? 9.230   8.131   -7.660  1.00 17.09 ? 81  TYR B CE1 1 
ATOM   655  C  CE2 . TYR A 1 80  ? 7.413   6.729   -7.058  1.00 17.78 ? 81  TYR B CE2 1 
ATOM   656  C  CZ  . TYR A 1 80  ? 8.497   6.991   -7.850  1.00 18.32 ? 81  TYR B CZ  1 
ATOM   657  O  OH  . TYR A 1 80  ? 8.884   6.076   -8.834  1.00 22.71 ? 81  TYR B OH  1 
ATOM   658  N  N   . PHE A 1 81  ? 8.976   11.873  -2.779  1.00 13.09 ? 82  PHE B N   1 
ATOM   659  C  CA  . PHE A 1 81  ? 8.954   13.231  -2.228  1.00 12.84 ? 82  PHE B CA  1 
ATOM   660  C  C   . PHE A 1 81  ? 9.306   14.170  -3.352  1.00 12.96 ? 82  PHE B C   1 
ATOM   661  O  O   . PHE A 1 81  ? 10.405  14.113  -3.874  1.00 12.70 ? 82  PHE B O   1 
ATOM   662  C  CB  . PHE A 1 81  ? 9.914   13.369  -1.064  1.00 13.07 ? 82  PHE B CB  1 
ATOM   663  C  CG  . PHE A 1 81  ? 10.042  14.774  -0.559  1.00 12.88 ? 82  PHE B CG  1 
ATOM   664  C  CD1 . PHE A 1 81  ? 9.060   15.342  0.227   1.00 13.42 ? 82  PHE B CD1 1 
ATOM   665  C  CD2 . PHE A 1 81  ? 11.124  15.546  -0.925  1.00 13.35 ? 82  PHE B CD2 1 
ATOM   666  C  CE1 . PHE A 1 81  ? 9.180   16.641  0.685   1.00 12.83 ? 82  PHE B CE1 1 
ATOM   667  C  CE2 . PHE A 1 81  ? 11.257  16.862  -0.485  1.00 13.15 ? 82  PHE B CE2 1 
ATOM   668  C  CZ  . PHE A 1 81  ? 10.277  17.412  0.320   1.00 13.25 ? 82  PHE B CZ  1 
ATOM   669  N  N   . LYS A 1 82  ? 8.366   15.033  -3.736  1.00 13.66 ? 83  LYS B N   1 
ATOM   670  C  CA  . LYS A 1 82  ? 8.568   15.938  -4.847  1.00 14.40 ? 83  LYS B CA  1 
ATOM   671  C  C   . LYS A 1 82  ? 9.178   15.222  -6.043  1.00 14.94 ? 83  LYS B C   1 
ATOM   672  O  O   . LYS A 1 82  ? 10.073  15.697  -6.711  1.00 16.81 ? 83  LYS B O   1 
ATOM   673  C  CB  . LYS A 1 82  ? 9.408   17.150  -4.426  1.00 14.65 ? 83  LYS B CB  1 
ATOM   674  C  CG  . LYS A 1 82  ? 8.800   17.971  -3.305  1.00 13.72 ? 83  LYS B CG  1 
ATOM   675  C  CD  . LYS A 1 82  ? 9.578   19.254  -3.110  1.00 14.22 ? 83  LYS B CD  1 
ATOM   676  C  CE  . LYS A 1 82  ? 8.916   20.132  -2.098  1.00 15.18 ? 83  LYS B CE  1 
ATOM   677  N  NZ  . LYS A 1 82  ? 9.642   21.428  -2.008  1.00 17.14 ? 83  LYS B NZ  1 
ATOM   678  N  N   . GLY A 1 83  ? 8.632   14.040  -6.322  1.00 15.34 ? 84  GLY B N   1 
ATOM   679  C  CA  . GLY A 1 83  ? 9.024   13.279  -7.489  1.00 15.58 ? 84  GLY B CA  1 
ATOM   680  C  C   . GLY A 1 83  ? 10.238  12.391  -7.339  1.00 16.16 ? 84  GLY B C   1 
ATOM   681  O  O   . GLY A 1 83  ? 10.584  11.669  -8.277  1.00 18.29 ? 84  GLY B O   1 
ATOM   682  N  N   . GLN A 1 84  ? 10.878  12.430  -6.182  1.00 15.37 ? 85  GLN B N   1 
ATOM   683  C  CA  . GLN A 1 84  ? 12.068  11.615  -5.945  1.00 15.56 ? 85  GLN B CA  1 
ATOM   684  C  C   . GLN A 1 84  ? 11.745  10.446  -5.050  1.00 15.28 ? 85  GLN B C   1 
ATOM   685  O  O   . GLN A 1 84  ? 11.192  10.617  -3.974  1.00 14.51 ? 85  GLN B O   1 
ATOM   686  C  CB  . GLN A 1 84  ? 13.113  12.483  -5.263  1.00 17.07 ? 85  GLN B CB  1 
ATOM   687  C  CG  . GLN A 1 84  ? 14.404  11.754  -4.934  1.00 18.55 ? 85  GLN B CG  1 
ATOM   688  C  CD  . GLN A 1 84  ? 15.456  12.667  -4.380  1.00 21.21 ? 85  GLN B CD  1 
ATOM   689  O  OE1 . GLN A 1 84  ? 15.362  13.885  -4.440  1.00 24.19 ? 85  GLN B OE1 1 
ATOM   690  N  NE2 . GLN A 1 84  ? 16.457  12.078  -3.833  1.00 21.16 ? 85  GLN B NE2 1 
ATOM   691  N  N   . CYS A 1 85  ? 12.162  9.245   -5.466  1.00 16.17 ? 86  CYS B N   1 
ATOM   692  C  CA  . CYS A 1 85  ? 11.937  8.082   -4.638  1.00 16.30 ? 86  CYS B CA  1 
ATOM   693  C  C   . CYS A 1 85  ? 12.895  8.079   -3.455  1.00 16.11 ? 86  CYS B C   1 
ATOM   694  O  O   . CYS A 1 85  ? 14.125  8.016   -3.643  1.00 18.11 ? 86  CYS B O   1 
ATOM   695  C  CB  . CYS A 1 85  ? 12.119  6.809   -5.451  1.00 16.27 ? 86  CYS B CB  1 
ATOM   696  S  SG  . CYS A 1 85  ? 11.752  5.321   -4.496  1.00 18.65 ? 86  CYS B SG  1 
ATOM   697  N  N   . LEU A 1 86  ? 12.356  8.111   -2.254  1.00 16.04 ? 87  LEU B N   1 
ATOM   698  C  CA  . LEU A 1 86  ? 13.160  8.056   -1.027  1.00 17.45 ? 87  LEU B CA  1 
ATOM   699  C  C   . LEU A 1 86  ? 13.282  6.663   -0.452  1.00 18.40 ? 87  LEU B C   1 
ATOM   700  O  O   . LEU A 1 86  ? 14.225  6.396   0.312   1.00 19.03 ? 87  LEU B O   1 
ATOM   701  C  CB  . LEU A 1 86  ? 12.569  8.943   0.056   1.00 18.99 ? 87  LEU B CB  1 
ATOM   702  C  CG  . LEU A 1 86  ? 12.321  10.402  -0.304  1.00 20.78 ? 87  LEU B CG  1 
ATOM   703  C  CD1 . LEU A 1 86  ? 11.841  11.121  0.945   1.00 21.82 ? 87  LEU B CD1 1 
ATOM   704  C  CD2 . LEU A 1 86  ? 13.563  11.043  -0.869  1.00 21.26 ? 87  LEU B CD2 1 
ATOM   705  N  N   . GLU A 1 87  ? 12.314  5.796   -0.757  1.00 17.48 ? 88  GLU B N   1 
ATOM   706  C  CA  . GLU A 1 87  ? 12.316  4.450   -0.202  1.00 18.79 ? 88  GLU B CA  1 
ATOM   707  C  C   . GLU A 1 87  ? 11.481  3.546   -1.071  1.00 17.55 ? 88  GLU B C   1 
ATOM   708  O  O   . GLU A 1 87  ? 10.511  3.991   -1.688  1.00 15.88 ? 88  GLU B O   1 
ATOM   709  C  CB  . GLU A 1 87  ? 11.742  4.476   1.199   1.00 22.73 ? 88  GLU B CB  1 
ATOM   710  C  CG  . GLU A 1 87  ? 12.385  3.494   2.159   1.00 26.54 ? 88  GLU B CG  1 
ATOM   711  C  CD  . GLU A 1 87  ? 12.190  3.926   3.593   1.00 26.39 ? 88  GLU B CD  1 
ATOM   712  O  OE1 . GLU A 1 87  ? 12.657  5.042   3.975   1.00 27.84 ? 88  GLU B OE1 1 
ATOM   713  O  OE2 . GLU A 1 87  ? 11.540  3.181   4.345   1.00 27.84 ? 88  GLU B OE2 1 
ATOM   714  N  N   . GLU A 1 88  ? 11.866  2.275   -1.109  1.00 16.95 ? 89  GLU B N   1 
ATOM   715  C  CA  . GLU A 1 88  ? 11.127  1.239   -1.821  1.00 18.13 ? 89  GLU B CA  1 
ATOM   716  C  C   . GLU A 1 88  ? 10.877  0.074   -0.878  1.00 17.55 ? 89  GLU B C   1 
ATOM   717  O  O   . GLU A 1 88  ? 11.790  -0.390  -0.173  1.00 19.00 ? 89  GLU B O   1 
ATOM   718  C  CB  . GLU A 1 88  ? 11.850  0.773   -3.076  1.00 20.97 ? 89  GLU B CB  1 
ATOM   719  C  CG  . GLU A 1 88  ? 10.958  -0.060  -3.997  1.00 25.97 ? 89  GLU B CG  1 
ATOM   720  C  CD  . GLU A 1 88  ? 11.540  -0.281  -5.389  1.00 28.61 ? 89  GLU B CD  1 
ATOM   721  O  OE1 . GLU A 1 88  ? 12.766  -0.087  -5.581  1.00 34.28 ? 89  GLU B OE1 1 
ATOM   722  O  OE2 . GLU A 1 88  ? 10.751  -0.657  -6.297  1.00 33.27 ? 89  GLU B OE2 1 
ATOM   723  N  N   . TRP A 1 89  ? 9.632   -0.388  -0.851  1.00 16.01 ? 90  TRP B N   1 
ATOM   724  C  CA  . TRP A 1 89  ? 9.187   -1.485  0.004   1.00 15.17 ? 90  TRP B CA  1 
ATOM   725  C  C   . TRP A 1 89  ? 8.626   -2.611  -0.859  1.00 14.93 ? 90  TRP B C   1 
ATOM   726  O  O   . TRP A 1 89  ? 8.031   -2.393  -1.918  1.00 15.14 ? 90  TRP B O   1 
ATOM   727  C  CB  . TRP A 1 89  ? 8.096   -1.051  0.954   1.00 16.09 ? 90  TRP B CB  1 
ATOM   728  C  CG  . TRP A 1 89  ? 8.436   0.101   1.827   1.00 16.98 ? 90  TRP B CG  1 
ATOM   729  C  CD1 . TRP A 1 89  ? 9.667   0.471   2.289   1.00 18.13 ? 90  TRP B CD1 1 
ATOM   730  C  CD2 . TRP A 1 89  ? 7.504   1.052   2.337   1.00 17.24 ? 90  TRP B CD2 1 
ATOM   731  N  NE1 . TRP A 1 89  ? 9.547   1.604   3.063   1.00 18.41 ? 90  TRP B NE1 1 
ATOM   732  C  CE2 . TRP A 1 89  ? 8.229   1.972   3.121   1.00 17.67 ? 90  TRP B CE2 1 
ATOM   733  C  CE3 . TRP A 1 89  ? 6.124   1.206   2.214   1.00 17.34 ? 90  TRP B CE3 1 
ATOM   734  C  CZ2 . TRP A 1 89  ? 7.608   3.050   3.768   1.00 17.85 ? 90  TRP B CZ2 1 
ATOM   735  C  CZ3 . TRP A 1 89  ? 5.506   2.266   2.874   1.00 18.09 ? 90  TRP B CZ3 1 
ATOM   736  C  CH2 . TRP A 1 89  ? 6.256   3.174   3.630   1.00 18.06 ? 90  TRP B CH2 1 
ATOM   737  N  N   . PHE A 1 90  ? 8.827   -3.830  -0.373  1.00 14.94 ? 91  PHE B N   1 
ATOM   738  C  CA  . PHE A 1 90  ? 8.332   -5.045  -1.027  1.00 15.14 ? 91  PHE B CA  1 
ATOM   739  C  C   . PHE A 1 90  ? 7.624   -5.886  0.003   1.00 15.40 ? 91  PHE B C   1 
ATOM   740  O  O   . PHE A 1 90  ? 8.159   -6.118  1.078   1.00 16.70 ? 91  PHE B O   1 
ATOM   741  C  CB  . PHE A 1 90  ? 9.519   -5.829  -1.593  1.00 15.97 ? 91  PHE B CB  1 
ATOM   742  C  CG  . PHE A 1 90  ? 10.306  -5.045  -2.586  1.00 17.52 ? 91  PHE B CG  1 
ATOM   743  C  CD1 . PHE A 1 90  ? 11.330  -4.209  -2.160  1.00 19.56 ? 91  PHE B CD1 1 
ATOM   744  C  CD2 . PHE A 1 90  ? 10.009  -5.082  -3.933  1.00 18.56 ? 91  PHE B CD2 1 
ATOM   745  C  CE1 . PHE A 1 90  ? 12.036  -3.453  -3.071  1.00 20.08 ? 91  PHE B CE1 1 
ATOM   746  C  CE2 . PHE A 1 90  ? 10.715  -4.334  -4.851  1.00 19.97 ? 91  PHE B CE2 1 
ATOM   747  C  CZ  . PHE A 1 90  ? 11.737  -3.510  -4.416  1.00 20.20 ? 91  PHE B CZ  1 
ATOM   748  N  N   . PHE A 1 91  ? 6.421   -6.355  -0.320  1.00 15.20 ? 92  PHE B N   1 
ATOM   749  C  CA  . PHE A 1 91  ? 5.637   -7.192  0.575   1.00 15.35 ? 92  PHE B CA  1 
ATOM   750  C  C   . PHE A 1 91  ? 5.005   -8.334  -0.221  1.00 15.87 ? 92  PHE B C   1 
ATOM   751  O  O   . PHE A 1 91  ? 4.558   -8.134  -1.335  1.00 16.18 ? 92  PHE B O   1 
ATOM   752  C  CB  . PHE A 1 91  ? 4.513   -6.409  1.249   1.00 16.40 ? 92  PHE B CB  1 
ATOM   753  C  CG  . PHE A 1 91  ? 4.983   -5.203  1.997   1.00 17.13 ? 92  PHE B CG  1 
ATOM   754  C  CD1 . PHE A 1 91  ? 5.472   -5.307  3.272   1.00 18.07 ? 92  PHE B CD1 1 
ATOM   755  C  CD2 . PHE A 1 91  ? 4.902   -3.954  1.406   1.00 18.06 ? 92  PHE B CD2 1 
ATOM   756  C  CE1 . PHE A 1 91  ? 5.912   -4.163  3.956   1.00 19.25 ? 92  PHE B CE1 1 
ATOM   757  C  CE2 . PHE A 1 91  ? 5.334   -2.827  2.072   1.00 19.86 ? 92  PHE B CE2 1 
ATOM   758  C  CZ  . PHE A 1 91  ? 5.815   -2.929  3.343   1.00 18.94 ? 92  PHE B CZ  1 
ATOM   759  N  N   . GLU A 1 92  ? 4.979   -9.529  0.362   1.00 16.81 ? 93  GLU B N   1 
ATOM   760  C  CA  . GLU A 1 92  ? 4.421   -10.705 -0.331  1.00 18.34 ? 93  GLU B CA  1 
ATOM   761  C  C   . GLU A 1 92  ? 3.317   -11.304 0.514   1.00 17.82 ? 93  GLU B C   1 
ATOM   762  O  O   . GLU A 1 92  ? 3.461   -11.478 1.724   1.00 20.09 ? 93  GLU B O   1 
ATOM   763  C  CB  . GLU A 1 92  ? 5.520   -11.737 -0.600  1.00 21.76 ? 93  GLU B CB  1 
ATOM   764  C  CG  . GLU A 1 92  ? 5.058   -12.958 -1.398  1.00 26.69 ? 93  GLU B CG  1 
ATOM   765  C  CD  . GLU A 1 92  ? 6.187   -13.931 -1.694  1.00 31.97 ? 93  GLU B CD  1 
ATOM   766  O  OE1 . GLU A 1 92  ? 5.892   -15.119 -1.968  1.00 37.26 ? 93  GLU B OE1 1 
ATOM   767  O  OE2 . GLU A 1 92  ? 7.362   -13.514 -1.655  1.00 37.07 ? 93  GLU B OE2 1 
ATOM   768  N  N   . PHE A 1 93  ? 2.185   -11.596 -0.137  1.00 16.44 ? 94  PHE B N   1 
ATOM   769  C  CA  . PHE A 1 93  ? 1.082   -12.315 0.471   1.00 16.78 ? 94  PHE B CA  1 
ATOM   770  C  C   . PHE A 1 93  ? 1.133   -13.793 0.080   1.00 17.12 ? 94  PHE B C   1 
ATOM   771  O  O   . PHE A 1 93  ? 0.976   -14.654 0.951   1.00 18.61 ? 94  PHE B O   1 
ATOM   772  C  CB  . PHE A 1 93  ? -0.277  -11.722 0.056   1.00 15.98 ? 94  PHE B CB  1 
ATOM   773  C  CG  . PHE A 1 93  ? -1.437  -12.404 0.711   1.00 15.53 ? 94  PHE B CG  1 
ATOM   774  C  CD1 . PHE A 1 93  ? -1.839  -12.041 1.980   1.00 16.12 ? 94  PHE B CD1 1 
ATOM   775  C  CD2 . PHE A 1 93  ? -2.098  -13.456 0.077   1.00 15.65 ? 94  PHE B CD2 1 
ATOM   776  C  CE1 . PHE A 1 93  ? -2.898  -12.681 2.614   1.00 16.99 ? 94  PHE B CE1 1 
ATOM   777  C  CE2 . PHE A 1 93  ? -3.149  -14.102 0.698   1.00 16.03 ? 94  PHE B CE2 1 
ATOM   778  C  CZ  . PHE A 1 93  ? -3.551  -13.729 1.965   1.00 16.31 ? 94  PHE B CZ  1 
ATOM   779  N  N   . GLY A 1 94  ? 1.339   -14.079 -1.199  1.00 16.80 ? 95  GLY B N   1 
ATOM   780  C  CA  . GLY A 1 94  ? 1.397   -15.462 -1.685  1.00 17.00 ? 95  GLY B CA  1 
ATOM   781  C  C   . GLY A 1 94  ? 0.087   -15.891 -2.307  1.00 16.79 ? 95  GLY B C   1 
ATOM   782  O  O   . GLY A 1 94  ? -0.562  -15.138 -3.017  1.00 15.80 ? 95  GLY B O   1 
ATOM   783  N  N   . PHE A 1 95  ? -0.299  -17.138 -2.059  1.00 16.06 ? 96  PHE B N   1 
ATOM   784  C  CA  . PHE A 1 95  ? -1.449  -17.728 -2.709  1.00 15.84 ? 96  PHE B CA  1 
ATOM   785  C  C   . PHE A 1 95  ? -2.756  -17.124 -2.212  1.00 14.55 ? 96  PHE B C   1 
ATOM   786  O  O   . PHE A 1 95  ? -2.948  -16.947 -1.027  1.00 15.58 ? 96  PHE B O   1 
ATOM   787  C  CB  . PHE A 1 95  ? -1.469  -19.250 -2.431  1.00 16.14 ? 96  PHE B CB  1 
ATOM   788  C  CG  . PHE A 1 95  ? -2.526  -19.968 -3.204  1.00 16.76 ? 96  PHE B CG  1 
ATOM   789  C  CD1 . PHE A 1 95  ? -2.337  -20.204 -4.549  1.00 18.20 ? 96  PHE B CD1 1 
ATOM   790  C  CD2 . PHE A 1 95  ? -3.712  -20.334 -2.629  1.00 17.79 ? 96  PHE B CD2 1 
ATOM   791  C  CE1 . PHE A 1 95  ? -3.302  -20.848 -5.303  1.00 19.28 ? 96  PHE B CE1 1 
ATOM   792  C  CE2 . PHE A 1 95  ? -4.683  -21.001 -3.384  1.00 18.63 ? 96  PHE B CE2 1 
ATOM   793  C  CZ  . PHE A 1 95  ? -4.471  -21.201 -4.718  1.00 17.68 ? 96  PHE B CZ  1 
ATOM   794  N  N   . VAL A 1 96  ? -3.644  -16.831 -3.171  1.00 13.76 ? 97  VAL B N   1 
ATOM   795  C  CA  . VAL A 1 96  ? -4.964  -16.306 -2.914  1.00 13.42 ? 97  VAL B CA  1 
ATOM   796  C  C   . VAL A 1 96  ? -6.005  -17.256 -3.503  1.00 13.89 ? 97  VAL B C   1 
ATOM   797  O  O   . VAL A 1 96  ? -6.015  -17.529 -4.718  1.00 13.49 ? 97  VAL B O   1 
ATOM   798  C  CB  . VAL A 1 96  ? -5.132  -14.885 -3.521  1.00 13.84 ? 97  VAL B CB  1 
ATOM   799  C  CG1 . VAL A 1 96  ? -6.541  -14.375 -3.283  1.00 14.14 ? 97  VAL B CG1 1 
ATOM   800  C  CG2 . VAL A 1 96  ? -4.079  -13.932 -2.939  1.00 14.05 ? 97  VAL B CG2 1 
ATOM   801  N  N   . ILE A 1 97  ? -6.847  -17.755 -2.616  1.00 14.05 ? 98  ILE B N   1 
ATOM   802  C  CA  . ILE A 1 97  ? -7.944  -18.642 -2.994  1.00 14.69 ? 98  ILE B CA  1 
ATOM   803  C  C   . ILE A 1 97  ? -8.981  -17.842 -3.787  1.00 14.62 ? 98  ILE B C   1 
ATOM   804  O  O   . ILE A 1 97  ? -9.338  -16.730 -3.399  1.00 14.69 ? 98  ILE B O   1 
ATOM   805  C  CB  . ILE A 1 97  ? -8.549  -19.259 -1.719  1.00 16.25 ? 98  ILE B CB  1 
ATOM   806  C  CG1 . ILE A 1 97  ? -7.589  -20.322 -1.190  1.00 18.97 ? 98  ILE B CG1 1 
ATOM   807  C  CG2 . ILE A 1 97  ? -9.939  -19.833 -1.941  1.00 16.71 ? 98  ILE B CG2 1 
ATOM   808  C  CD1 . ILE A 1 97  ? -8.001  -20.920 0.125   1.00 21.31 ? 98  ILE B CD1 1 
ATOM   809  N  N   . PRO A 1 98  ? -9.486  -18.374 -4.897  1.00 13.91 ? 99  PRO B N   1 
ATOM   810  C  CA  . PRO A 1 98  ? -10.521 -17.638 -5.618  1.00 14.30 ? 99  PRO B CA  1 
ATOM   811  C  C   . PRO A 1 98  ? -11.760 -17.422 -4.754  1.00 15.28 ? 99  PRO B C   1 
ATOM   812  O  O   . PRO A 1 98  ? -12.196 -18.339 -4.049  1.00 15.88 ? 99  PRO B O   1 
ATOM   813  C  CB  . PRO A 1 98  ? -10.837 -18.551 -6.826  1.00 13.89 ? 99  PRO B CB  1 
ATOM   814  C  CG  . PRO A 1 98  ? -10.348 -19.912 -6.408  1.00 14.27 ? 99  PRO B CG  1 
ATOM   815  C  CD  . PRO A 1 98  ? -9.170  -19.673 -5.525  1.00 14.24 ? 99  PRO B CD  1 
ATOM   816  N  N   . ASN A 1 99  ? -12.329 -16.216 -4.820  1.00 15.05 ? 100 ASN B N   1 
ATOM   817  C  CA  . ASN A 1 99  ? -13.512 -15.803 -4.066  1.00 16.20 ? 100 ASN B CA  1 
ATOM   818  C  C   . ASN A 1 99  ? -13.281 -15.776 -2.562  1.00 17.42 ? 100 ASN B C   1 
ATOM   819  O  O   . ASN A 1 99  ? -14.217 -15.974 -1.779  1.00 21.83 ? 100 ASN B O   1 
ATOM   820  C  CB  . ASN A 1 99  ? -14.731 -16.652 -4.441  1.00 17.04 ? 100 ASN B CB  1 
ATOM   821  C  CG  . ASN A 1 99  ? -15.065 -16.533 -5.892  1.00 18.69 ? 100 ASN B CG  1 
ATOM   822  O  OD1 . ASN A 1 99  ? -15.437 -15.463 -6.362  1.00 21.30 ? 100 ASN B OD1 1 
ATOM   823  N  ND2 . ASN A 1 99  ? -14.893 -17.615 -6.631  1.00 19.11 ? 100 ASN B ND2 1 
ATOM   824  N  N   . SER A 1 100 ? -12.060 -15.472 -2.159  1.00 16.36 ? 101 SER B N   1 
ATOM   825  C  CA  . SER A 1 100 ? -11.714 -15.328 -0.763  1.00 16.48 ? 101 SER B CA  1 
ATOM   826  C  C   . SER A 1 100 ? -11.630 -13.871 -0.312  1.00 16.61 ? 101 SER B C   1 
ATOM   827  O  O   . SER A 1 100 ? -11.443 -12.947 -1.115  1.00 16.77 ? 101 SER B O   1 
ATOM   828  C  CB  . SER A 1 100 ? -10.402 -16.027 -0.467  1.00 16.89 ? 101 SER B CB  1 
ATOM   829  O  OG  . SER A 1 100 ? -9.304  -15.426 -1.118  1.00 16.82 ? 101 SER B OG  1 
ATOM   830  N  N   . THR A 1 101 ? -11.747 -13.698 0.994   1.00 16.65 ? 102 THR B N   1 
ATOM   831  C  CA  . THR A 1 101 ? -11.477 -12.447 1.678   1.00 17.03 ? 102 THR B CA  1 
ATOM   832  C  C   . THR A 1 101 ? -10.376 -12.736 2.679   1.00 17.45 ? 102 THR B C   1 
ATOM   833  O  O   . THR A 1 101 ? -10.403 -13.754 3.373   1.00 18.53 ? 102 THR B O   1 
ATOM   834  C  CB  . THR A 1 101 ? -12.738 -11.894 2.351   1.00 17.75 ? 102 THR B CB  1 
ATOM   835  O  OG1 . THR A 1 101 ? -13.720 -11.628 1.355   1.00 19.14 ? 102 THR B OG1 1 
ATOM   836  C  CG2 . THR A 1 101 ? -12.438 -10.616 3.116   1.00 18.55 ? 102 THR B CG2 1 
ATOM   837  N  N   . ASN A 1 102 ? -9.376  -11.860 2.742   1.00 16.37 ? 103 ASN B N   1 
ATOM   838  C  CA  . ASN A 1 102 ? -8.107  -12.121 3.416   1.00 16.77 ? 103 ASN B CA  1 
ATOM   839  C  C   . ASN A 1 102 ? -7.612  -10.880 4.120   1.00 18.05 ? 103 ASN B C   1 
ATOM   840  O  O   . ASN A 1 102 ? -7.752  -9.787  3.579   1.00 16.94 ? 103 ASN B O   1 
ATOM   841  C  CB  . ASN A 1 102 ? -7.024  -12.527 2.410   1.00 17.99 ? 103 ASN B CB  1 
ATOM   842  C  CG  . ASN A 1 102 ? -7.459  -13.637 1.481   1.00 19.96 ? 103 ASN B CG  1 
ATOM   843  O  OD1 . ASN A 1 102 ? -7.237  -14.786 1.789   1.00 22.78 ? 103 ASN B OD1 1 
ATOM   844  N  ND2 . ASN A 1 102 ? -8.060  -13.296 0.360   1.00 20.75 ? 103 ASN B ND2 1 
ATOM   845  N  N   . THR A 1 103 ? -7.046  -11.053 5.309   1.00 18.41 ? 104 THR B N   1 
ATOM   846  C  CA  . THR A 1 103 ? -6.357  -9.971  6.014   1.00 19.21 ? 104 THR B CA  1 
ATOM   847  C  C   . THR A 1 103 ? -4.869  -10.199 5.929   1.00 20.35 ? 104 THR B C   1 
ATOM   848  O  O   . THR A 1 103 ? -4.345  -11.264 6.253   1.00 21.72 ? 104 THR B O   1 
ATOM   849  C  CB  . THR A 1 103 ? -6.810  -9.878  7.473   1.00 19.43 ? 104 THR B CB  1 
ATOM   850  O  OG1 . THR A 1 103 ? -8.197  -9.558  7.512   1.00 21.07 ? 104 THR B OG1 1 
ATOM   851  C  CG2 . THR A 1 103 ? -6.034  -8.794  8.212   1.00 21.73 ? 104 THR B CG2 1 
ATOM   852  N  N   . TRP A 1 104 ? -4.180  -9.184  5.439   1.00 20.30 ? 105 TRP B N   1 
ATOM   853  C  CA  . TRP A 1 104 ? -2.761  -9.247  5.216   1.00 20.94 ? 105 TRP B CA  1 
ATOM   854  C  C   . TRP A 1 104 ? -2.058  -8.281  6.156   1.00 21.50 ? 105 TRP B C   1 
ATOM   855  O  O   . TRP A 1 104 ? -2.296  -7.079  6.085   1.00 19.11 ? 105 TRP B O   1 
ATOM   856  C  CB  . TRP A 1 104 ? -2.489  -8.875  3.782   1.00 21.46 ? 105 TRP B CB  1 
ATOM   857  C  CG  . TRP A 1 104 ? -1.094  -8.951  3.376   1.00 22.59 ? 105 TRP B CG  1 
ATOM   858  C  CD1 . TRP A 1 104 ? -0.039  -9.421  4.106   1.00 23.26 ? 105 TRP B CD1 1 
ATOM   859  C  CD2 . TRP A 1 104 ? -0.581  -8.573  2.117   1.00 22.40 ? 105 TRP B CD2 1 
ATOM   860  N  NE1 . TRP A 1 104 ? 1.110   -9.353  3.371   1.00 24.96 ? 105 TRP B NE1 1 
ATOM   861  C  CE2 . TRP A 1 104 ? 0.820   -8.805  2.153   1.00 21.79 ? 105 TRP B CE2 1 
ATOM   862  C  CE3 . TRP A 1 104 ? -1.151  -8.064  0.955   1.00 22.56 ? 105 TRP B CE3 1 
ATOM   863  C  CZ2 . TRP A 1 104 ? 1.628   -8.570  1.065   1.00 23.67 ? 105 TRP B CZ2 1 
ATOM   864  C  CZ3 . TRP A 1 104 ? -0.339  -7.808  -0.116  1.00 24.67 ? 105 TRP B CZ3 1 
ATOM   865  C  CH2 . TRP A 1 104 ? 1.047   -8.068  -0.055  1.00 21.81 ? 105 TRP B CH2 1 
ATOM   866  N  N   . GLN A 1 105 ? -1.199  -8.791  7.008   1.00 22.57 ? 106 GLN B N   1 
ATOM   867  C  CA  . GLN A 1 105 ? -0.432  -7.992  7.945   1.00 24.78 ? 106 GLN B CA  1 
ATOM   868  C  C   . GLN A 1 105 ? 0.995   -7.829  7.453   1.00 25.04 ? 106 GLN B C   1 
ATOM   869  O  O   . GLN A 1 105 ? 1.616   -8.773  7.059   1.00 24.99 ? 106 GLN B O   1 
ATOM   870  C  CB  . GLN A 1 105 ? -0.462  -8.599  9.354   1.00 20.00 ? 106 GLN B CB  1 
ATOM   871  N  N   . SER A 1 106 ? 1.481   -6.590  7.453   1.00 22.47 ? 107 SER B N   1 
ATOM   872  C  CA  . SER A 1 106 ? 2.835   -6.271  7.053   1.00 21.99 ? 107 SER B CA  1 
ATOM   873  C  C   . SER A 1 106 ? 3.480   -5.284  8.015   1.00 20.76 ? 107 SER B C   1 
ATOM   874  O  O   . SER A 1 106 ? 2.801   -4.471  8.616   1.00 21.71 ? 107 SER B O   1 
ATOM   875  C  CB  . SER A 1 106 ? 2.858   -5.664  5.662   1.00 22.35 ? 107 SER B CB  1 
ATOM   876  O  OG  . SER A 1 106 ? 2.409   -6.625  4.719   1.00 23.77 ? 107 SER B OG  1 
ATOM   877  N  N   . LEU A 1 107 ? 4.801   -5.345  8.079   1.00 20.72 ? 108 LEU B N   1 
ATOM   878  C  CA  . LEU A 1 107 ? 5.611   -4.469  8.932   1.00 21.93 ? 108 LEU B CA  1 
ATOM   879  C  C   . LEU A 1 107 ? 6.438   -3.516  8.079   1.00 20.89 ? 108 LEU B C   1 
ATOM   880  O  O   . LEU A 1 107 ? 7.226   -3.935  7.233   1.00 23.93 ? 108 LEU B O   1 
ATOM   881  C  CB  . LEU A 1 107 ? 6.553   -5.321  9.771   1.00 23.14 ? 108 LEU B CB  1 
ATOM   882  C  CG  . LEU A 1 107 ? 7.336   -4.574  10.851  1.00 25.12 ? 108 LEU B CG  1 
ATOM   883  C  CD1 . LEU A 1 107 ? 6.388   -3.970  11.872  1.00 25.10 ? 108 LEU B CD1 1 
ATOM   884  C  CD2 . LEU A 1 107 ? 8.318   -5.545  11.493  1.00 25.95 ? 108 LEU B CD2 1 
ATOM   885  N  N   . ILE A 1 108 ? 6.252   -2.223  8.328   1.00 22.26 ? 109 ILE B N   1 
ATOM   886  C  CA  . ILE A 1 108 ? 7.026   -1.186  7.677   1.00 24.31 ? 109 ILE B CA  1 
ATOM   887  C  C   . ILE A 1 108 ? 8.036   -0.670  8.700   1.00 27.31 ? 109 ILE B C   1 
ATOM   888  O  O   . ILE A 1 108 ? 7.654   -0.007  9.664   1.00 27.11 ? 109 ILE B O   1 
ATOM   889  C  CB  . ILE A 1 108 ? 6.139   -0.024  7.216   1.00 25.86 ? 109 ILE B CB  1 
ATOM   890  C  CG1 . ILE A 1 108 ? 4.980   -0.529  6.349   1.00 26.04 ? 109 ILE B CG1 1 
ATOM   891  C  CG2 . ILE A 1 108 ? 6.989   0.985   6.454   1.00 26.73 ? 109 ILE B CG2 1 
ATOM   892  C  CD1 . ILE A 1 108 ? 3.902   0.512   6.124   1.00 26.97 ? 109 ILE B CD1 1 
ATOM   893  N  N   . GLU A 1 109 ? 9.283   -0.997  8.467   1.00 32.76 ? 110 GLU B N   1 
ATOM   894  C  CA  . GLU A 1 109 ? 10.366  -0.697  9.390   1.00 37.16 ? 110 GLU B CA  1 
ATOM   895  C  C   . GLU A 1 109 ? 11.227  0.380   8.859   1.00 40.13 ? 110 GLU B C   1 
ATOM   896  O  O   . GLU A 1 109 ? 11.480  0.466   7.684   1.00 42.30 ? 110 GLU B O   1 
ATOM   897  C  CB  . GLU A 1 109 ? 11.226  -1.914  9.597   1.00 41.54 ? 110 GLU B CB  1 
ATOM   898  C  CG  . GLU A 1 109 ? 10.558  -2.927  10.461  1.00 44.80 ? 110 GLU B CG  1 
ATOM   899  C  CD  . GLU A 1 109 ? 11.521  -3.802  11.167  1.00 48.80 ? 110 GLU B CD  1 
ATOM   900  O  OE1 . GLU A 1 109 ? 11.963  -4.756  10.546  1.00 54.03 ? 110 GLU B OE1 1 
ATOM   901  O  OE2 . GLU A 1 109 ? 11.806  -3.536  12.328  1.00 51.82 ? 110 GLU B OE2 1 
ATOM   902  N  N   . ALA A 1 110 ? 11.683  1.229   9.756   1.00 40.50 ? 111 ALA B N   1 
ATOM   903  C  CA  . ALA A 1 110 ? 12.555  2.306   9.349   1.00 42.07 ? 111 ALA B CA  1 
ATOM   904  C  C   . ALA A 1 110 ? 13.810  1.785   8.686   1.00 42.92 ? 111 ALA B C   1 
ATOM   905  O  O   . ALA A 1 110 ? 14.456  0.922   9.215   1.00 43.60 ? 111 ALA B O   1 
ATOM   906  C  CB  . ALA A 1 110 ? 12.910  3.160   10.538  1.00 42.26 ? 111 ALA B CB  1 
ATOM   907  N  N   . ALA A 1 111 ? 14.152  2.326   7.536   1.00 43.69 ? 112 ALA B N   1 
ATOM   908  C  CA  . ALA A 1 111 ? 15.458  2.093   6.994   1.00 46.28 ? 112 ALA B CA  1 
ATOM   909  C  C   . ALA A 1 111 ? 16.487  2.822   7.806   1.00 48.88 ? 112 ALA B C   1 
ATOM   910  O  O   . ALA A 1 111 ? 16.310  3.955   8.179   1.00 45.64 ? 112 ALA B O   1 
ATOM   911  C  CB  . ALA A 1 111 ? 15.536  2.475   5.530   1.00 46.50 ? 112 ALA B CB  1 
ATOM   912  N  N   . PRO A 1 112 ? 17.590  2.043   8.156   1.00 53.45 ? 113 PRO B N   1 
ATOM   913  C  CA  . PRO A 1 112 ? 18.720  2.864   8.628   1.00 55.71 ? 113 PRO B CA  1 
ATOM   914  C  C   . PRO A 1 112 ? 19.283  3.494   7.345   1.00 55.83 ? 113 PRO B C   1 
ATOM   915  O  O   . PRO A 1 112 ? 18.943  3.121   6.252   1.00 61.31 ? 113 PRO B O   1 
ATOM   916  C  CB  . PRO A 1 112 ? 19.647  1.833   9.257   1.00 57.06 ? 113 PRO B CB  1 
ATOM   917  C  CG  . PRO A 1 112 ? 19.505  0.653   8.354   1.00 55.73 ? 113 PRO B CG  1 
ATOM   918  C  CD  . PRO A 1 112 ? 18.057  0.562   8.152   1.00 55.04 ? 113 PRO B CD  1 
ATOM   919  N  N   . GLU A 1 113 ? 20.166  4.425   7.417   1.00 55.76 ? 114 GLU B N   1 
ATOM   920  C  CA  . GLU A 1 113 ? 20.314  5.313   8.477   1.00 53.23 ? 114 GLU B CA  1 
ATOM   921  C  C   . GLU A 1 113 ? 19.535  6.554   7.916   1.00 45.81 ? 114 GLU B C   1 
ATOM   922  O  O   . GLU A 1 113 ? 19.983  7.652   8.003   1.00 48.35 ? 114 GLU B O   1 
ATOM   923  C  CB  . GLU A 1 113 ? 21.775  5.622   8.807   1.00 20.00 ? 114 GLU B CB  1 
ATOM   924  N  N   . SER A 1 114 ? 18.404  6.317   7.288   1.00 39.45 ? 115 SER B N   1 
ATOM   925  C  CA  A SER A 1 114 ? 17.367  7.437   7.025   0.50 35.82 ? 115 SER B CA  1 
ATOM   926  C  CA  B SER A 1 114 ? 17.343  7.423   7.027   0.50 36.11 ? 115 SER B CA  1 
ATOM   927  C  C   . SER A 1 114 ? 16.838  8.316   8.203   1.00 32.81 ? 115 SER B C   1 
ATOM   928  O  O   . SER A 1 114 ? 16.658  7.734   9.246   1.00 32.90 ? 115 SER B O   1 
ATOM   929  C  CB  A SER A 1 114 ? 16.185  6.886   6.230   0.50 35.94 ? 115 SER B CB  1 
ATOM   930  C  CB  B SER A 1 114 ? 16.130  6.840   6.292   0.50 36.58 ? 115 SER B CB  1 
ATOM   931  O  OG  A SER A 1 114 ? 15.235  6.289   7.091   0.50 37.05 ? 115 SER B OG  1 
ATOM   932  O  OG  B SER A 1 114 ? 16.508  6.147   5.115   0.50 38.49 ? 115 SER B OG  1 
ATOM   933  N  N   . GLN A 1 115 ? 16.627  9.594   8.017   1.00 25.96 ? 116 GLN B N   1 
ATOM   934  C  CA  . GLN A 1 115 ? 16.015  10.406  9.013   1.00 23.93 ? 116 GLN B CA  1 
ATOM   935  C  C   . GLN A 1 115 ? 14.850  11.124  8.371   1.00 20.87 ? 116 GLN B C   1 
ATOM   936  O  O   . GLN A 1 115 ? 14.946  11.567  7.274   1.00 21.52 ? 116 GLN B O   1 
ATOM   937  C  CB  . GLN A 1 115 ? 17.008  11.402  9.544   1.00 26.47 ? 116 GLN B CB  1 
ATOM   938  C  CG  . GLN A 1 115 ? 18.273  10.731  10.025  1.00 31.19 ? 116 GLN B CG  1 
ATOM   939  C  CD  . GLN A 1 115 ? 19.462  11.593  9.796   1.00 36.03 ? 116 GLN B CD  1 
ATOM   940  O  OE1 . GLN A 1 115 ? 19.840  11.850  8.671   1.00 40.85 ? 116 GLN B OE1 1 
ATOM   941  N  NE2 . GLN A 1 115 ? 20.052  12.053  10.863  1.00 39.22 ? 116 GLN B NE2 1 
ATOM   942  N  N   . MET A 1 116 ? 13.752  11.191  9.080   1.00 18.91 ? 117 MET B N   1 
ATOM   943  C  CA  . MET A 1 116 ? 12.551  11.786  8.542   1.00 18.00 ? 117 MET B CA  1 
ATOM   944  C  C   . MET A 1 116 ? 12.704  13.291  8.476   1.00 16.83 ? 117 MET B C   1 
ATOM   945  O  O   . MET A 1 116 ? 13.221  13.902  9.365   1.00 18.41 ? 117 MET B O   1 
ATOM   946  C  CB  . MET A 1 116 ? 11.360  11.426  9.406   1.00 19.81 ? 117 MET B CB  1 
ATOM   947  C  CG  . MET A 1 116 ? 11.049  9.947   9.517   1.00 21.19 ? 117 MET B CG  1 
ATOM   948  S  SD  . MET A 1 116 ? 10.680  9.179   7.966   1.00 24.51 ? 117 MET B SD  1 
ATOM   949  C  CE  . MET A 1 116 ? 12.251  8.419   7.691   1.00 26.07 ? 117 MET B CE  1 
ATOM   950  N  N   . MET A 1 117 ? 12.218  13.855  7.391   1.00 15.18 ? 118 MET B N   1 
ATOM   951  C  CA  . MET A 1 117 ? 12.018  15.309  7.327   1.00 14.78 ? 118 MET B CA  1 
ATOM   952  C  C   . MET A 1 117 ? 10.866  15.692  8.256   1.00 14.96 ? 118 MET B C   1 
ATOM   953  O  O   . MET A 1 117 ? 10.043  14.857  8.624   1.00 15.07 ? 118 MET B O   1 
ATOM   954  C  CB  . MET A 1 117 ? 11.711  15.742  5.891   1.00 14.65 ? 118 MET B CB  1 
ATOM   955  C  CG  . MET A 1 117 ? 12.954  15.922  5.023   1.00 14.72 ? 118 MET B CG  1 
ATOM   956  S  SD  . MET A 1 117 ? 12.611  16.370  3.317   1.00 15.64 ? 118 MET B SD  1 
ATOM   957  C  CE  . MET A 1 117 ? 12.370  14.727  2.658   1.00 14.92 ? 118 MET B CE  1 
ATOM   958  N  N   . PRO A 1 118 ? 10.766  16.985  8.606   1.00 14.54 ? 119 PRO B N   1 
ATOM   959  C  CA  . PRO A 1 118 ? 9.621   17.445  9.382   1.00 14.37 ? 119 PRO B CA  1 
ATOM   960  C  C   . PRO A 1 118 ? 8.291   17.220  8.674   1.00 13.11 ? 119 PRO B C   1 
ATOM   961  O  O   . PRO A 1 118 ? 8.200   17.360  7.459   1.00 12.80 ? 119 PRO B O   1 
ATOM   962  C  CB  . PRO A 1 118 ? 9.871   18.946  9.535   1.00 15.41 ? 119 PRO B CB  1 
ATOM   963  C  CG  . PRO A 1 118 ? 11.329  19.112  9.281   1.00 16.35 ? 119 PRO B CG  1 
ATOM   964  C  CD  . PRO A 1 118 ? 11.681  18.083  8.264   1.00 15.65 ? 119 PRO B CD  1 
ATOM   965  N  N   . ALA A 1 119 ? 7.264   16.898  9.446   1.00 12.79 ? 120 ALA B N   1 
ATOM   966  C  CA  . ALA A 1 119 ? 5.916   16.753  8.937   1.00 13.17 ? 120 ALA B CA  1 
ATOM   967  C  C   . ALA A 1 119 ? 5.503   17.959  8.100   1.00 13.23 ? 120 ALA B C   1 
ATOM   968  O  O   . ALA A 1 119 ? 4.845   17.819  7.083   1.00 13.00 ? 120 ALA B O   1 
ATOM   969  C  CB  . ALA A 1 119 ? 4.928   16.576  10.072  1.00 13.84 ? 120 ALA B CB  1 
ATOM   970  N  N   . SER A 1 120 ? 5.874   19.161  8.551   1.00 13.47 ? 121 SER B N   1 
ATOM   971  C  CA  . SER A 1 120 ? 5.452   20.384  7.841   1.00 13.24 ? 121 SER B CA  1 
ATOM   972  C  C   . SER A 1 120 ? 6.033   20.462  6.439   1.00 12.38 ? 121 SER B C   1 
ATOM   973  O  O   . SER A 1 120 ? 5.420   21.029  5.559   1.00 12.97 ? 121 SER B O   1 
ATOM   974  C  CB  . SER A 1 120 ? 5.831   21.632  8.636   1.00 13.19 ? 121 SER B CB  1 
ATOM   975  O  OG  . SER A 1 120 ? 7.212   21.808  8.765   1.00 14.25 ? 121 SER B OG  1 
ATOM   976  N  N   . VAL A 1 121 ? 7.214   19.903  6.243   1.00 11.90 ? 122 VAL B N   1 
ATOM   977  C  CA  . VAL A 1 121 ? 7.856   19.834  4.939   1.00 11.48 ? 122 VAL B CA  1 
ATOM   978  C  C   . VAL A 1 121 ? 7.251   18.745  4.051   1.00 11.77 ? 122 VAL B C   1 
ATOM   979  O  O   . VAL A 1 121 ? 7.023   18.931  2.863   1.00 11.76 ? 122 VAL B O   1 
ATOM   980  C  CB  . VAL A 1 121 ? 9.382   19.616  5.096   1.00 12.03 ? 122 VAL B CB  1 
ATOM   981  C  CG1 . VAL A 1 121 ? 10.043  19.346  3.757   1.00 12.57 ? 122 VAL B CG1 1 
ATOM   982  C  CG2 . VAL A 1 121 ? 10.025  20.819  5.808   1.00 12.90 ? 122 VAL B CG2 1 
ATOM   983  N  N   . LEU A 1 122 ? 6.993   17.602  4.669   1.00 11.06 ? 123 LEU B N   1 
ATOM   984  C  CA  . LEU A 1 122 ? 6.504   16.445  3.956   1.00 11.65 ? 123 LEU B CA  1 
ATOM   985  C  C   . LEU A 1 122 ? 5.062   16.571  3.498   1.00 11.53 ? 123 LEU B C   1 
ATOM   986  O  O   . LEU A 1 122 ? 4.662   16.030  2.459   1.00 11.69 ? 123 LEU B O   1 
ATOM   987  C  CB  . LEU A 1 122 ? 6.609   15.208  4.827   1.00 12.19 ? 123 LEU B CB  1 
ATOM   988  C  CG  . LEU A 1 122 ? 8.012   14.708  5.084   1.00 12.62 ? 123 LEU B CG  1 
ATOM   989  C  CD1 . LEU A 1 122 ? 8.010   13.605  6.141   1.00 13.05 ? 123 LEU B CD1 1 
ATOM   990  C  CD2 . LEU A 1 122 ? 8.686   14.232  3.803   1.00 13.01 ? 123 LEU B CD2 1 
ATOM   991  N  N   . THR A 1 123 ? 4.243   17.268  4.288   1.00 11.15 ? 124 THR B N   1 
ATOM   992  C  CA  . THR A 1 123 ? 2.813   17.192  4.110   1.00 11.35 ? 124 THR B CA  1 
ATOM   993  C  C   . THR A 1 123 ? 2.367   17.695  2.732   1.00 11.27 ? 124 THR B C   1 
ATOM   994  O  O   . THR A 1 123 ? 2.775   18.774  2.302   1.00 11.38 ? 124 THR B O   1 
ATOM   995  C  CB  . THR A 1 123 ? 2.057   17.881  5.263   1.00 11.40 ? 124 THR B CB  1 
ATOM   996  O  OG1 . THR A 1 123 ? 0.687   17.499  5.154   1.00 11.97 ? 124 THR B OG1 1 
ATOM   997  C  CG2 . THR A 1 123 ? 2.206   19.431  5.245   1.00 11.76 ? 124 THR B CG2 1 
ATOM   998  N  N   . GLY A 1 124 ? 1.571   16.911  2.007   1.00 10.94 ? 125 GLY B N   1 
ATOM   999  C  CA  . GLY A 1 124 ? 1.174   17.224  0.642   1.00 11.28 ? 125 GLY B CA  1 
ATOM   1000 C  C   . GLY A 1 124 ? 2.208   16.956  -0.418  1.00 11.12 ? 125 GLY B C   1 
ATOM   1001 O  O   . GLY A 1 124 ? 1.911   17.087  -1.597  1.00 12.32 ? 125 GLY B O   1 
ATOM   1002 N  N   . ASN A 1 125 ? 3.430   16.627  -0.012  1.00 11.20 ? 126 ASN B N   1 
ATOM   1003 C  CA  . ASN A 1 125 ? 4.552   16.421  -0.932  1.00 11.55 ? 126 ASN B CA  1 
ATOM   1004 C  C   . ASN A 1 125 ? 4.989   14.978  -1.063  1.00 11.80 ? 126 ASN B C   1 
ATOM   1005 O  O   . ASN A 1 125 ? 5.917   14.701  -1.826  1.00 12.70 ? 126 ASN B O   1 
ATOM   1006 C  CB  . ASN A 1 125 ? 5.756   17.275  -0.506  1.00 11.74 ? 126 ASN B CB  1 
ATOM   1007 C  CG  . ASN A 1 125 ? 5.525   18.734  -0.744  1.00 12.47 ? 126 ASN B CG  1 
ATOM   1008 O  OD1 . ASN A 1 125 ? 5.021   19.131  -1.789  1.00 13.71 ? 126 ASN B OD1 1 
ATOM   1009 N  ND2 . ASN A 1 125 ? 5.885   19.551  0.230   1.00 12.31 ? 126 ASN B ND2 1 
ATOM   1010 N  N   . VAL A 1 126 ? 4.324   14.085  -0.323  1.00 11.76 ? 127 VAL B N   1 
ATOM   1011 C  CA  . VAL A 1 126 ? 4.609   12.660  -0.382  1.00 11.86 ? 127 VAL B CA  1 
ATOM   1012 C  C   . VAL A 1 126 ? 3.512   11.962  -1.175  1.00 11.87 ? 127 VAL B C   1 
ATOM   1013 O  O   . VAL A 1 126 ? 2.310   12.150  -0.908  1.00 12.96 ? 127 VAL B O   1 
ATOM   1014 C  CB  . VAL A 1 126 ? 4.692   12.064  1.017   1.00 12.11 ? 127 VAL B CB  1 
ATOM   1015 C  CG1 . VAL A 1 126 ? 4.763   10.538  0.969   1.00 12.52 ? 127 VAL B CG1 1 
ATOM   1016 C  CG2 . VAL A 1 126 ? 5.892   12.622  1.763   1.00 12.05 ? 127 VAL B CG2 1 
ATOM   1017 N  N   . ILE A 1 127 ? 3.953   11.177  -2.135  1.00 11.84 ? 128 ILE B N   1 
ATOM   1018 C  CA  . ILE A 1 127 ? 3.085   10.293  -2.888  1.00 13.02 ? 128 ILE B CA  1 
ATOM   1019 C  C   . ILE A 1 127 ? 3.577   8.886   -2.641  1.00 12.38 ? 128 ILE B C   1 
ATOM   1020 O  O   . ILE A 1 127 ? 4.769   8.610   -2.789  1.00 12.05 ? 128 ILE B O   1 
ATOM   1021 C  CB  . ILE A 1 127 ? 3.140   10.597  -4.388  1.00 14.52 ? 128 ILE B CB  1 
ATOM   1022 C  CG1 . ILE A 1 127 ? 2.411   11.921  -4.676  1.00 16.93 ? 128 ILE B CG1 1 
ATOM   1023 C  CG2 . ILE A 1 127 ? 2.556   9.437   -5.200  1.00 15.83 ? 128 ILE B CG2 1 
ATOM   1024 C  CD1 . ILE A 1 127 ? 0.913   11.766  -4.820  1.00 17.90 ? 128 ILE B CD1 1 
ATOM   1025 N  N   . ILE A 1 128 ? 2.667   8.002   -2.288  1.00 12.12 ? 129 ILE B N   1 
ATOM   1026 C  CA  . ILE A 1 128 ? 2.955   6.573   -2.238  1.00 12.20 ? 129 ILE B CA  1 
ATOM   1027 C  C   . ILE A 1 128 ? 2.450   5.977   -3.538  1.00 12.41 ? 129 ILE B C   1 
ATOM   1028 O  O   . ILE A 1 128 ? 1.271   6.095   -3.856  1.00 12.94 ? 129 ILE B O   1 
ATOM   1029 C  CB  . ILE A 1 128 ? 2.289   5.877   -1.057  1.00 12.54 ? 129 ILE B CB  1 
ATOM   1030 C  CG1 . ILE A 1 128 ? 2.513   6.647   0.255   1.00 13.15 ? 129 ILE B CG1 1 
ATOM   1031 C  CG2 . ILE A 1 128 ? 2.771   4.428   -0.990  1.00 12.86 ? 129 ILE B CG2 1 
ATOM   1032 C  CD1 . ILE A 1 128 ? 3.959   6.843   0.668   1.00 13.55 ? 129 ILE B CD1 1 
ATOM   1033 N  N   . GLU A 1 129 ? 3.340   5.344   -4.296  1.00 12.82 ? 130 GLU B N   1 
ATOM   1034 C  CA  . GLU A 1 129 ? 2.963   4.635   -5.514  1.00 13.61 ? 130 GLU B CA  1 
ATOM   1035 C  C   . GLU A 1 129 ? 2.992   3.159   -5.198  1.00 13.70 ? 130 GLU B C   1 
ATOM   1036 O  O   . GLU A 1 129 ? 4.035   2.621   -4.816  1.00 13.86 ? 130 GLU B O   1 
ATOM   1037 C  CB  . GLU A 1 129 ? 3.959   4.921   -6.624  1.00 15.30 ? 130 GLU B CB  1 
ATOM   1038 C  CG  . GLU A 1 129 ? 3.620   4.226   -7.933  1.00 17.87 ? 130 GLU B CG  1 
ATOM   1039 C  CD  . GLU A 1 129 ? 4.827   4.151   -8.860  1.00 21.26 ? 130 GLU B CD  1 
ATOM   1040 O  OE1 . GLU A 1 129 ? 5.834   3.452   -8.553  1.00 25.15 ? 130 GLU B OE1 1 
ATOM   1041 O  OE2 . GLU A 1 129 ? 4.758   4.802   -9.914  1.00 25.37 ? 130 GLU B OE2 1 
ATOM   1042 N  N   . THR A 1 130 ? 1.857   2.498   -5.378  1.00 12.98 ? 131 THR B N   1 
ATOM   1043 C  CA  . THR A 1 130 ? 1.683   1.077   -5.068  1.00 12.96 ? 131 THR B CA  1 
ATOM   1044 C  C   . THR A 1 130 ? 1.385   0.312   -6.338  1.00 13.41 ? 131 THR B C   1 
ATOM   1045 O  O   . THR A 1 130 ? 0.494   0.654   -7.108  1.00 13.55 ? 131 THR B O   1 
ATOM   1046 C  CB  . THR A 1 130 ? 0.552   0.886   -4.062  1.00 13.89 ? 131 THR B CB  1 
ATOM   1047 O  OG1 . THR A 1 130 ? 0.874   1.579   -2.842  1.00 14.31 ? 131 THR B OG1 1 
ATOM   1048 C  CG2 . THR A 1 130 ? 0.350   -0.588  -3.750  1.00 15.01 ? 131 THR B CG2 1 
ATOM   1049 N  N   . LYS A 1 131 ? 2.168   -0.741  -6.546  1.00 12.81 ? 132 LYS B N   1 
ATOM   1050 C  CA  . LYS A 1 131 ? 1.995   -1.682  -7.639  1.00 13.81 ? 132 LYS B CA  1 
ATOM   1051 C  C   . LYS A 1 131 ? 1.641   -3.057  -7.077  1.00 13.23 ? 132 LYS B C   1 
ATOM   1052 O  O   . LYS A 1 131 ? 2.342   -3.602  -6.227  1.00 12.82 ? 132 LYS B O   1 
ATOM   1053 C  CB  . LYS A 1 131 ? 3.260   -1.770  -8.476  1.00 15.36 ? 132 LYS B CB  1 
ATOM   1054 C  CG  . LYS A 1 131 ? 3.523   -0.515  -9.281  1.00 17.69 ? 132 LYS B CG  1 
ATOM   1055 C  CD  . LYS A 1 131 ? 4.738   -0.641  -10.181 1.00 20.67 ? 132 LYS B CD  1 
ATOM   1056 C  CE  . LYS A 1 131 ? 5.112   0.711   -10.757 1.00 25.14 ? 132 LYS B CE  1 
ATOM   1057 N  NZ  . LYS A 1 131 ? 6.099   0.634   -11.862 1.00 28.30 ? 132 LYS B NZ  1 
ATOM   1058 N  N   . PHE A 1 132 ? 0.364   -3.679  -7.397  1.00 13.36 ? 133 PHE B N   1 
ATOM   1059 C  CA  . PHE A 1 132 ? 0.029   -5.079  -7.212  1.00 13.56 ? 133 PHE B CA  1 
ATOM   1060 C  C   . PHE A 1 132 ? 0.422   -5.845  -8.463  1.00 13.12 ? 133 PHE B C   1 
ATOM   1061 O  O   . PHE A 1 132 ? 0.102   -5.484  -9.515  1.00 13.70 ? 133 PHE B O   1 
ATOM   1062 C  CB  . PHE A 1 132 ? -1.462  -5.227  -6.947  1.00 14.38 ? 133 PHE B CB  1 
ATOM   1063 C  CG  . PHE A 1 132 ? -1.935  -4.570  -5.655  1.00 15.56 ? 133 PHE B CG  1 
ATOM   1064 C  CD1 . PHE A 1 132 ? -1.832  -5.195  -4.430  1.00 15.65 ? 133 PHE B CD1 1 
ATOM   1065 C  CD2 . PHE A 1 132 ? -2.487  -3.351  -5.681  1.00 16.34 ? 133 PHE B CD2 1 
ATOM   1066 C  CE1 . PHE A 1 132 ? -2.298  -4.618  -3.282  1.00 16.63 ? 133 PHE B CE1 1 
ATOM   1067 C  CE2 . PHE A 1 132 ? -2.945  -2.745  -4.532  1.00 16.49 ? 133 PHE B CE2 1 
ATOM   1068 C  CZ  . PHE A 1 132 ? -2.855  -3.370  -3.344  1.00 17.16 ? 133 PHE B CZ  1 
ATOM   1069 N  N   . PHE A 1 133 ? 0.982   -6.991  -7.888  1.00 13.46 ? 134 PHE B N   1 
ATOM   1070 C  CA  . PHE A 1 133 ? 1.385   -8.045  -8.812  1.00 13.75 ? 134 PHE B CA  1 
ATOM   1071 C  C   . PHE A 1 133 ? 0.831   -9.402  -8.410  1.00 13.60 ? 134 PHE B C   1 
ATOM   1072 O  O   . PHE A 1 133 ? 0.665   -9.683  -7.227  1.00 13.98 ? 134 PHE B O   1 
ATOM   1073 C  CB  . PHE A 1 133 ? 2.912   -8.210  -8.828  1.00 14.21 ? 134 PHE B CB  1 
ATOM   1074 C  CG  . PHE A 1 133 ? 3.698   -7.036  -9.365  1.00 14.56 ? 134 PHE B CG  1 
ATOM   1075 C  CD1 . PHE A 1 133 ? 4.078   -5.999  -8.516  1.00 15.58 ? 134 PHE B CD1 1 
ATOM   1076 C  CD2 . PHE A 1 133 ? 4.133   -6.998  -10.680 1.00 16.11 ? 134 PHE B CD2 1 
ATOM   1077 C  CE1 . PHE A 1 133 ? 4.840   -4.951  -8.985  1.00 17.05 ? 134 PHE B CE1 1 
ATOM   1078 C  CE2 . PHE A 1 133 ? 4.898   -5.936  -11.156 1.00 17.08 ? 134 PHE B CE2 1 
ATOM   1079 C  CZ  . PHE A 1 133 ? 5.235   -4.914  -10.294 1.00 18.06 ? 134 PHE B CZ  1 
ATOM   1080 N  N   . ASP A 1 134 ? 0.613   -10.248 -9.422  1.00 15.08 ? 135 ASP B N   1 
ATOM   1081 C  CA  . ASP A 1 134 ? 0.658   -11.700 -9.200  1.00 15.85 ? 135 ASP B CA  1 
ATOM   1082 C  C   . ASP A 1 134 ? 1.957   -12.190 -9.833  1.00 16.03 ? 135 ASP B C   1 
ATOM   1083 O  O   . ASP A 1 134 ? 2.071   -12.258 -11.058 1.00 16.70 ? 135 ASP B O   1 
ATOM   1084 C  CB  . ASP A 1 134 ? -0.532  -12.415 -9.826  1.00 17.25 ? 135 ASP B CB  1 
ATOM   1085 C  CG  . ASP A 1 134 ? -0.496  -13.910 -9.570  1.00 18.88 ? 135 ASP B CG  1 
ATOM   1086 O  OD1 . ASP A 1 134 ? 0.452   -14.382 -8.905  1.00 19.58 ? 135 ASP B OD1 1 
ATOM   1087 O  OD2 . ASP A 1 134 ? -1.438  -14.597 -10.034 1.00 21.43 ? 135 ASP B OD2 1 
ATOM   1088 N  N   . ASP A 1 135 ? 2.937   -12.465 -8.990  1.00 17.57 ? 136 ASP B N   1 
ATOM   1089 C  CA  . ASP A 1 135 ? 4.285   -12.811 -9.451  1.00 18.99 ? 136 ASP B CA  1 
ATOM   1090 C  C   . ASP A 1 135 ? 4.870   -11.678 -10.274 1.00 20.35 ? 136 ASP B C   1 
ATOM   1091 O  O   . ASP A 1 135 ? 5.082   -10.596 -9.729  1.00 19.61 ? 136 ASP B O   1 
ATOM   1092 C  CB  . ASP A 1 135 ? 4.293   -14.164 -10.188 1.00 21.74 ? 136 ASP B CB  1 
ATOM   1093 C  CG  . ASP A 1 135 ? 5.694   -14.709 -10.402 1.00 25.22 ? 136 ASP B CG  1 
ATOM   1094 O  OD1 . ASP A 1 135 ? 6.591   -14.415 -9.580  1.00 27.68 ? 136 ASP B OD1 1 
ATOM   1095 O  OD2 . ASP A 1 135 ? 5.885   -15.440 -11.393 1.00 31.21 ? 136 ASP B OD2 1 
ATOM   1096 N  N   . ASP A 1 136 ? 5.120   -11.878 -11.565 1.00 20.36 ? 137 ASP B N   1 
ATOM   1097 C  CA  . ASP A 1 136 ? 5.685   -10.827 -12.389 1.00 21.62 ? 137 ASP B CA  1 
ATOM   1098 C  C   . ASP A 1 136 ? 4.627   -10.085 -13.194 1.00 20.30 ? 137 ASP B C   1 
ATOM   1099 O  O   . ASP A 1 136 ? 4.956   -9.197  -13.975 1.00 22.08 ? 137 ASP B O   1 
ATOM   1100 C  CB  . ASP A 1 136 ? 6.795   -11.383 -13.304 1.00 25.17 ? 137 ASP B CB  1 
ATOM   1101 C  CG  . ASP A 1 136 ? 6.293   -12.428 -14.286 1.00 29.49 ? 137 ASP B CG  1 
ATOM   1102 O  OD1 . ASP A 1 136 ? 5.170   -12.949 -14.120 1.00 32.51 ? 137 ASP B OD1 1 
ATOM   1103 O  OD2 . ASP A 1 136 ? 7.044   -12.737 -15.241 1.00 35.84 ? 137 ASP B OD2 1 
ATOM   1104 N  N   . LEU A 1 137 ? 3.351   -10.414 -12.973 1.00 19.13 ? 138 LEU B N   1 
ATOM   1105 C  CA  . LEU A 1 137 ? 2.249   -9.816  -13.678 1.00 18.73 ? 138 LEU B CA  1 
ATOM   1106 C  C   . LEU A 1 137 ? 1.728   -8.577  -12.938 1.00 17.08 ? 138 LEU B C   1 
ATOM   1107 O  O   . LEU A 1 137 ? 1.163   -8.669  -11.846 1.00 15.73 ? 138 LEU B O   1 
ATOM   1108 C  CB  . LEU A 1 137 ? 1.134   -10.831 -13.854 1.00 19.74 ? 138 LEU B CB  1 
ATOM   1109 C  CG  . LEU A 1 137 ? -0.075  -10.355 -14.647 1.00 20.64 ? 138 LEU B CG  1 
ATOM   1110 C  CD1 . LEU A 1 137 ? 0.315   -9.990  -16.072 1.00 22.25 ? 138 LEU B CD1 1 
ATOM   1111 C  CD2 . LEU A 1 137 ? -1.160  -11.434 -14.626 1.00 21.26 ? 138 LEU B CD2 1 
ATOM   1112 N  N   . LEU A 1 138 ? 1.895   -7.419  -13.571 1.00 17.96 ? 139 LEU B N   1 
ATOM   1113 C  CA  . LEU A 1 138 ? 1.395   -6.162  -13.002 1.00 17.34 ? 139 LEU B CA  1 
ATOM   1114 C  C   . LEU A 1 138 ? -0.112  -6.051  -13.164 1.00 17.76 ? 139 LEU B C   1 
ATOM   1115 O  O   . LEU A 1 138 ? -0.612  -6.062  -14.293 1.00 20.77 ? 139 LEU B O   1 
ATOM   1116 C  CB  . LEU A 1 138 ? 2.092   -4.974  -13.656 1.00 17.77 ? 139 LEU B CB  1 
ATOM   1117 C  CG  . LEU A 1 138 ? 1.645   -3.596  -13.125 1.00 17.47 ? 139 LEU B CG  1 
ATOM   1118 C  CD1 . LEU A 1 138 ? 2.006   -3.389  -11.672 1.00 16.96 ? 139 LEU B CD1 1 
ATOM   1119 C  CD2 . LEU A 1 138 ? 2.242   -2.537  -14.030 1.00 18.29 ? 139 LEU B CD2 1 
ATOM   1120 N  N   . VAL A 1 139 ? -0.812  -5.996  -12.040 1.00 15.70 ? 140 VAL B N   1 
ATOM   1121 C  CA  . VAL A 1 139 ? -2.267  -5.931  -11.992 1.00 16.66 ? 140 VAL B CA  1 
ATOM   1122 C  C   . VAL A 1 139 ? -2.789  -4.501  -11.896 1.00 17.93 ? 140 VAL B C   1 
ATOM   1123 O  O   . VAL A 1 139 ? -3.792  -4.152  -12.526 1.00 19.27 ? 140 VAL B O   1 
ATOM   1124 C  CB  . VAL A 1 139 ? -2.799  -6.758  -10.829 1.00 17.56 ? 140 VAL B CB  1 
ATOM   1125 C  CG1 . VAL A 1 139 ? -4.303  -6.562  -10.631 1.00 18.62 ? 140 VAL B CG1 1 
ATOM   1126 C  CG2 . VAL A 1 139 ? -2.461  -8.215  -11.096 1.00 17.54 ? 140 VAL B CG2 1 
ATOM   1127 N  N   . SER A 1 140 ? -2.143  -3.662  -11.095 1.00 15.96 ? 141 SER B N   1 
ATOM   1128 C  CA  . SER A 1 140 ? -2.553  -2.269  -11.014 1.00 17.08 ? 141 SER B CA  1 
ATOM   1129 C  C   . SER A 1 140 ? -1.479  -1.416  -10.393 1.00 16.01 ? 141 SER B C   1 
ATOM   1130 O  O   . SER A 1 140 ? -0.633  -1.903  -9.628  1.00 15.87 ? 141 SER B O   1 
ATOM   1131 C  CB  . SER A 1 140 ? -3.794  -2.121  -10.178 1.00 17.41 ? 141 SER B CB  1 
ATOM   1132 O  OG  . SER A 1 140 ? -3.571  -2.451  -8.840  1.00 19.60 ? 141 SER B OG  1 
ATOM   1133 N  N   . THR A 1 141 ? -1.559  -0.130  -10.713 1.00 14.78 ? 142 THR B N   1 
ATOM   1134 C  CA  . THR A 1 141 ? -0.700  0.900   -10.163 1.00 15.11 ? 142 THR B CA  1 
ATOM   1135 C  C   . THR A 1 141 ? -1.600  2.003   -9.640  1.00 15.05 ? 142 THR B C   1 
ATOM   1136 O  O   . THR A 1 141 ? -2.514  2.434   -10.341 1.00 16.91 ? 142 THR B O   1 
ATOM   1137 C  CB  . THR A 1 141 ? 0.221   1.482   -11.225 1.00 16.19 ? 142 THR B CB  1 
ATOM   1138 O  OG1 . THR A 1 141 ? 0.953   0.414   -11.860 1.00 17.45 ? 142 THR B OG1 1 
ATOM   1139 C  CG2 . THR A 1 141 ? 1.217   2.464   -10.622 1.00 16.68 ? 142 THR B CG2 1 
ATOM   1140 N  N   . SER A 1 142 ? -1.353  2.439   -8.425  1.00 14.22 ? 143 SER B N   1 
ATOM   1141 C  CA  . SER A 1 142 ? -2.196  3.473   -7.829  1.00 14.23 ? 143 SER B CA  1 
ATOM   1142 C  C   . SER A 1 142 ? -1.341  4.397   -6.992  1.00 13.41 ? 143 SER B C   1 
ATOM   1143 O  O   . SER A 1 142 ? -0.195  4.089   -6.673  1.00 12.59 ? 143 SER B O   1 
ATOM   1144 C  CB  . SER A 1 142 ? -3.307  2.846   -7.014  1.00 16.42 ? 143 SER B CB  1 
ATOM   1145 O  OG  . SER A 1 142 ? -2.805  2.049   -5.997  1.00 17.87 ? 143 SER B OG  1 
ATOM   1146 N  N   . ARG A 1 143 ? -1.904  5.554   -6.677  1.00 12.87 ? 144 ARG B N   1 
ATOM   1147 C  CA  A ARG A 1 143 ? -1.181  6.628   -5.990  0.50 13.33 ? 144 ARG B CA  1 
ATOM   1148 C  CA  B ARG A 1 143 ? -1.181  6.592   -5.959  0.50 12.98 ? 144 ARG B CA  1 
ATOM   1149 C  C   . ARG A 1 143 ? -2.037  7.220   -4.891  1.00 12.44 ? 144 ARG B C   1 
ATOM   1150 O  O   . ARG A 1 143 ? -3.223  7.476   -5.099  1.00 13.30 ? 144 ARG B O   1 
ATOM   1151 C  CB  A ARG A 1 143 ? -0.808  7.750   -6.966  0.50 14.75 ? 144 ARG B CB  1 
ATOM   1152 C  CB  B ARG A 1 143 ? -0.684  7.663   -6.927  0.50 13.69 ? 144 ARG B CB  1 
ATOM   1153 C  CG  A ARG A 1 143 ? 0.118   7.356   -8.102  0.50 16.31 ? 144 ARG B CG  1 
ATOM   1154 C  CG  B ARG A 1 143 ? 0.498   7.205   -7.746  0.50 14.90 ? 144 ARG B CG  1 
ATOM   1155 C  CD  A ARG A 1 143 ? 0.163   8.421   -9.191  0.50 18.25 ? 144 ARG B CD  1 
ATOM   1156 C  CD  B ARG A 1 143 ? 0.839   8.141   -8.893  0.50 15.48 ? 144 ARG B CD  1 
ATOM   1157 N  NE  A ARG A 1 143 ? 1.006   9.574   -8.869  0.50 19.46 ? 144 ARG B NE  1 
ATOM   1158 N  NE  B ARG A 1 143 ? 1.849   7.525   -9.733  0.50 17.56 ? 144 ARG B NE  1 
ATOM   1159 C  CZ  A ARG A 1 143 ? 0.574   10.790  -8.538  0.50 20.96 ? 144 ARG B CZ  1 
ATOM   1160 C  CZ  B ARG A 1 143 ? 1.583   6.695   -10.728 0.50 19.28 ? 144 ARG B CZ  1 
ATOM   1161 N  NH1 A ARG A 1 143 ? -0.723  11.073  -8.443  0.50 20.53 ? 144 ARG B NH1 1 
ATOM   1162 N  NH1 B ARG A 1 143 ? 0.331   6.430   -11.045 0.50 19.85 ? 144 ARG B NH1 1 
ATOM   1163 N  NH2 A ARG A 1 143 ? 1.464   11.741  -8.298  0.50 22.42 ? 144 ARG B NH2 1 
ATOM   1164 N  NH2 B ARG A 1 143 ? 2.567   6.148   -11.424 0.50 20.61 ? 144 ARG B NH2 1 
ATOM   1165 N  N   . VAL A 1 144 ? -1.442  7.461   -3.930  1.00 11.47 ? 145 VAL B N   1 
ATOM   1166 C  CA  A VAL A 1 144 ? -2.044  8.185   -2.736  0.50 11.28 ? 145 VAL B CA  1 
ATOM   1167 C  CA  B VAL A 1 144 ? -2.047  8.208   -2.701  0.50 12.00 ? 145 VAL B CA  1 
ATOM   1168 C  C   . VAL A 1 144 ? -1.066  9.429   -2.206  1.00 11.83 ? 145 VAL B C   1 
ATOM   1169 O  O   . VAL A 1 144 ? 0.164   9.223   -1.927  1.00 12.85 ? 145 VAL B O   1 
ATOM   1170 C  CB  A VAL A 1 144 ? -2.289  7.276   -1.508  0.50 11.32 ? 145 VAL B CB  1 
ATOM   1171 C  CB  B VAL A 1 144 ? -2.380  7.314   -1.481  0.50 12.93 ? 145 VAL B CB  1 
ATOM   1172 C  CG1 A VAL A 1 144 ? -2.836  8.082   -0.329  0.50 10.34 ? 145 VAL B CG1 1 
ATOM   1173 C  CG1 B VAL A 1 144 ? -3.114  6.056   -1.859  0.50 13.90 ? 145 VAL B CG1 1 
ATOM   1174 C  CG2 A VAL A 1 144 ? -3.196  6.118   -1.835  0.50 11.86 ? 145 VAL B CG2 1 
ATOM   1175 C  CG2 B VAL A 1 144 ? -1.146  6.836   -0.859  0.50 12.94 ? 145 VAL B CG2 1 
ATOM   1176 N  N   . ARG A 1 145 ? -1.675  10.571  -2.132  1.00 11.48 ? 146 ARG B N   1 
ATOM   1177 C  CA  . ARG A 1 145 ? -0.952  11.730  -1.594  1.00 11.83 ? 146 ARG B CA  1 
ATOM   1178 C  C   . ARG A 1 145 ? -1.185  11.818  -0.093  1.00 11.27 ? 146 ARG B C   1 
ATOM   1179 O  O   . ARG A 1 145 ? -2.328  11.706  0.361   1.00 12.03 ? 146 ARG B O   1 
ATOM   1180 C  CB  . ARG A 1 145 ? -1.450  13.010  -2.257  1.00 12.16 ? 146 ARG B CB  1 
ATOM   1181 C  CG  . ARG A 1 145 ? -0.661  14.253  -1.872  1.00 13.73 ? 146 ARG B CG  1 
ATOM   1182 C  CD  . ARG A 1 145 ? -1.100  15.462  -2.682  1.00 15.17 ? 146 ARG B CD  1 
ATOM   1183 N  NE  . ARG A 1 145 ? -0.869  15.308  -4.124  1.00 17.57 ? 146 ARG B NE  1 
ATOM   1184 C  CZ  . ARG A 1 145 ? 0.288   15.455  -4.776  1.00 19.61 ? 146 ARG B CZ  1 
ATOM   1185 N  NH1 . ARG A 1 145 ? 1.431   15.807  -4.167  1.00 21.62 ? 146 ARG B NH1 1 
ATOM   1186 N  NH2 . ARG A 1 145 ? 0.299   15.279  -6.092  1.00 21.71 ? 146 ARG B NH2 1 
ATOM   1187 N  N   . LEU A 1 146 ? -0.118  12.008  0.677   1.00 11.87 ? 147 LEU B N   1 
ATOM   1188 C  CA  . LEU A 1 146 ? -0.230  12.020  2.134   1.00 11.57 ? 147 LEU B CA  1 
ATOM   1189 C  C   . LEU A 1 146 ? -0.117  13.407  2.725   1.00 11.79 ? 147 LEU B C   1 
ATOM   1190 O  O   . LEU A 1 146 ? 0.740   14.204  2.314   1.00 12.31 ? 147 LEU B O   1 
ATOM   1191 C  CB  . LEU A 1 146 ? 0.837   11.133  2.794   1.00 12.78 ? 147 LEU B CB  1 
ATOM   1192 C  CG  . LEU A 1 146 ? 0.814   9.644   2.415   1.00 14.15 ? 147 LEU B CG  1 
ATOM   1193 C  CD1 . LEU A 1 146 ? 1.835   8.900   3.273   1.00 14.71 ? 147 LEU B CD1 1 
ATOM   1194 C  CD2 . LEU A 1 146 ? -0.563  9.071   2.594   1.00 15.56 ? 147 LEU B CD2 1 
ATOM   1195 N  N   . PHE A 1 147 ? -0.982  13.647  3.694   1.00 12.46 ? 148 PHE B N   1 
ATOM   1196 C  CA  . PHE A 1 147 ? -0.948  14.836  4.546   1.00 12.69 ? 148 PHE B CA  1 
ATOM   1197 C  C   . PHE A 1 147 ? -0.680  14.363  5.957   1.00 13.49 ? 148 PHE B C   1 
ATOM   1198 O  O   . PHE A 1 147 ? -1.221  13.332  6.391   1.00 15.12 ? 148 PHE B O   1 
ATOM   1199 C  CB  . PHE A 1 147 ? -2.265  15.594  4.449   1.00 13.43 ? 148 PHE B CB  1 
ATOM   1200 C  CG  . PHE A 1 147 ? -2.602  15.961  3.050   1.00 14.15 ? 148 PHE B CG  1 
ATOM   1201 C  CD1 . PHE A 1 147 ? -2.034  17.048  2.451   1.00 13.61 ? 148 PHE B CD1 1 
ATOM   1202 C  CD2 . PHE A 1 147 ? -3.422  15.158  2.289   1.00 17.31 ? 148 PHE B CD2 1 
ATOM   1203 C  CE1 . PHE A 1 147 ? -2.289  17.366  1.138   1.00 14.38 ? 148 PHE B CE1 1 
ATOM   1204 C  CE2 . PHE A 1 147 ? -3.715  15.481  0.972   1.00 18.11 ? 148 PHE B CE2 1 
ATOM   1205 C  CZ  . PHE A 1 147 ? -3.142  16.588  0.384   1.00 16.07 ? 148 PHE B CZ  1 
ATOM   1206 N  N   . TYR A 1 148 ? 0.197   15.058  6.662   1.00 13.36 ? 149 TYR B N   1 
ATOM   1207 C  CA  . TYR A 1 148 ? 0.573   14.749  8.033   1.00 14.61 ? 149 TYR B CA  1 
ATOM   1208 C  C   . TYR A 1 148 ? -0.083  15.800  8.916   1.00 16.31 ? 149 TYR B C   1 
ATOM   1209 O  O   . TYR A 1 148 ? 0.207   16.999  8.775   1.00 16.99 ? 149 TYR B O   1 
ATOM   1210 C  CB  . TYR A 1 148 ? 2.086   14.721  8.181   1.00 14.59 ? 149 TYR B CB  1 
ATOM   1211 C  CG  . TYR A 1 148 ? 2.735   13.674  7.306   1.00 14.27 ? 149 TYR B CG  1 
ATOM   1212 C  CD1 . TYR A 1 148 ? 2.881   12.367  7.750   1.00 14.95 ? 149 TYR B CD1 1 
ATOM   1213 C  CD2 . TYR A 1 148 ? 3.148   13.972  6.025   1.00 14.31 ? 149 TYR B CD2 1 
ATOM   1214 C  CE1 . TYR A 1 148 ? 3.451   11.402  6.937   1.00 15.55 ? 149 TYR B CE1 1 
ATOM   1215 C  CE2 . TYR A 1 148 ? 3.726   13.017  5.200   1.00 15.20 ? 149 TYR B CE2 1 
ATOM   1216 C  CZ  . TYR A 1 148 ? 3.876   11.727  5.665   1.00 15.65 ? 149 TYR B CZ  1 
ATOM   1217 O  OH  . TYR A 1 148 ? 4.437   10.782  4.827   1.00 16.91 ? 149 TYR B OH  1 
ATOM   1218 N  N   . VAL A 1 149 ? -0.931  15.357  9.838   1.00 17.82 ? 150 VAL B N   1 
ATOM   1219 C  CA  . VAL A 1 149 ? -1.883  16.228  10.543  1.00 20.26 ? 150 VAL B CA  1 
ATOM   1220 C  C   . VAL A 1 149 ? -1.792  16.075  12.058  1.00 23.51 ? 150 VAL B C   1 
ATOM   1221 O  O   . VAL A 1 149 ? -1.214  15.125  12.570  1.00 22.33 ? 150 VAL B O   1 
ATOM   1222 C  CB  . VAL A 1 149 ? -3.320  15.929  10.091  1.00 21.90 ? 150 VAL B CB  1 
ATOM   1223 C  CG1 . VAL A 1 149 ? -3.422  15.978  8.569   1.00 22.63 ? 150 VAL B CG1 1 
ATOM   1224 C  CG2 . VAL A 1 149 ? -3.786  14.565  10.592  1.00 23.76 ? 150 VAL B CG2 1 
HETATM 1225 C  C4  . DL3 B 2 .   ? 8.112   7.819   4.837   1.00 20.05 ? 201 DL3 B C4  1 
HETATM 1226 C  C5  . DL3 B 2 .   ? 7.803   9.171   4.938   1.00 19.91 ? 201 DL3 B C5  1 
HETATM 1227 C  C6  . DL3 B 2 .   ? 8.825   10.114  4.835   1.00 20.65 ? 201 DL3 B C6  1 
HETATM 1228 N  N1  . DL3 B 2 .   ? 10.130  9.739   4.607   1.00 19.89 ? 201 DL3 B N1  1 
HETATM 1229 N  N3  . DL3 B 2 .   ? 9.401   7.517   4.603   1.00 18.53 ? 201 DL3 B N3  1 
HETATM 1230 C  CBQ . DL3 B 2 .   ? 12.775  8.962   4.292   1.00 20.68 ? 201 DL3 B CBQ 1 
HETATM 1231 N  NBP . DL3 B 2 .   ? 11.636  8.027   4.275   1.00 19.97 ? 201 DL3 B NBP 1 
HETATM 1232 C  C2  . DL3 B 2 .   ? 10.394  8.426   4.489   1.00 19.10 ? 201 DL3 B C2  1 
HETATM 1233 C  CAA . DL3 B 2 .   ? 7.092   6.810   4.938   1.00 20.95 ? 201 DL3 B CAA 1 
HETATM 1234 N  NAH . DL3 B 2 .   ? 6.451   6.703   6.301   1.00 22.04 ? 201 DL3 B NAH 1 
HETATM 1235 C  CAI . DL3 B 2 .   ? 6.522   5.462   7.088   1.00 25.04 ? 201 DL3 B CAI 1 
HETATM 1236 C  CAJ . DL3 B 2 .   ? 7.681   5.355   8.078   1.00 27.18 ? 201 DL3 B CAJ 1 
HETATM 1237 C  CAK . DL3 B 2 .   ? 7.285   4.485   9.203   1.00 28.52 ? 201 DL3 B CAK 1 
HETATM 1238 C  CAL . DL3 B 2 .   ? 8.553   4.131   9.939   1.00 28.51 ? 201 DL3 B CAL 1 
HETATM 1239 N  NAM . DL3 B 2 .   ? 9.359   5.330   10.289  1.00 27.01 ? 201 DL3 B NAM 1 
HETATM 1240 C  CAN . DL3 B 2 .   ? 8.662   6.618   10.050  1.00 26.15 ? 201 DL3 B CAN 1 
HETATM 1241 C  CAO . DL3 B 2 .   ? 8.004   6.722   8.671   1.00 26.79 ? 201 DL3 B CAO 1 
HETATM 1242 S  SAP . DL3 B 2 .   ? 4.744   7.098   6.409   1.00 21.94 ? 201 DL3 B SAP 1 
HETATM 1243 O  OAQ . DL3 B 2 .   ? 4.611   8.328   5.549   1.00 21.62 ? 201 DL3 B OAQ 1 
HETATM 1244 O  OAR . DL3 B 2 .   ? 4.377   7.143   7.847   1.00 23.84 ? 201 DL3 B OAR 1 
HETATM 1245 C  CAS . DL3 B 2 .   ? 3.750   5.829   5.697   1.00 19.22 ? 201 DL3 B CAS 1 
HETATM 1246 C  CAX . DL3 B 2 .   ? 3.125   4.848   6.466   1.00 19.56 ? 201 DL3 B CAX 1 
HETATM 1247 C  CAW . DL3 B 2 .   ? 2.359   3.863   5.840   1.00 18.57 ? 201 DL3 B CAW 1 
HETATM 1248 C  CAT . DL3 B 2 .   ? 3.599   5.842   4.330   1.00 18.51 ? 201 DL3 B CAT 1 
HETATM 1249 C  CAU . DL3 B 2 .   ? 2.839   4.878   3.697   1.00 18.45 ? 201 DL3 B CAU 1 
HETATM 1250 C  CAV . DL3 B 2 .   ? 2.214   3.885   4.454   1.00 17.06 ? 201 DL3 B CAV 1 
HETATM 1251 S  SAY . DL3 B 2 .   ? 1.233   2.729   3.626   1.00 17.63 ? 201 DL3 B SAY 1 
HETATM 1252 O  OAZ . DL3 B 2 .   ? 0.981   1.637   4.623   1.00 17.77 ? 201 DL3 B OAZ 1 
HETATM 1253 O  OBA . DL3 B 2 .   ? 1.907   2.316   2.365   1.00 17.67 ? 201 DL3 B OBA 1 
HETATM 1254 N  NBB . DL3 B 2 .   ? -0.279  3.359   3.144   1.00 20.19 ? 201 DL3 B NBB 1 
HETATM 1255 C  CBE . DL3 B 2 .   ? -1.177  4.406   3.728   1.00 23.63 ? 201 DL3 B CBE 1 
HETATM 1256 C  CBF . DL3 B 2 .   ? -0.688  5.481   4.630   1.00 22.40 ? 201 DL3 B CBF 1 
HETATM 1257 C  CBG . DL3 B 2 .   ? -2.051  6.213   4.693   1.00 23.15 ? 201 DL3 B CBG 1 
HETATM 1258 C  CBH . DL3 B 2 .   ? -3.165  5.210   4.314   1.00 23.52 ? 201 DL3 B CBH 1 
HETATM 1259 C  CBI . DL3 B 2 .   ? -2.436  3.871   4.256   1.00 22.97 ? 201 DL3 B CBI 1 
HETATM 1260 C  CBC . DL3 B 2 .   ? -0.434  3.666   1.684   1.00 20.28 ? 201 DL3 B CBC 1 
HETATM 1261 C  CBD . DL3 B 2 .   ? -1.042  2.570   1.013   1.00 20.14 ? 201 DL3 B CBD 1 
HETATM 1262 C  CBJ . DL3 B 2 .   ? -1.186  1.304   1.598   1.00 20.59 ? 201 DL3 B CBJ 1 
HETATM 1263 C  CBK . DL3 B 2 .   ? -1.748  0.242   0.896   1.00 21.33 ? 201 DL3 B CBK 1 
HETATM 1264 C  CBL . DL3 B 2 .   ? -2.176  0.463   -0.401  1.00 21.46 ? 201 DL3 B CBL 1 
HETATM 1265 CL CL  . DL3 B 2 .   ? -2.858  -0.824  -1.300  1.00 29.41 ? 201 DL3 B CL  1 
HETATM 1266 C  CBM . DL3 B 2 .   ? -2.034  1.710   -0.994  1.00 21.57 ? 201 DL3 B CBM 1 
HETATM 1267 C  CBN . DL3 B 2 .   ? -1.468  2.756   -0.285  1.00 21.05 ? 201 DL3 B CBN 1 
HETATM 1268 O  O   . HOH C 3 .   ? 17.813  5.757   3.087   1.00 46.43 ? 301 HOH B O   1 
HETATM 1269 O  O   . HOH C 3 .   ? 3.884   -8.622  4.337   1.00 32.19 ? 302 HOH B O   1 
HETATM 1270 O  O   . HOH C 3 .   ? -2.649  3.433   -3.907  1.00 21.14 ? 303 HOH B O   1 
HETATM 1271 O  O   . HOH C 3 .   ? -3.185  5.966   24.425  1.00 42.93 ? 304 HOH B O   1 
HETATM 1272 O  O   . HOH C 3 .   ? -3.812  -2.661  18.608  1.00 31.01 ? 305 HOH B O   1 
HETATM 1273 O  O   . HOH C 3 .   ? 14.965  6.145   3.106   1.00 47.75 ? 306 HOH B O   1 
HETATM 1274 O  O   . HOH C 3 .   ? -4.427  15.967  -3.362  1.00 36.17 ? 307 HOH B O   1 
HETATM 1275 O  O   . HOH C 3 .   ? -11.546 -3.442  -21.755 1.00 18.89 ? 308 HOH B O   1 
HETATM 1276 O  O   . HOH C 3 .   ? 1.066   -5.701  2.742   1.00 25.63 ? 309 HOH B O   1 
HETATM 1277 O  O   . HOH C 3 .   ? 13.122  4.810   6.843   1.00 34.88 ? 310 HOH B O   1 
HETATM 1278 O  O   . HOH C 3 .   ? 3.602   -12.513 -16.148 1.00 35.38 ? 311 HOH B O   1 
HETATM 1279 O  O   . HOH C 3 .   ? 10.763  -2.469  -8.162  1.00 43.87 ? 312 HOH B O   1 
HETATM 1280 O  O   . HOH C 3 .   ? 6.959   -7.526  -14.054 1.00 36.18 ? 313 HOH B O   1 
HETATM 1281 O  O   . HOH C 3 .   ? -4.613  5.665   -7.996  1.00 16.50 ? 314 HOH B O   1 
HETATM 1282 O  O   . HOH C 3 .   ? -5.024  -4.880  -14.735 1.00 21.31 ? 315 HOH B O   1 
HETATM 1283 O  O   . HOH C 3 .   ? 9.021   22.530  -4.335  1.00 29.37 ? 316 HOH B O   1 
HETATM 1284 O  O   . HOH C 3 .   ? 8.311   0.208   -10.456 1.00 44.51 ? 317 HOH B O   1 
HETATM 1285 O  O   . HOH C 3 .   ? -16.432 -13.685 -4.650  1.00 33.13 ? 318 HOH B O   1 
HETATM 1286 O  O   . HOH C 3 .   ? -12.443 -1.157  -5.411  1.00 18.89 ? 319 HOH B O   1 
HETATM 1287 O  O   . HOH C 3 .   ? -8.084  8.584   2.936   1.00 31.08 ? 320 HOH B O   1 
HETATM 1288 O  O   . HOH C 3 .   ? -16.220 3.425   2.840   1.00 53.96 ? 321 HOH B O   1 
HETATM 1289 O  O   . HOH C 3 .   ? -9.149  -9.723  10.008  1.00 29.69 ? 322 HOH B O   1 
HETATM 1290 O  O   . HOH C 3 .   ? -11.663 -3.474  -9.561  1.00 23.21 ? 323 HOH B O   1 
HETATM 1291 O  O   . HOH C 3 .   ? 12.719  -2.418  1.313   1.00 35.67 ? 324 HOH B O   1 
HETATM 1292 O  O   . HOH C 3 .   ? -2.126  -2.531  11.759  1.00 24.90 ? 325 HOH B O   1 
HETATM 1293 O  O   . HOH C 3 .   ? -0.309  3.984   -3.034  1.00 16.06 ? 326 HOH B O   1 
HETATM 1294 O  O   . HOH C 3 .   ? -15.519 -6.971  -1.062  1.00 26.12 ? 327 HOH B O   1 
HETATM 1295 O  O   . HOH C 3 .   ? 7.680   23.311  6.573   1.00 15.49 ? 328 HOH B O   1 
HETATM 1296 O  O   . HOH C 3 .   ? -3.088  4.839   -11.424 1.00 21.17 ? 329 HOH B O   1 
HETATM 1297 O  O   . HOH C 3 .   ? 3.188   1.046   -13.247 1.00 36.61 ? 330 HOH B O   1 
HETATM 1298 O  O   . HOH C 3 .   ? -7.945  14.570  2.204   1.00 37.69 ? 331 HOH B O   1 
HETATM 1299 O  O   . HOH C 3 .   ? 3.625   20.070  11.300  1.00 29.20 ? 332 HOH B O   1 
HETATM 1300 O  O   . HOH C 3 .   ? -5.839  -2.042  -7.410  1.00 31.24 ? 333 HOH B O   1 
HETATM 1301 O  O   . HOH C 3 .   ? -15.404 -1.616  2.690   1.00 30.62 ? 334 HOH B O   1 
HETATM 1302 O  O   . HOH C 3 .   ? 8.754   -6.145  -10.395 1.00 32.79 ? 335 HOH B O   1 
HETATM 1303 O  O   . HOH C 3 .   ? 12.131  0.590   5.044   1.00 44.14 ? 336 HOH B O   1 
HETATM 1304 O  O   . HOH C 3 .   ? 8.976   11.236  -10.440 1.00 35.28 ? 337 HOH B O   1 
HETATM 1305 O  O   . HOH C 3 .   ? 7.721   -11.690 -3.655  1.00 39.65 ? 338 HOH B O   1 
HETATM 1306 O  O   . HOH C 3 .   ? 7.089   5.849   -10.884 1.00 43.14 ? 339 HOH B O   1 
HETATM 1307 O  O   . HOH C 3 .   ? -18.427 -3.074  -3.858  1.00 35.46 ? 340 HOH B O   1 
HETATM 1308 O  O   . HOH C 3 .   ? 10.020  4.955   5.775   1.00 28.29 ? 341 HOH B O   1 
HETATM 1309 O  O   . HOH C 3 .   ? -6.749  12.336  -9.709  1.00 32.03 ? 342 HOH B O   1 
HETATM 1310 O  O   . HOH C 3 .   ? -13.445 -16.244 -11.920 1.00 22.85 ? 343 HOH B O   1 
HETATM 1311 O  O   . HOH C 3 .   ? 16.386  9.531   -2.815  1.00 29.04 ? 344 HOH B O   1 
HETATM 1312 O  O   . HOH C 3 .   ? -11.088 -2.559  -7.228  1.00 23.95 ? 345 HOH B O   1 
HETATM 1313 O  O   . HOH C 3 .   ? -13.625 -17.262 -9.118  1.00 18.99 ? 346 HOH B O   1 
HETATM 1314 O  O   . HOH C 3 .   ? 2.802   6.241   17.727  1.00 38.13 ? 347 HOH B O   1 
HETATM 1315 O  O   . HOH C 3 .   ? -14.924 -13.593 -0.139  1.00 33.64 ? 348 HOH B O   1 
HETATM 1316 O  O   . HOH C 3 .   ? 5.777   1.217   -6.953  1.00 21.84 ? 349 HOH B O   1 
HETATM 1317 O  O   . HOH C 3 .   ? -16.175 -6.844  -10.680 1.00 17.92 ? 350 HOH B O   1 
HETATM 1318 O  O   . HOH C 3 .   ? -13.904 -9.673  -4.803  1.00 27.70 ? 351 HOH B O   1 
HETATM 1319 O  O   . HOH C 3 .   ? -9.786  7.534   -1.971  1.00 27.20 ? 352 HOH B O   1 
HETATM 1320 O  O   . HOH C 3 .   ? -17.298 0.349   -0.887  1.00 37.95 ? 353 HOH B O   1 
HETATM 1321 O  O   . HOH C 3 .   ? 4.866   8.172   17.382  1.00 32.27 ? 354 HOH B O   1 
HETATM 1322 O  O   . HOH C 3 .   ? -9.556  -10.853 -8.341  1.00 12.99 ? 355 HOH B O   1 
HETATM 1323 O  O   . HOH C 3 .   ? -6.304  -15.538 4.275   1.00 37.14 ? 356 HOH B O   1 
HETATM 1324 O  O   . HOH C 3 .   ? -15.862 -3.551  0.657   1.00 28.54 ? 357 HOH B O   1 
HETATM 1325 O  O   . HOH C 3 .   ? -14.024 -7.730  4.885   1.00 27.27 ? 358 HOH B O   1 
HETATM 1326 O  O   . HOH C 3 .   ? 6.172   14.088  13.740  1.00 30.50 ? 359 HOH B O   1 
HETATM 1327 O  O   . HOH C 3 .   ? 3.183   -18.196 -3.454  1.00 40.19 ? 360 HOH B O   1 
HETATM 1328 O  O   . HOH C 3 .   ? 5.055   18.133  -4.371  1.00 23.94 ? 361 HOH B O   1 
HETATM 1329 O  O   . HOH C 3 .   ? 14.514  13.178  11.707  1.00 38.48 ? 362 HOH B O   1 
HETATM 1330 O  O   . HOH C 3 .   ? 7.760   -12.291 -8.237  1.00 49.93 ? 363 HOH B O   1 
HETATM 1331 O  O   . HOH C 3 .   ? 6.794   3.831   19.197  1.00 50.10 ? 364 HOH B O   1 
HETATM 1332 O  O   . HOH C 3 .   ? -13.498 -0.340  0.102   1.00 21.80 ? 365 HOH B O   1 
HETATM 1333 O  O   . HOH C 3 .   ? 7.251   1.665   16.461  1.00 36.82 ? 366 HOH B O   1 
HETATM 1334 O  O   . HOH C 3 .   ? 9.257   -15.516 -2.010  1.00 51.96 ? 367 HOH B O   1 
HETATM 1335 O  O   . HOH C 3 .   ? 8.187   -7.745  3.339   1.00 29.26 ? 368 HOH B O   1 
HETATM 1336 O  O   . HOH C 3 .   ? -9.461  3.976   3.225   1.00 29.17 ? 369 HOH B O   1 
HETATM 1337 O  O   . HOH C 3 .   ? 11.568  10.497  13.214  1.00 29.45 ? 370 HOH B O   1 
HETATM 1338 O  O   . HOH C 3 .   ? 3.379   22.808  6.230   1.00 16.76 ? 371 HOH B O   1 
HETATM 1339 O  O   . HOH C 3 .   ? -1.059  -16.952 1.035   1.00 27.79 ? 372 HOH B O   1 
HETATM 1340 O  O   . HOH C 3 .   ? -6.058  8.834   12.112  1.00 36.50 ? 373 HOH B O   1 
HETATM 1341 O  O   . HOH C 3 .   ? -13.609 -19.076 -1.741  1.00 30.08 ? 374 HOH B O   1 
HETATM 1342 O  O   . HOH C 3 .   ? 9.629   14.222  11.328  1.00 22.37 ? 375 HOH B O   1 
HETATM 1343 O  O   . HOH C 3 .   ? -6.718  -17.088 0.266   1.00 20.33 ? 376 HOH B O   1 
HETATM 1344 O  O   . HOH C 3 .   ? -12.796 -10.860 -12.974 1.00 26.71 ? 377 HOH B O   1 
HETATM 1345 O  O   . HOH C 3 .   ? -3.352  -5.704  -18.987 1.00 43.28 ? 378 HOH B O   1 
HETATM 1346 O  O   . HOH C 3 .   ? -7.800  18.336  -2.793  1.00 50.76 ? 379 HOH B O   1 
HETATM 1347 O  O   . HOH C 3 .   ? 9.328   4.025   17.745  1.00 40.32 ? 380 HOH B O   1 
HETATM 1348 O  O   . HOH C 3 .   ? 13.645  8.888   -7.848  1.00 25.45 ? 381 HOH B O   1 
HETATM 1349 O  O   . HOH C 3 .   ? -0.746  -0.747  -13.802 1.00 27.09 ? 382 HOH B O   1 
HETATM 1350 O  O   . HOH C 3 .   ? 7.787   -0.425  -7.855  1.00 24.54 ? 383 HOH B O   1 
HETATM 1351 O  O   . HOH C 3 .   ? -9.868  5.607   -12.797 1.00 18.12 ? 384 HOH B O   1 
HETATM 1352 O  O   . HOH C 3 .   ? -2.200  -0.490  -7.119  1.00 20.41 ? 385 HOH B O   1 
HETATM 1353 O  O   . HOH C 3 .   ? 5.954   -7.480  6.601   1.00 32.74 ? 386 HOH B O   1 
HETATM 1354 O  O   . HOH C 3 .   ? -9.449  -1.115  10.991  1.00 33.21 ? 387 HOH B O   1 
HETATM 1355 O  O   . HOH C 3 .   ? 2.202   19.012  9.091   1.00 26.86 ? 388 HOH B O   1 
HETATM 1356 O  O   . HOH C 3 .   ? 0.288   -6.515  -16.964 1.00 42.78 ? 389 HOH B O   1 
HETATM 1357 O  O   . HOH C 3 .   ? 7.980   3.076   -10.409 1.00 36.29 ? 390 HOH B O   1 
HETATM 1358 O  O   . HOH C 3 .   ? -12.047 17.812  6.572   1.00 38.26 ? 391 HOH B O   1 
HETATM 1359 O  O   . HOH C 3 .   ? -16.959 -15.152 -8.767  1.00 28.86 ? 392 HOH B O   1 
HETATM 1360 O  O   . HOH C 3 .   ? -9.475  -16.419 3.862   1.00 38.57 ? 393 HOH B O   1 
HETATM 1361 O  O   . HOH C 3 .   ? -0.788  -11.600 7.414   1.00 34.20 ? 394 HOH B O   1 
HETATM 1362 O  O   . HOH C 3 .   ? -16.211 -10.519 2.246   1.00 40.41 ? 395 HOH B O   1 
HETATM 1363 O  O   . HOH C 3 .   ? -8.993  10.137  -1.584  1.00 27.86 ? 396 HOH B O   1 
HETATM 1364 O  O   . HOH C 3 .   ? 1.521   -18.771 -0.553  1.00 27.36 ? 397 HOH B O   1 
HETATM 1365 O  O   . HOH C 3 .   ? -12.580 5.450   5.286   1.00 35.48 ? 398 HOH B O   1 
HETATM 1366 O  O   . HOH C 3 .   ? 11.603  12.227  5.098   1.00 15.69 ? 399 HOH B O   1 
HETATM 1367 O  O   . HOH C 3 .   ? 6.904   -7.483  -3.906  1.00 19.75 ? 400 HOH B O   1 
HETATM 1368 O  O   . HOH C 3 .   ? -1.042  -5.002  12.730  1.00 48.10 ? 401 HOH B O   1 
HETATM 1369 O  O   . HOH C 3 .   ? -9.978  7.030   6.471   1.00 37.27 ? 402 HOH B O   1 
HETATM 1370 O  O   . HOH C 3 .   ? 4.851   3.503   -12.491 1.00 40.61 ? 403 HOH B O   1 
HETATM 1371 O  O   . HOH C 3 .   ? 8.451   -15.009 -12.664 1.00 45.89 ? 404 HOH B O   1 
HETATM 1372 O  O   . HOH C 3 .   ? -4.364  -18.071 -10.955 1.00 34.13 ? 405 HOH B O   1 
HETATM 1373 O  O   . HOH C 3 .   ? -7.272  -13.665 6.555   1.00 31.88 ? 406 HOH B O   1 
HETATM 1374 O  O   . HOH C 3 .   ? -13.463 -7.997  7.931   1.00 35.65 ? 407 HOH B O   1 
HETATM 1375 O  O   . HOH C 3 .   ? -2.625  -19.877 -9.551  1.00 29.70 ? 408 HOH B O   1 
HETATM 1376 O  O   . HOH C 3 .   ? 13.937  10.046  11.753  1.00 26.25 ? 409 HOH B O   1 
HETATM 1377 O  O   . HOH C 3 .   ? -9.337  -17.353 -10.950 1.00 17.99 ? 410 HOH B O   1 
HETATM 1378 O  O   . HOH C 3 .   ? -5.280  1.528   19.460  1.00 33.58 ? 411 HOH B O   1 
HETATM 1379 O  O   . HOH C 3 .   ? 14.643  1.847   -0.310  1.00 29.53 ? 412 HOH B O   1 
HETATM 1380 O  O   . HOH C 3 .   ? 3.131   -7.250  -16.217 1.00 28.35 ? 413 HOH B O   1 
HETATM 1381 O  O   . HOH C 3 .   ? 0.389   -14.397 3.811   1.00 41.10 ? 414 HOH B O   1 
HETATM 1382 O  O   . HOH C 3 .   ? -4.517  -18.301 1.054   1.00 34.73 ? 415 HOH B O   1 
HETATM 1383 O  O   . HOH C 3 .   ? -0.510  -5.083  4.855   1.00 18.57 ? 416 HOH B O   1 
HETATM 1384 O  O   . HOH C 3 .   ? 0.184   13.147  15.731  1.00 24.60 ? 417 HOH B O   1 
HETATM 1385 O  O   . HOH C 3 .   ? 6.097   -9.574  3.101   1.00 24.04 ? 418 HOH B O   1 
HETATM 1386 O  O   . HOH C 3 .   ? -5.345  11.246  10.865  1.00 42.11 ? 419 HOH B O   1 
HETATM 1387 O  O   . HOH C 3 .   ? -3.053  9.565   -9.505  1.00 36.77 ? 420 HOH B O   1 
HETATM 1388 O  O   . HOH C 3 .   ? -12.792 -21.251 -4.165  1.00 30.13 ? 421 HOH B O   1 
HETATM 1389 O  O   . HOH C 3 .   ? -7.351  9.661   5.588   1.00 19.06 ? 422 HOH B O   1 
HETATM 1390 O  O   . HOH C 3 .   ? -3.155  0.383   -13.186 1.00 20.21 ? 423 HOH B O   1 
HETATM 1391 O  O   . HOH C 3 .   ? 8.289   -6.372  5.869   1.00 44.59 ? 424 HOH B O   1 
HETATM 1392 O  O   . HOH C 3 .   ? 1.416   -16.310 -10.980 1.00 50.97 ? 425 HOH B O   1 
HETATM 1393 O  O   . HOH C 3 .   ? 12.797  15.726  -4.689  1.00 19.85 ? 426 HOH B O   1 
HETATM 1394 O  O   . HOH C 3 .   ? 18.442  14.467  8.238   1.00 38.05 ? 427 HOH B O   1 
HETATM 1395 O  O   . HOH C 3 .   ? -8.000  7.260   10.832  1.00 30.52 ? 428 HOH B O   1 
HETATM 1396 O  O   . HOH C 3 .   ? 15.826  8.150   -6.115  1.00 47.59 ? 429 HOH B O   1 
HETATM 1397 O  O   . HOH C 3 .   ? 11.615  6.476   11.927  1.00 44.25 ? 430 HOH B O   1 
HETATM 1398 O  O   . HOH C 3 .   ? -12.597 -16.175 2.494   1.00 25.79 ? 431 HOH B O   1 
HETATM 1399 O  O   . HOH C 3 .   ? 0.416   -14.188 -22.414 1.00 34.09 ? 432 HOH B O   1 
HETATM 1400 O  O   . HOH C 3 .   ? -20.265 -6.319  -12.486 1.00 29.22 ? 433 HOH B O   1 
HETATM 1401 O  O   . HOH C 3 .   ? -10.670 0.196   8.826   1.00 28.09 ? 434 HOH B O   1 
HETATM 1402 O  O   . HOH C 3 .   ? -13.867 1.567   -1.934  1.00 23.87 ? 435 HOH B O   1 
HETATM 1403 O  O   . HOH C 3 .   ? 11.423  13.171  13.113  1.00 38.54 ? 436 HOH B O   1 
HETATM 1404 O  O   . HOH C 3 .   ? 13.778  0.002   12.055  1.00 51.66 ? 437 HOH B O   1 
HETATM 1405 O  O   . HOH C 3 .   ? 7.672   15.825  12.298  1.00 26.12 ? 438 HOH B O   1 
HETATM 1406 O  O   . HOH C 3 .   ? -11.932 -11.180 6.627   1.00 34.72 ? 439 HOH B O   1 
HETATM 1407 O  O   . HOH C 3 .   ? -2.560  7.087   -10.059 1.00 37.19 ? 440 HOH B O   1 
HETATM 1408 O  O   . HOH C 3 .   ? -8.605  -1.628  -6.862  1.00 25.13 ? 441 HOH B O   1 
HETATM 1409 O  O   . HOH C 3 .   ? 5.986   13.166  -4.787  1.00 19.77 ? 442 HOH B O   1 
HETATM 1410 O  O   . HOH C 3 .   ? -1.183  -3.107  -15.359 1.00 39.94 ? 443 HOH B O   1 
HETATM 1411 O  O   . HOH C 3 .   ? 0.146   4.385   -13.544 1.00 41.99 ? 444 HOH B O   1 
HETATM 1412 O  O   . HOH C 3 .   ? 14.999  16.599  8.907   1.00 33.85 ? 445 HOH B O   1 
HETATM 1413 O  O   . HOH C 3 .   ? 7.026   6.646   18.567  1.00 49.45 ? 446 HOH B O   1 
HETATM 1414 O  O   . HOH C 3 .   ? 12.172  5.979   -9.152  1.00 48.31 ? 447 HOH B O   1 
HETATM 1415 O  O   . HOH C 3 .   ? -16.847 0.623   2.314   1.00 48.69 ? 448 HOH B O   1 
HETATM 1416 O  O   . HOH C 3 .   ? 4.656   15.522  -5.024  1.00 24.82 ? 449 HOH B O   1 
HETATM 1417 O  O   . HOH C 3 .   ? 15.919  14.781  7.500   1.00 28.60 ? 450 HOH B O   1 
HETATM 1418 O  O   . HOH C 3 .   ? 8.787   -10.301 -11.043 1.00 47.07 ? 451 HOH B O   1 
HETATM 1419 O  O   . HOH C 3 .   ? 4.045   -9.840  -17.208 1.00 43.90 ? 452 HOH B O   1 
HETATM 1420 O  O   . HOH C 3 .   ? -13.667 -7.812  -22.354 1.00 37.81 ? 453 HOH B O   1 
HETATM 1421 O  O   . HOH C 3 .   ? 8.619   -9.649  0.458   1.00 42.10 ? 454 HOH B O   1 
HETATM 1422 O  O   . HOH C 3 .   ? -9.597  -17.871 -15.097 1.00 22.92 ? 455 HOH B O   1 
HETATM 1423 O  O   . HOH C 3 .   ? -14.305 -12.360 -3.519  1.00 29.91 ? 456 HOH B O   1 
HETATM 1424 O  O   . HOH C 3 .   ? -2.452  2.910   -13.969 1.00 38.69 ? 457 HOH B O   1 
HETATM 1425 O  O   . HOH C 3 .   ? 11.790  -6.478  1.508   1.00 41.57 ? 458 HOH B O   1 
HETATM 1426 O  O   . HOH C 3 .   ? 7.930   -9.366  -2.164  1.00 29.84 ? 459 HOH B O   1 
HETATM 1427 O  O   . HOH C 3 .   ? -2.184  -15.935 -18.422 1.00 50.33 ? 460 HOH B O   1 
HETATM 1428 O  O   . HOH C 3 .   ? -2.820  18.287  -3.071  1.00 30.64 ? 461 HOH B O   1 
HETATM 1429 O  O   . HOH C 3 .   ? 13.722  -0.369  3.028   1.00 44.53 ? 462 HOH B O   1 
HETATM 1430 O  O   . HOH C 3 .   ? 11.658  16.762  12.253  1.00 41.13 ? 463 HOH B O   1 
HETATM 1431 O  O   . HOH C 3 .   ? -8.891  -18.178 1.992   1.00 33.47 ? 464 HOH B O   1 
HETATM 1432 O  O   . HOH C 3 .   ? 15.182  4.453   -2.933  1.00 46.44 ? 465 HOH B O   1 
HETATM 1433 O  O   . HOH C 3 .   ? 4.839   14.397  16.400  1.00 35.82 ? 466 HOH B O   1 
HETATM 1434 O  O   . HOH C 3 .   ? 5.566   11.932  -7.352  1.00 33.85 ? 467 HOH B O   1 
HETATM 1435 O  O   . HOH C 3 .   ? -12.594 2.026   9.913   1.00 43.32 ? 468 HOH B O   1 
HETATM 1436 O  O   . HOH C 3 .   ? -6.133  -19.887 -12.110 1.00 26.45 ? 469 HOH B O   1 
HETATM 1437 O  O   . HOH C 3 .   ? 8.143   -4.279  16.875  1.00 61.16 ? 470 HOH B O   1 
HETATM 1438 O  O   . HOH C 3 .   ? -10.962 -3.446  11.495  1.00 44.31 ? 471 HOH B O   1 
HETATM 1439 O  O   . HOH C 3 .   ? -3.579  -4.427  -16.808 1.00 39.29 ? 472 HOH B O   1 
HETATM 1440 O  O   . HOH C 3 .   ? 12.387  9.978   15.849  1.00 40.95 ? 473 HOH B O   1 
HETATM 1441 O  O   . HOH C 3 .   ? -5.982  -2.501  -15.894 1.00 35.99 ? 474 HOH B O   1 
HETATM 1442 O  O   . HOH C 3 .   ? -15.591 -5.224  4.804   1.00 45.06 ? 475 HOH B O   1 
HETATM 1443 O  O   . HOH C 3 .   ? -5.677  -1.624  21.218  1.00 45.84 ? 476 HOH B O   1 
HETATM 1444 O  O   . HOH C 3 .   ? 16.285  9.760   13.251  1.00 45.67 ? 477 HOH B O   1 
HETATM 1445 O  O   . HOH C 3 .   ? 7.122   20.117  -5.686  1.00 41.58 ? 478 HOH B O   1 
HETATM 1446 O  O   . HOH C 3 .   ? -15.306 -2.297  7.462   1.00 45.69 ? 479 HOH B O   1 
HETATM 1447 O  O   . HOH C 3 .   ? -5.755  -0.132  -14.279 1.00 33.78 ? 480 HOH B O   1 
# 
